data_2F1E
#
_entry.id   2F1E
#
_entity_poly.entity_id   1
_entity_poly.type   'polypeptide(L)'
_entity_poly.pdbx_seq_one_letter_code
;MQDDPRYRVEVEVSPRFLAHQSTPDEGRYAFAYSIRIQNAGAVPARLVARHWQITDGNGRTEQVDGEGVVGEQPWLRPGE
AFHYTSGVLLETEQGQMQGHYDMVADDGTEFIAPIAAFVLSVPRTLH
;
_entity_poly.pdbx_strand_id   A
#
# COMPACT_ATOMS: atom_id res chain seq x y z
N ARG A 6 -11.33 19.62 0.71
CA ARG A 6 -10.22 19.96 -0.25
C ARG A 6 -9.15 18.87 -0.24
N TYR A 7 -9.14 18.03 0.76
CA TYR A 7 -8.10 16.95 0.82
C TYR A 7 -8.77 15.57 0.81
N ARG A 8 -8.58 14.83 -0.26
CA ARG A 8 -9.20 13.48 -0.36
C ARG A 8 -8.37 12.59 -1.30
N VAL A 9 -8.11 11.38 -0.88
CA VAL A 9 -7.31 10.42 -1.71
C VAL A 9 -7.73 8.99 -1.39
N GLU A 10 -8.28 8.31 -2.36
CA GLU A 10 -8.70 6.89 -2.18
C GLU A 10 -7.73 5.95 -2.91
N VAL A 11 -7.23 4.96 -2.21
CA VAL A 11 -6.27 4.01 -2.83
C VAL A 11 -6.87 2.59 -2.82
N GLU A 12 -6.70 1.86 -3.88
CA GLU A 12 -7.27 0.47 -3.94
C GLU A 12 -6.14 -0.53 -4.20
N VAL A 13 -6.15 -1.63 -3.49
CA VAL A 13 -5.09 -2.67 -3.69
C VAL A 13 -5.71 -4.04 -3.92
N SER A 14 -5.20 -4.77 -4.88
CA SER A 14 -5.76 -6.13 -5.17
C SER A 14 -4.64 -7.19 -5.14
N PRO A 15 -4.62 -7.97 -4.09
CA PRO A 15 -3.57 -9.04 -3.99
C PRO A 15 -3.99 -10.30 -4.76
N ARG A 16 -3.05 -11.17 -5.00
CA ARG A 16 -3.34 -12.43 -5.75
C ARG A 16 -2.28 -13.50 -5.42
N PHE A 17 -2.72 -14.68 -5.11
CA PHE A 17 -1.76 -15.78 -4.74
C PHE A 17 -0.83 -16.12 -5.91
N LEU A 18 0.43 -16.35 -5.63
CA LEU A 18 1.41 -16.71 -6.70
C LEU A 18 1.95 -18.13 -6.49
N ALA A 19 1.16 -19.10 -6.88
CA ALA A 19 1.57 -20.53 -6.75
C ALA A 19 2.74 -20.86 -7.68
N HIS A 20 2.79 -20.26 -8.84
CA HIS A 20 3.91 -20.57 -9.80
C HIS A 20 5.23 -20.01 -9.28
N GLN A 21 5.19 -18.99 -8.47
CA GLN A 21 6.47 -18.41 -7.93
C GLN A 21 6.52 -18.51 -6.40
N SER A 22 5.93 -19.53 -5.84
CA SER A 22 5.96 -19.67 -4.35
C SER A 22 5.86 -21.15 -3.94
N THR A 23 6.51 -21.51 -2.86
CA THR A 23 6.43 -22.93 -2.38
C THR A 23 5.90 -22.93 -0.93
N PRO A 24 4.59 -23.08 -0.81
CA PRO A 24 4.00 -23.06 0.55
C PRO A 24 4.44 -24.26 1.40
N ASP A 25 4.87 -25.33 0.76
CA ASP A 25 5.29 -26.54 1.53
C ASP A 25 6.54 -26.24 2.38
N GLU A 26 7.32 -25.26 2.00
CA GLU A 26 8.55 -24.93 2.79
C GLU A 26 8.34 -23.64 3.60
N GLY A 27 7.12 -23.29 3.88
CA GLY A 27 6.84 -22.05 4.66
C GLY A 27 7.19 -20.82 3.82
N ARG A 28 7.06 -20.93 2.51
CA ARG A 28 7.38 -19.77 1.63
C ARG A 28 6.15 -19.41 0.79
N TYR A 29 5.37 -18.47 1.27
CA TYR A 29 4.16 -18.03 0.51
C TYR A 29 4.44 -16.67 -0.14
N ALA A 30 4.15 -16.53 -1.41
CA ALA A 30 4.43 -15.23 -2.10
C ALA A 30 3.14 -14.58 -2.63
N PHE A 31 2.85 -13.39 -2.17
CA PHE A 31 1.62 -12.68 -2.66
C PHE A 31 2.03 -11.40 -3.39
N ALA A 32 1.45 -11.13 -4.54
CA ALA A 32 1.79 -9.89 -5.28
C ALA A 32 0.57 -8.96 -5.26
N TYR A 33 0.75 -7.70 -4.94
CA TYR A 33 -0.43 -6.78 -4.90
C TYR A 33 -0.20 -5.53 -5.75
N SER A 34 -1.24 -5.04 -6.38
CA SER A 34 -1.11 -3.82 -7.23
C SER A 34 -1.70 -2.62 -6.49
N ILE A 35 -1.06 -1.49 -6.58
CA ILE A 35 -1.55 -0.26 -5.87
C ILE A 35 -2.18 0.74 -6.85
N ARG A 36 -3.35 1.22 -6.50
CA ARG A 36 -4.06 2.21 -7.36
C ARG A 36 -4.34 3.48 -6.56
N ILE A 37 -3.49 4.47 -6.72
CA ILE A 37 -3.67 5.77 -5.98
C ILE A 37 -4.51 6.76 -6.81
N GLN A 38 -5.65 7.14 -6.32
CA GLN A 38 -6.51 8.12 -7.04
C GLN A 38 -6.68 9.38 -6.20
N ASN A 39 -6.54 10.53 -6.81
CA ASN A 39 -6.67 11.81 -6.06
C ASN A 39 -8.10 12.34 -6.14
N ALA A 40 -8.78 12.44 -5.02
CA ALA A 40 -10.18 12.97 -5.03
C ALA A 40 -10.26 14.30 -4.25
N GLY A 41 -9.13 14.89 -3.92
CA GLY A 41 -9.15 16.18 -3.18
C GLY A 41 -9.30 17.34 -4.16
N ALA A 42 -9.41 18.54 -3.67
CA ALA A 42 -9.57 19.71 -4.58
C ALA A 42 -8.21 20.23 -5.02
N VAL A 43 -7.27 20.24 -4.11
CA VAL A 43 -5.89 20.73 -4.43
C VAL A 43 -4.97 19.53 -4.71
N PRO A 44 -4.11 19.69 -5.70
CA PRO A 44 -3.18 18.56 -6.03
C PRO A 44 -2.39 18.09 -4.81
N ALA A 45 -2.13 16.81 -4.73
CA ALA A 45 -1.38 16.24 -3.59
C ALA A 45 -0.39 15.18 -4.05
N ARG A 46 0.67 15.00 -3.31
CA ARG A 46 1.69 13.98 -3.68
C ARG A 46 1.99 13.07 -2.47
N LEU A 47 2.50 11.90 -2.72
CA LEU A 47 2.81 10.97 -1.59
C LEU A 47 4.30 11.06 -1.25
N VAL A 48 4.63 11.50 -0.07
CA VAL A 48 6.08 11.64 0.30
C VAL A 48 6.55 10.45 1.15
N ALA A 49 5.68 9.83 1.90
CA ALA A 49 6.13 8.68 2.75
C ALA A 49 5.10 7.55 2.77
N ARG A 50 5.53 6.39 3.20
CA ARG A 50 4.62 5.20 3.28
C ARG A 50 4.93 4.36 4.51
N HIS A 51 3.90 3.84 5.14
CA HIS A 51 4.10 3.00 6.36
C HIS A 51 3.05 1.88 6.37
N TRP A 52 3.49 0.66 6.20
CA TRP A 52 2.54 -0.50 6.20
C TRP A 52 2.52 -1.20 7.56
N GLN A 53 1.35 -1.55 8.03
CA GLN A 53 1.23 -2.25 9.34
C GLN A 53 0.66 -3.65 9.09
N ILE A 54 1.49 -4.58 8.68
CA ILE A 54 0.99 -5.96 8.39
C ILE A 54 0.88 -6.81 9.67
N THR A 55 -0.27 -7.40 9.88
CA THR A 55 -0.47 -8.28 11.07
C THR A 55 -0.84 -9.67 10.57
N ASP A 56 -0.15 -10.68 11.06
CA ASP A 56 -0.43 -12.07 10.62
C ASP A 56 -1.47 -12.74 11.52
N GLY A 57 -1.93 -13.91 11.13
CA GLY A 57 -2.94 -14.66 11.92
C GLY A 57 -2.43 -15.04 13.32
N ASN A 58 -1.18 -14.80 13.64
CA ASN A 58 -0.68 -15.15 15.01
C ASN A 58 -0.57 -13.89 15.89
N GLY A 59 -1.02 -12.76 15.41
CA GLY A 59 -0.98 -11.51 16.23
C GLY A 59 0.31 -10.72 15.98
N ARG A 60 1.40 -11.38 15.68
CA ARG A 60 2.68 -10.65 15.42
C ARG A 60 2.51 -9.68 14.25
N THR A 61 3.11 -8.52 14.31
CA THR A 61 2.96 -7.54 13.19
C THR A 61 4.33 -6.97 12.78
N GLU A 62 4.47 -6.59 11.54
CA GLU A 62 5.77 -6.02 11.07
C GLU A 62 5.54 -4.64 10.46
N GLN A 63 6.25 -3.65 10.96
CA GLN A 63 6.07 -2.25 10.44
C GLN A 63 7.21 -1.90 9.47
N VAL A 64 6.88 -1.30 8.36
CA VAL A 64 7.94 -0.92 7.36
C VAL A 64 7.77 0.55 6.97
N ASP A 65 8.85 1.29 6.96
CA ASP A 65 8.79 2.74 6.60
C ASP A 65 9.77 3.04 5.45
N GLY A 66 9.28 3.66 4.40
CA GLY A 66 10.17 4.01 3.26
C GLY A 66 9.77 5.38 2.72
N GLU A 67 10.35 5.81 1.63
CA GLU A 67 9.99 7.14 1.06
C GLU A 67 8.54 7.10 0.55
N GLY A 68 8.18 7.99 -0.35
CA GLY A 68 6.78 8.03 -0.88
C GLY A 68 6.37 6.64 -1.38
N VAL A 69 6.64 6.33 -2.62
CA VAL A 69 6.27 4.98 -3.17
C VAL A 69 7.37 4.45 -4.07
N VAL A 70 7.81 3.24 -3.81
CA VAL A 70 8.91 2.59 -4.62
C VAL A 70 10.04 3.58 -4.97
N GLY A 71 10.34 4.49 -4.08
CA GLY A 71 11.47 5.46 -4.32
C GLY A 71 11.04 6.67 -5.18
N GLU A 72 9.77 6.98 -5.25
CA GLU A 72 9.35 8.17 -6.06
C GLU A 72 8.25 8.97 -5.35
N GLN A 73 8.20 10.25 -5.61
CA GLN A 73 7.17 11.12 -4.97
C GLN A 73 6.20 11.63 -6.05
N PRO A 74 5.33 10.75 -6.50
CA PRO A 74 4.37 11.15 -7.57
C PRO A 74 3.51 12.34 -7.13
N TRP A 75 3.24 13.24 -8.05
CA TRP A 75 2.40 14.43 -7.73
C TRP A 75 0.99 14.22 -8.30
N LEU A 76 0.20 13.42 -7.64
CA LEU A 76 -1.18 13.12 -8.14
C LEU A 76 -2.03 14.41 -8.21
N ARG A 77 -2.45 14.77 -9.39
CA ARG A 77 -3.31 15.98 -9.54
C ARG A 77 -4.77 15.60 -9.33
N PRO A 78 -5.60 16.57 -9.00
CA PRO A 78 -7.04 16.24 -8.78
C PRO A 78 -7.62 15.49 -9.98
N GLY A 79 -8.23 14.36 -9.73
CA GLY A 79 -8.84 13.55 -10.83
C GLY A 79 -7.81 12.58 -11.43
N GLU A 80 -6.54 12.81 -11.22
CA GLU A 80 -5.50 11.88 -11.77
C GLU A 80 -5.22 10.75 -10.79
N ALA A 81 -4.56 9.70 -11.24
CA ALA A 81 -4.26 8.56 -10.33
C ALA A 81 -2.90 7.93 -10.69
N PHE A 82 -2.24 7.35 -9.73
CA PHE A 82 -0.92 6.69 -10.00
C PHE A 82 -1.03 5.20 -9.68
N HIS A 83 -0.35 4.35 -10.42
CA HIS A 83 -0.45 2.89 -10.12
C HIS A 83 0.90 2.19 -10.35
N TYR A 84 1.24 1.26 -9.49
CA TYR A 84 2.52 0.51 -9.64
C TYR A 84 2.37 -0.89 -9.04
N THR A 85 3.23 -1.81 -9.43
CA THR A 85 3.13 -3.21 -8.89
C THR A 85 4.19 -3.45 -7.81
N SER A 86 3.80 -4.09 -6.73
CA SER A 86 4.78 -4.37 -5.63
C SER A 86 4.80 -5.88 -5.32
N GLY A 87 5.75 -6.34 -4.54
CA GLY A 87 5.81 -7.79 -4.21
C GLY A 87 6.22 -7.98 -2.75
N VAL A 88 5.41 -8.70 -1.99
CA VAL A 88 5.74 -8.96 -0.56
C VAL A 88 5.61 -10.46 -0.28
N LEU A 89 6.37 -10.97 0.67
CA LEU A 89 6.30 -12.42 0.99
C LEU A 89 5.68 -12.65 2.38
N LEU A 90 4.90 -13.68 2.53
CA LEU A 90 4.26 -13.96 3.85
C LEU A 90 4.68 -15.34 4.36
N GLU A 91 4.82 -15.50 5.65
CA GLU A 91 5.24 -16.83 6.20
C GLU A 91 4.09 -17.83 6.13
N THR A 92 2.87 -17.38 6.10
CA THR A 92 1.71 -18.33 6.04
C THR A 92 0.83 -18.03 4.82
N GLU A 93 -0.12 -18.90 4.56
CA GLU A 93 -1.03 -18.69 3.37
C GLU A 93 -2.21 -17.80 3.74
N GLN A 94 -2.25 -17.22 4.91
CA GLN A 94 -3.40 -16.34 5.28
C GLN A 94 -2.90 -15.12 6.05
N GLY A 95 -3.55 -13.99 5.94
CA GLY A 95 -3.06 -12.79 6.71
C GLY A 95 -3.88 -11.54 6.38
N GLN A 96 -3.79 -10.57 7.25
CA GLN A 96 -4.50 -9.28 7.06
C GLN A 96 -3.48 -8.12 7.07
N MET A 97 -3.56 -7.24 6.10
CA MET A 97 -2.58 -6.11 6.04
C MET A 97 -3.29 -4.76 5.94
N GLN A 98 -3.01 -3.86 6.86
CA GLN A 98 -3.64 -2.50 6.82
C GLN A 98 -2.51 -1.47 6.80
N GLY A 99 -2.68 -0.34 6.16
CA GLY A 99 -1.56 0.66 6.15
C GLY A 99 -2.06 2.04 5.73
N HIS A 100 -1.18 3.01 5.76
CA HIS A 100 -1.58 4.39 5.35
C HIS A 100 -0.46 5.06 4.54
N TYR A 101 -0.80 6.06 3.77
CA TYR A 101 0.22 6.77 2.94
C TYR A 101 0.31 8.23 3.36
N ASP A 102 1.49 8.74 3.64
CA ASP A 102 1.61 10.18 4.02
C ASP A 102 1.62 11.03 2.75
N MET A 103 0.71 11.96 2.66
CA MET A 103 0.61 12.85 1.47
C MET A 103 0.74 14.31 1.88
N VAL A 104 1.02 15.18 0.93
CA VAL A 104 1.15 16.64 1.25
C VAL A 104 0.55 17.48 0.13
N ALA A 105 -0.31 18.40 0.46
CA ALA A 105 -0.92 19.28 -0.59
C ALA A 105 0.11 20.30 -1.07
N ASP A 106 -0.17 20.98 -2.15
CA ASP A 106 0.79 22.00 -2.66
C ASP A 106 0.96 23.13 -1.65
N ASP A 107 -0.08 23.43 -0.91
CA ASP A 107 0.00 24.53 0.09
C ASP A 107 0.87 24.12 1.29
N GLY A 108 1.20 22.86 1.42
CA GLY A 108 2.04 22.41 2.56
C GLY A 108 1.19 21.69 3.60
N THR A 109 -0.12 21.68 3.44
CA THR A 109 -1.00 20.98 4.43
C THR A 109 -0.60 19.50 4.54
N GLU A 110 -0.49 18.98 5.75
CA GLU A 110 -0.08 17.55 5.91
C GLU A 110 -1.30 16.67 6.18
N PHE A 111 -1.34 15.50 5.60
CA PHE A 111 -2.48 14.57 5.82
C PHE A 111 -2.13 13.17 5.29
N ILE A 112 -2.63 12.15 5.93
CA ILE A 112 -2.33 10.75 5.49
C ILE A 112 -3.51 10.14 4.74
N ALA A 113 -3.27 9.13 3.94
CA ALA A 113 -4.36 8.46 3.19
C ALA A 113 -4.43 6.99 3.63
N PRO A 114 -5.32 6.71 4.55
CA PRO A 114 -5.44 5.31 5.05
C PRO A 114 -5.77 4.33 3.93
N ILE A 115 -5.21 3.15 4.03
CA ILE A 115 -5.46 2.07 3.03
C ILE A 115 -6.34 1.00 3.68
N ALA A 116 -7.48 0.74 3.08
CA ALA A 116 -8.43 -0.28 3.64
C ALA A 116 -7.72 -1.61 3.94
N ALA A 117 -8.27 -2.38 4.84
CA ALA A 117 -7.64 -3.67 5.21
C ALA A 117 -8.19 -4.80 4.35
N PHE A 118 -7.33 -5.47 3.62
CA PHE A 118 -7.78 -6.61 2.77
C PHE A 118 -7.21 -7.91 3.35
N VAL A 119 -7.75 -9.04 2.98
CA VAL A 119 -7.23 -10.32 3.55
C VAL A 119 -6.62 -11.19 2.45
N LEU A 120 -5.71 -12.05 2.82
CA LEU A 120 -5.07 -12.96 1.82
C LEU A 120 -5.46 -14.40 2.12
N SER A 121 -5.88 -15.14 1.12
CA SER A 121 -6.28 -16.55 1.33
C SER A 121 -6.10 -17.36 0.04
N ARG A 6 -11.27 19.16 0.97
CA ARG A 6 -10.32 19.65 -0.06
C ARG A 6 -9.13 18.69 -0.20
N TYR A 7 -8.88 17.87 0.79
CA TYR A 7 -7.73 16.92 0.69
C TYR A 7 -8.23 15.48 0.89
N ARG A 8 -8.37 14.76 -0.19
CA ARG A 8 -8.85 13.35 -0.11
C ARG A 8 -8.15 12.50 -1.17
N VAL A 9 -7.78 11.30 -0.80
CA VAL A 9 -7.08 10.38 -1.74
C VAL A 9 -7.41 8.92 -1.36
N GLU A 10 -8.09 8.23 -2.23
CA GLU A 10 -8.45 6.81 -1.98
C GLU A 10 -7.58 5.89 -2.84
N VAL A 11 -6.97 4.90 -2.23
CA VAL A 11 -6.10 3.96 -2.99
C VAL A 11 -6.67 2.54 -2.88
N GLU A 12 -6.63 1.80 -3.97
CA GLU A 12 -7.16 0.40 -3.94
C GLU A 12 -6.06 -0.58 -4.31
N VAL A 13 -5.97 -1.68 -3.60
CA VAL A 13 -4.91 -2.69 -3.89
C VAL A 13 -5.53 -4.08 -4.04
N SER A 14 -5.09 -4.83 -5.01
CA SER A 14 -5.64 -6.20 -5.23
C SER A 14 -4.51 -7.25 -5.23
N PRO A 15 -4.42 -8.00 -4.14
CA PRO A 15 -3.36 -9.04 -4.07
C PRO A 15 -3.83 -10.34 -4.75
N ARG A 16 -2.91 -11.23 -5.01
CA ARG A 16 -3.26 -12.53 -5.67
C ARG A 16 -2.18 -13.58 -5.36
N PHE A 17 -2.61 -14.75 -4.97
CA PHE A 17 -1.65 -15.84 -4.63
C PHE A 17 -0.76 -16.21 -5.83
N LEU A 18 0.50 -16.45 -5.59
CA LEU A 18 1.43 -16.83 -6.70
C LEU A 18 1.96 -18.26 -6.50
N ALA A 19 1.16 -19.21 -6.87
CA ALA A 19 1.56 -20.65 -6.76
C ALA A 19 2.72 -20.98 -7.70
N HIS A 20 2.74 -20.38 -8.86
CA HIS A 20 3.84 -20.68 -9.83
C HIS A 20 5.18 -20.11 -9.34
N GLN A 21 5.15 -19.11 -8.49
CA GLN A 21 6.42 -18.51 -7.99
C GLN A 21 6.51 -18.60 -6.46
N SER A 22 5.97 -19.65 -5.88
CA SER A 22 6.04 -19.77 -4.39
C SER A 22 5.92 -21.24 -3.95
N THR A 23 6.56 -21.60 -2.87
CA THR A 23 6.49 -23.00 -2.36
C THR A 23 5.87 -23.00 -0.96
N PRO A 24 4.57 -23.15 -0.92
CA PRO A 24 3.87 -23.13 0.40
C PRO A 24 4.29 -24.33 1.28
N ASP A 25 4.74 -25.40 0.67
CA ASP A 25 5.14 -26.60 1.48
C ASP A 25 6.36 -26.27 2.36
N GLU A 26 7.14 -25.28 2.00
CA GLU A 26 8.34 -24.94 2.83
C GLU A 26 8.09 -23.65 3.63
N GLY A 27 6.85 -23.32 3.89
CA GLY A 27 6.54 -22.08 4.66
C GLY A 27 6.92 -20.84 3.84
N ARG A 28 6.90 -20.95 2.54
CA ARG A 28 7.27 -19.79 1.68
C ARG A 28 6.11 -19.43 0.75
N TYR A 29 5.28 -18.50 1.15
CA TYR A 29 4.13 -18.09 0.30
C TYR A 29 4.44 -16.74 -0.35
N ALA A 30 4.16 -16.60 -1.63
CA ALA A 30 4.46 -15.32 -2.32
C ALA A 30 3.18 -14.61 -2.78
N PHE A 31 2.95 -13.42 -2.31
CA PHE A 31 1.72 -12.67 -2.72
C PHE A 31 2.12 -11.40 -3.50
N ALA A 32 1.52 -11.16 -4.63
CA ALA A 32 1.85 -9.93 -5.42
C ALA A 32 0.62 -9.03 -5.44
N TYR A 33 0.77 -7.76 -5.16
CA TYR A 33 -0.43 -6.86 -5.16
C TYR A 33 -0.19 -5.62 -6.02
N SER A 34 -1.23 -5.14 -6.67
CA SER A 34 -1.10 -3.92 -7.52
C SER A 34 -1.65 -2.72 -6.76
N ILE A 35 -1.01 -1.58 -6.88
CA ILE A 35 -1.48 -0.36 -6.16
C ILE A 35 -2.16 0.63 -7.10
N ARG A 36 -3.30 1.12 -6.69
CA ARG A 36 -4.07 2.10 -7.54
C ARG A 36 -4.33 3.38 -6.72
N ILE A 37 -3.52 4.38 -6.94
CA ILE A 37 -3.68 5.67 -6.20
C ILE A 37 -4.59 6.63 -6.97
N GLN A 38 -5.71 6.99 -6.40
CA GLN A 38 -6.64 7.96 -7.08
C GLN A 38 -6.79 9.22 -6.22
N ASN A 39 -6.70 10.36 -6.84
CA ASN A 39 -6.81 11.65 -6.08
C ASN A 39 -8.25 12.17 -6.10
N ALA A 40 -8.88 12.25 -4.96
CA ALA A 40 -10.28 12.78 -4.90
C ALA A 40 -10.33 14.12 -4.15
N GLY A 41 -9.19 14.73 -3.90
CA GLY A 41 -9.17 16.03 -3.16
C GLY A 41 -9.42 17.17 -4.15
N ALA A 42 -9.38 18.39 -3.67
CA ALA A 42 -9.62 19.56 -4.59
C ALA A 42 -8.27 20.15 -5.02
N VAL A 43 -7.32 20.12 -4.14
CA VAL A 43 -5.97 20.67 -4.46
C VAL A 43 -4.99 19.52 -4.74
N PRO A 44 -4.12 19.72 -5.70
CA PRO A 44 -3.13 18.64 -6.03
C PRO A 44 -2.36 18.17 -4.78
N ALA A 45 -2.07 16.90 -4.71
CA ALA A 45 -1.34 16.35 -3.54
C ALA A 45 -0.23 15.37 -3.97
N ARG A 46 0.80 15.27 -3.18
CA ARG A 46 1.92 14.35 -3.51
C ARG A 46 2.20 13.43 -2.31
N LEU A 47 2.71 12.26 -2.57
CA LEU A 47 3.01 11.30 -1.45
C LEU A 47 4.48 11.39 -1.09
N VAL A 48 4.79 11.78 0.12
CA VAL A 48 6.22 11.90 0.54
C VAL A 48 6.64 10.69 1.36
N ALA A 49 5.73 10.02 2.02
CA ALA A 49 6.13 8.85 2.86
C ALA A 49 5.10 7.71 2.78
N ARG A 50 5.50 6.54 3.20
CA ARG A 50 4.60 5.36 3.19
C ARG A 50 4.83 4.50 4.45
N HIS A 51 3.78 4.01 5.04
CA HIS A 51 3.91 3.17 6.28
C HIS A 51 2.89 2.03 6.25
N TRP A 52 3.37 0.81 6.16
CA TRP A 52 2.45 -0.36 6.12
C TRP A 52 2.38 -1.05 7.50
N GLN A 53 1.19 -1.34 7.96
CA GLN A 53 1.05 -2.01 9.29
C GLN A 53 0.40 -3.38 9.10
N ILE A 54 1.16 -4.35 8.65
CA ILE A 54 0.59 -5.72 8.42
C ILE A 54 0.54 -6.56 9.71
N THR A 55 -0.59 -7.14 9.99
CA THR A 55 -0.73 -8.01 11.19
C THR A 55 -1.10 -9.42 10.74
N ASP A 56 -0.39 -10.41 11.21
CA ASP A 56 -0.68 -11.81 10.79
C ASP A 56 -1.67 -12.49 11.73
N GLY A 57 -2.14 -13.65 11.36
CA GLY A 57 -3.11 -14.40 12.19
C GLY A 57 -2.54 -14.79 13.57
N ASN A 58 -1.26 -14.58 13.81
CA ASN A 58 -0.69 -14.93 15.15
C ASN A 58 -0.51 -13.67 16.01
N GLY A 59 -0.97 -12.53 15.54
CA GLY A 59 -0.84 -11.28 16.35
C GLY A 59 0.44 -10.51 15.99
N ARG A 60 1.47 -11.20 15.57
CA ARG A 60 2.75 -10.50 15.21
C ARG A 60 2.49 -9.54 14.03
N THR A 61 3.11 -8.39 14.05
CA THR A 61 2.89 -7.41 12.94
C THR A 61 4.23 -6.84 12.46
N GLU A 62 4.30 -6.45 11.21
CA GLU A 62 5.58 -5.88 10.68
C GLU A 62 5.34 -4.47 10.14
N GLN A 63 6.05 -3.51 10.67
CA GLN A 63 5.88 -2.09 10.21
C GLN A 63 7.04 -1.67 9.32
N VAL A 64 6.74 -1.02 8.22
CA VAL A 64 7.83 -0.57 7.29
C VAL A 64 7.68 0.92 6.98
N ASP A 65 8.74 1.66 7.09
CA ASP A 65 8.70 3.13 6.83
C ASP A 65 9.73 3.53 5.77
N GLY A 66 9.30 4.22 4.74
CA GLY A 66 10.25 4.64 3.68
C GLY A 66 9.73 5.92 3.01
N GLU A 67 10.55 6.62 2.28
CA GLU A 67 10.10 7.88 1.61
C GLU A 67 9.92 7.64 0.10
N GLY A 68 9.14 8.45 -0.56
CA GLY A 68 8.93 8.30 -2.03
C GLY A 68 8.59 6.85 -2.41
N VAL A 69 7.31 6.53 -2.55
CA VAL A 69 6.90 5.13 -2.92
C VAL A 69 7.75 4.57 -4.07
N VAL A 70 8.20 3.36 -3.90
CA VAL A 70 9.07 2.66 -4.91
C VAL A 70 10.12 3.63 -5.50
N GLY A 71 10.63 4.51 -4.68
CA GLY A 71 11.69 5.47 -5.14
C GLY A 71 11.11 6.70 -5.85
N GLU A 72 9.85 7.03 -5.64
CA GLU A 72 9.29 8.23 -6.34
C GLU A 72 8.22 8.94 -5.49
N GLN A 73 8.06 10.21 -5.75
CA GLN A 73 7.05 11.05 -5.03
C GLN A 73 6.04 11.58 -6.06
N PRO A 74 5.18 10.68 -6.52
CA PRO A 74 4.19 11.10 -7.55
C PRO A 74 3.36 12.32 -7.11
N TRP A 75 3.12 13.21 -8.03
CA TRP A 75 2.30 14.43 -7.72
C TRP A 75 0.89 14.21 -8.27
N LEU A 76 0.10 13.42 -7.59
CA LEU A 76 -1.29 13.14 -8.08
C LEU A 76 -2.14 14.41 -8.14
N ARG A 77 -2.56 14.79 -9.31
CA ARG A 77 -3.40 16.00 -9.47
C ARG A 77 -4.86 15.63 -9.23
N PRO A 78 -5.68 16.60 -8.91
CA PRO A 78 -7.12 16.28 -8.66
C PRO A 78 -7.73 15.53 -9.86
N GLY A 79 -8.31 14.40 -9.60
CA GLY A 79 -8.95 13.60 -10.70
C GLY A 79 -7.92 12.64 -11.32
N GLU A 80 -6.63 12.87 -11.12
CA GLU A 80 -5.61 11.96 -11.71
C GLU A 80 -5.30 10.82 -10.73
N ALA A 81 -4.65 9.79 -11.20
CA ALA A 81 -4.32 8.63 -10.31
C ALA A 81 -2.99 7.99 -10.73
N PHE A 82 -2.27 7.41 -9.80
CA PHE A 82 -0.98 6.75 -10.13
C PHE A 82 -1.08 5.26 -9.80
N HIS A 83 -0.45 4.41 -10.57
CA HIS A 83 -0.53 2.94 -10.27
C HIS A 83 0.80 2.23 -10.56
N TYR A 84 1.17 1.30 -9.72
CA TYR A 84 2.43 0.53 -9.93
C TYR A 84 2.28 -0.88 -9.33
N THR A 85 3.08 -1.81 -9.76
CA THR A 85 2.98 -3.21 -9.23
C THR A 85 4.06 -3.48 -8.19
N SER A 86 3.71 -4.17 -7.12
CA SER A 86 4.72 -4.49 -6.07
C SER A 86 4.76 -6.00 -5.83
N GLY A 87 5.77 -6.49 -5.15
CA GLY A 87 5.86 -7.96 -4.89
C GLY A 87 6.46 -8.21 -3.51
N VAL A 88 5.73 -8.87 -2.65
CA VAL A 88 6.24 -9.17 -1.28
C VAL A 88 5.97 -10.65 -0.94
N LEU A 89 6.78 -11.23 -0.08
CA LEU A 89 6.58 -12.66 0.30
C LEU A 89 6.06 -12.76 1.74
N LEU A 90 5.18 -13.70 2.00
CA LEU A 90 4.64 -13.85 3.38
C LEU A 90 4.87 -15.29 3.89
N GLU A 91 5.17 -15.44 5.15
CA GLU A 91 5.38 -16.81 5.70
C GLU A 91 4.04 -17.49 6.02
N THR A 92 3.02 -16.69 6.23
CA THR A 92 1.67 -17.25 6.56
C THR A 92 0.80 -17.26 5.31
N GLU A 93 0.10 -18.35 5.05
CA GLU A 93 -0.77 -18.39 3.82
C GLU A 93 -2.05 -17.56 4.02
N GLN A 94 -2.29 -17.09 5.22
CA GLN A 94 -3.51 -16.26 5.47
C GLN A 94 -3.14 -15.09 6.37
N GLY A 95 -3.76 -13.93 6.22
CA GLY A 95 -3.37 -12.80 7.12
C GLY A 95 -4.14 -11.50 6.81
N GLN A 96 -4.00 -10.55 7.69
CA GLN A 96 -4.69 -9.23 7.51
C GLN A 96 -3.63 -8.13 7.34
N MET A 97 -3.75 -7.30 6.34
CA MET A 97 -2.74 -6.22 6.13
C MET A 97 -3.40 -4.85 6.02
N GLN A 98 -3.03 -3.93 6.89
CA GLN A 98 -3.62 -2.55 6.84
C GLN A 98 -2.46 -1.55 6.74
N GLY A 99 -2.68 -0.39 6.15
CA GLY A 99 -1.56 0.59 6.04
C GLY A 99 -2.08 2.00 5.80
N HIS A 100 -1.18 2.96 5.76
CA HIS A 100 -1.60 4.37 5.52
C HIS A 100 -0.62 5.03 4.55
N TYR A 101 -1.04 6.07 3.88
CA TYR A 101 -0.13 6.77 2.92
C TYR A 101 0.12 8.21 3.39
N ASP A 102 1.36 8.62 3.49
CA ASP A 102 1.65 10.02 3.91
C ASP A 102 1.62 10.91 2.66
N MET A 103 0.73 11.87 2.66
CA MET A 103 0.60 12.78 1.48
C MET A 103 0.79 14.23 1.93
N VAL A 104 1.08 15.11 1.00
CA VAL A 104 1.27 16.55 1.36
C VAL A 104 0.63 17.44 0.30
N ALA A 105 -0.18 18.38 0.71
CA ALA A 105 -0.82 19.30 -0.27
C ALA A 105 0.22 20.24 -0.88
N ASP A 106 -0.10 20.89 -1.96
CA ASP A 106 0.88 21.82 -2.60
C ASP A 106 1.21 22.97 -1.66
N ASP A 107 0.29 23.33 -0.80
CA ASP A 107 0.53 24.47 0.15
C ASP A 107 1.39 24.01 1.34
N GLY A 108 1.66 22.74 1.46
CA GLY A 108 2.49 22.26 2.61
C GLY A 108 1.62 21.58 3.66
N THR A 109 0.31 21.63 3.53
CA THR A 109 -0.58 20.98 4.54
C THR A 109 -0.24 19.49 4.65
N GLU A 110 -0.14 18.95 5.84
CA GLU A 110 0.18 17.50 5.98
C GLU A 110 -1.07 16.69 6.30
N PHE A 111 -1.19 15.53 5.70
CA PHE A 111 -2.38 14.66 5.96
C PHE A 111 -2.09 13.24 5.44
N ILE A 112 -2.57 12.25 6.14
CA ILE A 112 -2.32 10.83 5.72
C ILE A 112 -3.55 10.24 5.02
N ALA A 113 -3.36 9.23 4.23
CA ALA A 113 -4.49 8.57 3.53
C ALA A 113 -4.55 7.10 3.94
N PRO A 114 -5.40 6.81 4.90
CA PRO A 114 -5.51 5.40 5.39
C PRO A 114 -5.87 4.42 4.26
N ILE A 115 -5.31 3.25 4.34
CA ILE A 115 -5.59 2.19 3.32
C ILE A 115 -6.44 1.09 3.99
N ALA A 116 -7.59 0.81 3.43
CA ALA A 116 -8.50 -0.23 4.01
C ALA A 116 -7.76 -1.53 4.31
N ALA A 117 -8.39 -2.44 4.97
CA ALA A 117 -7.73 -3.73 5.32
C ALA A 117 -8.18 -4.85 4.37
N PHE A 118 -7.25 -5.46 3.69
CA PHE A 118 -7.60 -6.58 2.79
C PHE A 118 -7.04 -7.88 3.39
N VAL A 119 -7.60 -9.01 3.04
CA VAL A 119 -7.09 -10.29 3.62
C VAL A 119 -6.50 -11.18 2.52
N LEU A 120 -5.60 -12.05 2.90
CA LEU A 120 -4.98 -12.97 1.90
C LEU A 120 -5.43 -14.40 2.20
N SER A 121 -5.85 -15.12 1.19
CA SER A 121 -6.31 -16.52 1.40
C SER A 121 -6.14 -17.33 0.10
N ARG A 6 -10.74 19.82 1.10
CA ARG A 6 -10.15 19.65 -0.26
C ARG A 6 -9.06 18.57 -0.24
N TYR A 7 -9.04 17.73 0.77
CA TYR A 7 -8.00 16.66 0.84
C TYR A 7 -8.67 15.28 0.89
N ARG A 8 -8.69 14.58 -0.21
CA ARG A 8 -9.32 13.23 -0.25
C ARG A 8 -8.60 12.34 -1.27
N VAL A 9 -8.25 11.13 -0.87
CA VAL A 9 -7.54 10.21 -1.80
C VAL A 9 -7.87 8.75 -1.41
N GLU A 10 -8.49 8.03 -2.29
CA GLU A 10 -8.85 6.61 -2.04
C GLU A 10 -7.91 5.70 -2.86
N VAL A 11 -7.32 4.73 -2.20
CA VAL A 11 -6.39 3.79 -2.90
C VAL A 11 -6.95 2.37 -2.82
N GLU A 12 -6.85 1.61 -3.89
CA GLU A 12 -7.37 0.21 -3.89
C GLU A 12 -6.25 -0.76 -4.23
N VAL A 13 -6.17 -1.85 -3.52
CA VAL A 13 -5.09 -2.86 -3.78
C VAL A 13 -5.70 -4.26 -3.93
N SER A 14 -5.24 -5.01 -4.91
CA SER A 14 -5.80 -6.38 -5.13
C SER A 14 -4.66 -7.42 -5.15
N PRO A 15 -4.54 -8.15 -4.06
CA PRO A 15 -3.47 -9.19 -3.99
C PRO A 15 -3.93 -10.48 -4.68
N ARG A 16 -3.00 -11.36 -4.95
CA ARG A 16 -3.33 -12.65 -5.64
C ARG A 16 -2.23 -13.69 -5.36
N PHE A 17 -2.63 -14.88 -4.99
CA PHE A 17 -1.65 -15.96 -4.66
C PHE A 17 -0.75 -16.29 -5.87
N LEU A 18 0.52 -16.52 -5.62
CA LEU A 18 1.46 -16.86 -6.73
C LEU A 18 2.03 -18.27 -6.54
N ALA A 19 1.28 -19.26 -6.96
CA ALA A 19 1.72 -20.68 -6.85
C ALA A 19 2.89 -20.97 -7.79
N HIS A 20 2.92 -20.36 -8.95
CA HIS A 20 4.04 -20.63 -9.91
C HIS A 20 5.37 -20.05 -9.40
N GLN A 21 5.31 -19.06 -8.53
CA GLN A 21 6.58 -18.46 -8.01
C GLN A 21 6.65 -18.57 -6.49
N SER A 22 6.13 -19.63 -5.92
CA SER A 22 6.18 -19.78 -4.43
C SER A 22 6.11 -21.26 -4.03
N THR A 23 6.74 -21.61 -2.93
CA THR A 23 6.71 -23.02 -2.46
C THR A 23 6.11 -23.06 -1.04
N PRO A 24 4.83 -23.27 -0.97
CA PRO A 24 4.15 -23.28 0.37
C PRO A 24 4.61 -24.47 1.23
N ASP A 25 5.09 -25.52 0.62
CA ASP A 25 5.53 -26.71 1.43
C ASP A 25 6.74 -26.37 2.29
N GLU A 26 7.50 -25.35 1.94
CA GLU A 26 8.69 -24.99 2.76
C GLU A 26 8.44 -23.71 3.56
N GLY A 27 7.19 -23.39 3.82
CA GLY A 27 6.87 -22.15 4.60
C GLY A 27 7.22 -20.92 3.78
N ARG A 28 7.15 -21.01 2.48
CA ARG A 28 7.48 -19.85 1.61
C ARG A 28 6.28 -19.51 0.72
N TYR A 29 5.45 -18.58 1.15
CA TYR A 29 4.26 -18.18 0.33
C TYR A 29 4.53 -16.82 -0.30
N ALA A 30 4.25 -16.67 -1.58
CA ALA A 30 4.51 -15.35 -2.25
C ALA A 30 3.20 -14.70 -2.72
N PHE A 31 2.91 -13.52 -2.24
CA PHE A 31 1.67 -12.82 -2.68
C PHE A 31 2.04 -11.52 -3.41
N ALA A 32 1.48 -11.28 -4.57
CA ALA A 32 1.78 -10.03 -5.31
C ALA A 32 0.51 -9.17 -5.39
N TYR A 33 0.60 -7.90 -5.08
CA TYR A 33 -0.64 -7.05 -5.14
C TYR A 33 -0.40 -5.78 -5.97
N SER A 34 -1.42 -5.31 -6.63
CA SER A 34 -1.28 -4.08 -7.46
C SER A 34 -1.86 -2.89 -6.70
N ILE A 35 -1.20 -1.75 -6.79
CA ILE A 35 -1.68 -0.54 -6.05
C ILE A 35 -2.37 0.46 -6.99
N ARG A 36 -3.52 0.93 -6.59
CA ARG A 36 -4.29 1.91 -7.42
C ARG A 36 -4.57 3.17 -6.61
N ILE A 37 -3.75 4.18 -6.76
CA ILE A 37 -3.94 5.46 -6.01
C ILE A 37 -4.80 6.44 -6.81
N GLN A 38 -5.93 6.82 -6.29
CA GLN A 38 -6.80 7.80 -7.00
C GLN A 38 -6.95 9.06 -6.14
N ASN A 39 -6.79 10.21 -6.75
CA ASN A 39 -6.88 11.49 -5.99
C ASN A 39 -8.30 12.06 -6.07
N ALA A 40 -8.98 12.19 -4.96
CA ALA A 40 -10.37 12.75 -4.98
C ALA A 40 -10.41 14.07 -4.20
N GLY A 41 -9.28 14.65 -3.89
CA GLY A 41 -9.26 15.95 -3.15
C GLY A 41 -9.51 17.10 -4.11
N ALA A 42 -9.38 18.32 -3.66
CA ALA A 42 -9.61 19.49 -4.55
C ALA A 42 -8.28 20.12 -4.97
N VAL A 43 -7.30 20.02 -4.12
CA VAL A 43 -5.95 20.60 -4.44
C VAL A 43 -4.94 19.49 -4.71
N PRO A 44 -4.08 19.72 -5.68
CA PRO A 44 -3.06 18.68 -6.02
C PRO A 44 -2.27 18.23 -4.78
N ALA A 45 -1.96 16.95 -4.71
CA ALA A 45 -1.22 16.41 -3.53
C ALA A 45 -0.13 15.42 -3.97
N ARG A 46 0.91 15.33 -3.19
CA ARG A 46 2.03 14.40 -3.51
C ARG A 46 2.29 13.48 -2.31
N LEU A 47 2.81 12.31 -2.55
CA LEU A 47 3.09 11.37 -1.43
C LEU A 47 4.56 11.47 -1.01
N VAL A 48 4.82 11.85 0.21
CA VAL A 48 6.24 12.00 0.67
C VAL A 48 6.67 10.78 1.49
N ALA A 49 5.75 10.11 2.15
CA ALA A 49 6.16 8.93 2.99
C ALA A 49 5.15 7.79 2.91
N ARG A 50 5.55 6.62 3.35
CA ARG A 50 4.66 5.43 3.34
C ARG A 50 4.88 4.59 4.62
N HIS A 51 3.80 4.09 5.18
CA HIS A 51 3.91 3.27 6.41
C HIS A 51 2.89 2.12 6.37
N TRP A 52 3.36 0.90 6.28
CA TRP A 52 2.45 -0.27 6.23
C TRP A 52 2.38 -0.99 7.58
N GLN A 53 1.19 -1.31 8.02
CA GLN A 53 1.02 -2.02 9.32
C GLN A 53 0.43 -3.41 9.07
N ILE A 54 1.23 -4.35 8.66
CA ILE A 54 0.72 -5.72 8.38
C ILE A 54 0.70 -6.59 9.65
N THR A 55 -0.41 -7.22 9.92
CA THR A 55 -0.52 -8.11 11.11
C THR A 55 -0.90 -9.52 10.63
N ASP A 56 -0.18 -10.52 11.08
CA ASP A 56 -0.47 -11.91 10.64
C ASP A 56 -1.48 -12.59 11.56
N GLY A 57 -1.95 -13.75 11.16
CA GLY A 57 -2.95 -14.50 11.97
C GLY A 57 -2.40 -14.92 13.34
N ASN A 58 -1.13 -14.71 13.62
CA ASN A 58 -0.59 -15.10 14.96
C ASN A 58 -0.43 -13.85 15.86
N GLY A 59 -0.89 -12.71 15.41
CA GLY A 59 -0.80 -11.47 16.24
C GLY A 59 0.49 -10.69 15.93
N ARG A 60 1.52 -11.36 15.47
CA ARG A 60 2.79 -10.63 15.15
C ARG A 60 2.54 -9.60 14.05
N THR A 61 3.15 -8.45 14.14
CA THR A 61 2.93 -7.41 13.09
C THR A 61 4.26 -6.82 12.62
N GLU A 62 4.33 -6.42 11.38
CA GLU A 62 5.60 -5.85 10.85
C GLU A 62 5.35 -4.44 10.32
N GLN A 63 6.04 -3.46 10.87
CA GLN A 63 5.85 -2.05 10.42
C GLN A 63 7.02 -1.62 9.53
N VAL A 64 6.72 -0.97 8.43
CA VAL A 64 7.81 -0.51 7.51
C VAL A 64 7.64 0.97 7.20
N ASP A 65 8.70 1.72 7.35
CA ASP A 65 8.66 3.20 7.08
C ASP A 65 9.76 3.58 6.08
N GLY A 66 9.40 4.24 5.02
CA GLY A 66 10.41 4.66 4.00
C GLY A 66 9.97 5.95 3.32
N GLU A 67 10.90 6.75 2.88
CA GLU A 67 10.54 8.03 2.21
C GLU A 67 10.07 7.77 0.77
N GLY A 68 9.27 8.64 0.22
CA GLY A 68 8.79 8.46 -1.18
C GLY A 68 8.15 7.08 -1.37
N VAL A 69 7.78 6.76 -2.59
CA VAL A 69 7.17 5.43 -2.88
C VAL A 69 7.90 4.78 -4.05
N VAL A 70 8.34 3.55 -3.85
CA VAL A 70 9.10 2.77 -4.89
C VAL A 70 10.13 3.65 -5.63
N GLY A 71 10.75 4.56 -4.91
CA GLY A 71 11.81 5.43 -5.51
C GLY A 71 11.24 6.66 -6.24
N GLU A 72 9.99 7.00 -6.02
CA GLU A 72 9.44 8.21 -6.72
C GLU A 72 8.41 8.96 -5.86
N GLN A 73 8.30 10.24 -6.08
CA GLN A 73 7.33 11.09 -5.33
C GLN A 73 6.28 11.63 -6.30
N PRO A 74 5.37 10.77 -6.68
CA PRO A 74 4.33 11.20 -7.66
C PRO A 74 3.53 12.40 -7.16
N TRP A 75 3.27 13.34 -8.04
CA TRP A 75 2.47 14.55 -7.68
C TRP A 75 1.05 14.37 -8.21
N LEU A 76 0.28 13.55 -7.55
CA LEU A 76 -1.12 13.28 -8.04
C LEU A 76 -1.96 14.55 -8.10
N ARG A 77 -2.41 14.90 -9.28
CA ARG A 77 -3.28 16.11 -9.44
C ARG A 77 -4.73 15.70 -9.20
N PRO A 78 -5.56 16.66 -8.87
CA PRO A 78 -6.99 16.31 -8.61
C PRO A 78 -7.59 15.55 -9.80
N GLY A 79 -8.22 14.42 -9.54
CA GLY A 79 -8.85 13.62 -10.64
C GLY A 79 -7.85 12.62 -11.22
N GLU A 80 -6.57 12.80 -11.00
CA GLU A 80 -5.58 11.83 -11.56
C GLU A 80 -5.33 10.68 -10.58
N ALA A 81 -4.71 9.62 -11.04
CA ALA A 81 -4.43 8.46 -10.15
C ALA A 81 -3.09 7.82 -10.52
N PHE A 82 -2.40 7.25 -9.56
CA PHE A 82 -1.09 6.59 -9.84
C PHE A 82 -1.20 5.10 -9.51
N HIS A 83 -0.55 4.25 -10.25
CA HIS A 83 -0.63 2.79 -9.96
C HIS A 83 0.71 2.08 -10.22
N TYR A 84 1.07 1.15 -9.37
CA TYR A 84 2.35 0.40 -9.56
C TYR A 84 2.21 -1.00 -8.96
N THR A 85 3.04 -1.93 -9.37
CA THR A 85 2.95 -3.32 -8.83
C THR A 85 4.02 -3.57 -7.76
N SER A 86 3.65 -4.23 -6.69
CA SER A 86 4.63 -4.52 -5.60
C SER A 86 4.67 -6.03 -5.32
N GLY A 87 5.64 -6.50 -4.58
CA GLY A 87 5.71 -7.96 -4.28
C GLY A 87 6.18 -8.19 -2.84
N VAL A 88 5.41 -8.91 -2.07
CA VAL A 88 5.79 -9.20 -0.65
C VAL A 88 5.58 -10.69 -0.35
N LEU A 89 6.32 -11.22 0.59
CA LEU A 89 6.18 -12.67 0.94
C LEU A 89 5.51 -12.85 2.29
N LEU A 90 4.71 -13.88 2.44
CA LEU A 90 4.02 -14.14 3.73
C LEU A 90 4.41 -15.53 4.26
N GLU A 91 4.48 -15.69 5.56
CA GLU A 91 4.88 -17.01 6.13
C GLU A 91 3.71 -18.01 6.09
N THR A 92 2.49 -17.53 6.11
CA THR A 92 1.32 -18.46 6.09
C THR A 92 0.38 -18.12 4.92
N GLU A 93 -0.61 -18.96 4.70
CA GLU A 93 -1.56 -18.72 3.57
C GLU A 93 -2.72 -17.80 4.00
N GLN A 94 -2.62 -17.18 5.15
CA GLN A 94 -3.72 -16.27 5.60
C GLN A 94 -3.12 -15.02 6.26
N GLY A 95 -3.74 -13.87 6.10
CA GLY A 95 -3.16 -12.65 6.73
C GLY A 95 -3.95 -11.39 6.41
N GLN A 96 -3.83 -10.41 7.26
CA GLN A 96 -4.53 -9.10 7.04
C GLN A 96 -3.49 -7.97 6.98
N MET A 97 -3.59 -7.12 5.99
CA MET A 97 -2.58 -6.01 5.86
C MET A 97 -3.27 -4.65 5.74
N GLN A 98 -2.99 -3.76 6.65
CA GLN A 98 -3.59 -2.38 6.60
C GLN A 98 -2.45 -1.36 6.65
N GLY A 99 -2.62 -0.20 6.07
CA GLY A 99 -1.50 0.80 6.11
C GLY A 99 -2.00 2.21 5.78
N HIS A 100 -1.12 3.17 5.82
CA HIS A 100 -1.52 4.57 5.51
C HIS A 100 -0.46 5.23 4.60
N TYR A 101 -0.87 6.24 3.88
CA TYR A 101 0.09 6.94 2.96
C TYR A 101 0.29 8.38 3.43
N ASP A 102 1.51 8.83 3.61
CA ASP A 102 1.73 10.25 4.01
C ASP A 102 1.71 11.12 2.75
N MET A 103 0.82 12.08 2.73
CA MET A 103 0.70 12.98 1.54
C MET A 103 0.86 14.44 1.95
N VAL A 104 1.13 15.29 1.00
CA VAL A 104 1.30 16.75 1.32
C VAL A 104 0.65 17.61 0.22
N ALA A 105 -0.17 18.55 0.60
CA ALA A 105 -0.82 19.43 -0.42
C ALA A 105 0.20 20.45 -0.94
N ASP A 106 -0.12 21.12 -2.03
CA ASP A 106 0.83 22.11 -2.61
C ASP A 106 1.02 23.29 -1.64
N ASP A 107 0.01 23.62 -0.88
CA ASP A 107 0.13 24.76 0.08
C ASP A 107 0.99 24.38 1.30
N GLY A 108 1.36 23.13 1.43
CA GLY A 108 2.20 22.72 2.59
C GLY A 108 1.36 22.00 3.64
N THR A 109 0.04 22.00 3.51
CA THR A 109 -0.83 21.32 4.53
C THR A 109 -0.43 19.84 4.63
N GLU A 110 -0.30 19.32 5.82
CA GLU A 110 0.09 17.88 5.98
C GLU A 110 -1.13 17.01 6.31
N PHE A 111 -1.20 15.85 5.75
CA PHE A 111 -2.34 14.92 6.01
C PHE A 111 -2.03 13.53 5.46
N ILE A 112 -2.50 12.51 6.12
CA ILE A 112 -2.23 11.11 5.66
C ILE A 112 -3.44 10.53 4.93
N ALA A 113 -3.21 9.55 4.09
CA ALA A 113 -4.33 8.90 3.34
C ALA A 113 -4.39 7.42 3.74
N PRO A 114 -5.29 7.11 4.65
CA PRO A 114 -5.38 5.69 5.10
C PRO A 114 -5.68 4.73 3.95
N ILE A 115 -5.08 3.56 4.02
CA ILE A 115 -5.28 2.52 2.99
C ILE A 115 -6.10 1.37 3.58
N ALA A 116 -7.21 1.05 2.95
CA ALA A 116 -8.09 -0.04 3.46
C ALA A 116 -7.30 -1.31 3.75
N ALA A 117 -7.73 -2.10 4.70
CA ALA A 117 -7.01 -3.36 5.03
C ALA A 117 -7.61 -4.53 4.25
N PHE A 118 -6.80 -5.23 3.50
CA PHE A 118 -7.30 -6.39 2.71
C PHE A 118 -6.77 -7.68 3.34
N VAL A 119 -7.34 -8.81 3.00
CA VAL A 119 -6.87 -10.10 3.59
C VAL A 119 -6.28 -11.00 2.50
N LEU A 120 -5.41 -11.90 2.87
CA LEU A 120 -4.80 -12.83 1.89
C LEU A 120 -5.28 -14.25 2.16
N SER A 121 -5.69 -14.94 1.13
CA SER A 121 -6.19 -16.34 1.33
C SER A 121 -5.98 -17.16 0.05
N ARG A 6 -11.33 19.38 0.91
CA ARG A 6 -10.20 19.75 0.00
C ARG A 6 -9.11 18.67 0.03
N TYR A 7 -9.08 17.85 1.05
CA TYR A 7 -8.04 16.78 1.14
C TYR A 7 -8.69 15.40 1.13
N ARG A 8 -8.57 14.67 0.05
CA ARG A 8 -9.17 13.31 -0.02
C ARG A 8 -8.36 12.42 -0.97
N VAL A 9 -8.04 11.23 -0.54
CA VAL A 9 -7.24 10.29 -1.40
C VAL A 9 -7.60 8.84 -1.04
N GLU A 10 -8.18 8.14 -1.96
CA GLU A 10 -8.55 6.70 -1.73
C GLU A 10 -7.62 5.78 -2.52
N VAL A 11 -7.07 4.80 -1.85
CA VAL A 11 -6.14 3.84 -2.52
C VAL A 11 -6.75 2.43 -2.47
N GLU A 12 -6.63 1.68 -3.54
CA GLU A 12 -7.18 0.30 -3.57
C GLU A 12 -6.08 -0.72 -3.86
N VAL A 13 -6.10 -1.83 -3.16
CA VAL A 13 -5.05 -2.87 -3.38
C VAL A 13 -5.69 -4.24 -3.62
N SER A 14 -5.19 -4.97 -4.59
CA SER A 14 -5.76 -6.32 -4.90
C SER A 14 -4.65 -7.39 -4.89
N PRO A 15 -4.64 -8.18 -3.84
CA PRO A 15 -3.60 -9.26 -3.77
C PRO A 15 -4.01 -10.49 -4.56
N ARG A 16 -3.08 -11.37 -4.82
CA ARG A 16 -3.36 -12.62 -5.60
C ARG A 16 -2.29 -13.68 -5.30
N PHE A 17 -2.72 -14.88 -4.99
CA PHE A 17 -1.76 -15.98 -4.65
C PHE A 17 -0.83 -16.30 -5.83
N LEU A 18 0.43 -16.51 -5.56
CA LEU A 18 1.41 -16.85 -6.64
C LEU A 18 1.98 -18.26 -6.43
N ALA A 19 1.24 -19.25 -6.87
CA ALA A 19 1.69 -20.68 -6.75
C ALA A 19 2.89 -20.96 -7.65
N HIS A 20 2.95 -20.35 -8.81
CA HIS A 20 4.10 -20.62 -9.73
C HIS A 20 5.41 -20.02 -9.18
N GLN A 21 5.31 -19.03 -8.34
CA GLN A 21 6.55 -18.40 -7.78
C GLN A 21 6.56 -18.48 -6.25
N SER A 22 6.18 -19.61 -5.70
CA SER A 22 6.16 -19.73 -4.21
C SER A 22 6.11 -21.20 -3.79
N THR A 23 6.78 -21.55 -2.71
CA THR A 23 6.76 -22.96 -2.23
C THR A 23 6.10 -23.02 -0.85
N PRO A 24 4.81 -23.26 -0.84
CA PRO A 24 4.10 -23.29 0.47
C PRO A 24 4.56 -24.48 1.33
N ASP A 25 5.06 -25.52 0.72
CA ASP A 25 5.51 -26.71 1.51
C ASP A 25 6.75 -26.38 2.35
N GLU A 26 7.51 -25.38 1.95
CA GLU A 26 8.74 -25.03 2.73
C GLU A 26 8.52 -23.75 3.55
N GLY A 27 7.29 -23.42 3.85
CA GLY A 27 7.00 -22.19 4.65
C GLY A 27 7.33 -20.95 3.82
N ARG A 28 7.22 -21.06 2.52
CA ARG A 28 7.53 -19.90 1.64
C ARG A 28 6.29 -19.53 0.81
N TYR A 29 5.49 -18.62 1.28
CA TYR A 29 4.28 -18.22 0.51
C TYR A 29 4.52 -16.85 -0.13
N ALA A 30 4.25 -16.70 -1.40
CA ALA A 30 4.49 -15.39 -2.07
C ALA A 30 3.19 -14.76 -2.57
N PHE A 31 2.88 -13.57 -2.10
CA PHE A 31 1.65 -12.88 -2.56
C PHE A 31 2.02 -11.59 -3.29
N ALA A 32 1.43 -11.33 -4.42
CA ALA A 32 1.74 -10.06 -5.16
C ALA A 32 0.52 -9.14 -5.11
N TYR A 33 0.71 -7.89 -4.79
CA TYR A 33 -0.46 -6.97 -4.71
C TYR A 33 -0.25 -5.71 -5.57
N SER A 34 -1.29 -5.23 -6.19
CA SER A 34 -1.17 -4.01 -7.04
C SER A 34 -1.75 -2.82 -6.29
N ILE A 35 -1.11 -1.68 -6.38
CA ILE A 35 -1.60 -0.46 -5.66
C ILE A 35 -2.27 0.53 -6.63
N ARG A 36 -3.42 1.01 -6.25
CA ARG A 36 -4.16 1.99 -7.11
C ARG A 36 -4.43 3.27 -6.30
N ILE A 37 -3.58 4.25 -6.45
CA ILE A 37 -3.75 5.53 -5.71
C ILE A 37 -4.60 6.51 -6.52
N GLN A 38 -5.73 6.90 -6.00
CA GLN A 38 -6.59 7.87 -6.73
C GLN A 38 -6.74 9.15 -5.89
N ASN A 39 -6.61 10.29 -6.51
CA ASN A 39 -6.71 11.58 -5.77
C ASN A 39 -8.16 12.10 -5.81
N ALA A 40 -8.79 12.21 -4.67
CA ALA A 40 -10.19 12.73 -4.65
C ALA A 40 -10.25 14.07 -3.89
N GLY A 41 -9.12 14.66 -3.58
CA GLY A 41 -9.11 15.97 -2.86
C GLY A 41 -9.38 17.10 -3.86
N ALA A 42 -9.43 18.33 -3.40
CA ALA A 42 -9.69 19.47 -4.31
C ALA A 42 -8.37 20.09 -4.77
N VAL A 43 -7.38 20.04 -3.93
CA VAL A 43 -6.05 20.63 -4.28
C VAL A 43 -5.04 19.52 -4.58
N PRO A 44 -4.23 19.74 -5.61
CA PRO A 44 -3.22 18.70 -5.99
C PRO A 44 -2.38 18.23 -4.78
N ALA A 45 -2.10 16.96 -4.72
CA ALA A 45 -1.31 16.40 -3.59
C ALA A 45 -0.31 15.33 -4.08
N ARG A 46 0.77 15.19 -3.38
CA ARG A 46 1.79 14.18 -3.75
C ARG A 46 2.11 13.28 -2.55
N LEU A 47 2.65 12.11 -2.79
CA LEU A 47 2.97 11.20 -1.65
C LEU A 47 4.44 11.35 -1.25
N VAL A 48 4.70 11.79 -0.05
CA VAL A 48 6.12 11.97 0.39
C VAL A 48 6.58 10.78 1.25
N ALA A 49 5.68 10.12 1.93
CA ALA A 49 6.10 8.97 2.78
C ALA A 49 5.07 7.82 2.75
N ARG A 50 5.49 6.66 3.17
CA ARG A 50 4.57 5.48 3.19
C ARG A 50 4.87 4.59 4.41
N HIS A 51 3.83 4.05 5.00
CA HIS A 51 4.00 3.17 6.19
C HIS A 51 2.95 2.05 6.16
N TRP A 52 3.38 0.83 6.02
CA TRP A 52 2.43 -0.32 5.98
C TRP A 52 2.35 -1.04 7.34
N GLN A 53 1.15 -1.37 7.76
CA GLN A 53 0.99 -2.09 9.07
C GLN A 53 0.40 -3.49 8.81
N ILE A 54 1.22 -4.41 8.38
CA ILE A 54 0.73 -5.79 8.08
C ILE A 54 0.77 -6.70 9.32
N THR A 55 -0.32 -7.38 9.57
CA THR A 55 -0.38 -8.33 10.73
C THR A 55 -0.65 -9.73 10.20
N ASP A 56 0.09 -10.71 10.67
CA ASP A 56 -0.10 -12.10 10.16
C ASP A 56 -1.20 -12.83 10.94
N GLY A 57 -1.61 -13.97 10.45
CA GLY A 57 -2.69 -14.76 11.11
C GLY A 57 -2.31 -15.17 12.55
N ASN A 58 -1.08 -14.98 12.98
CA ASN A 58 -0.71 -15.36 14.37
C ASN A 58 -0.67 -14.12 15.29
N GLY A 59 -1.14 -12.99 14.81
CA GLY A 59 -1.15 -11.76 15.66
C GLY A 59 0.13 -10.95 15.48
N ARG A 60 1.19 -11.55 15.01
CA ARG A 60 2.47 -10.79 14.82
C ARG A 60 2.26 -9.64 13.84
N THR A 61 2.87 -8.50 14.08
CA THR A 61 2.68 -7.34 13.18
C THR A 61 4.02 -6.82 12.66
N GLU A 62 4.09 -6.44 11.41
CA GLU A 62 5.37 -5.92 10.85
C GLU A 62 5.16 -4.53 10.28
N GLN A 63 5.84 -3.55 10.83
CA GLN A 63 5.68 -2.14 10.34
C GLN A 63 6.89 -1.73 9.49
N VAL A 64 6.65 -1.10 8.37
CA VAL A 64 7.78 -0.67 7.49
C VAL A 64 7.63 0.81 7.14
N ASP A 65 8.69 1.56 7.30
CA ASP A 65 8.65 3.02 7.00
C ASP A 65 9.74 3.37 6.00
N GLY A 66 9.37 4.02 4.92
CA GLY A 66 10.39 4.40 3.88
C GLY A 66 9.96 5.70 3.21
N GLU A 67 10.91 6.53 2.84
CA GLU A 67 10.56 7.82 2.16
C GLU A 67 9.96 7.54 0.77
N GLY A 68 9.14 8.44 0.28
CA GLY A 68 8.52 8.28 -1.07
C GLY A 68 7.95 6.87 -1.27
N VAL A 69 7.67 6.51 -2.50
CA VAL A 69 7.11 5.16 -2.82
C VAL A 69 7.91 4.53 -3.95
N VAL A 70 8.34 3.31 -3.75
CA VAL A 70 9.16 2.55 -4.77
C VAL A 70 10.20 3.45 -5.46
N GLY A 71 10.76 4.38 -4.72
CA GLY A 71 11.83 5.29 -5.27
C GLY A 71 11.25 6.49 -6.04
N GLU A 72 10.00 6.82 -5.88
CA GLU A 72 9.45 7.99 -6.62
C GLU A 72 8.41 8.77 -5.79
N GLN A 73 8.33 10.06 -6.03
CA GLN A 73 7.35 10.92 -5.31
C GLN A 73 6.34 11.48 -6.31
N PRO A 74 5.43 10.64 -6.75
CA PRO A 74 4.43 11.10 -7.75
C PRO A 74 3.65 12.32 -7.26
N TRP A 75 3.38 13.24 -8.17
CA TRP A 75 2.61 14.46 -7.82
C TRP A 75 1.16 14.28 -8.28
N LEU A 76 0.39 13.52 -7.53
CA LEU A 76 -1.02 13.26 -7.94
C LEU A 76 -1.85 14.54 -7.98
N ARG A 77 -2.36 14.89 -9.13
CA ARG A 77 -3.21 16.09 -9.26
C ARG A 77 -4.66 15.70 -8.96
N PRO A 78 -5.48 16.67 -8.60
CA PRO A 78 -6.90 16.32 -8.28
C PRO A 78 -7.55 15.56 -9.44
N GLY A 79 -8.15 14.43 -9.14
CA GLY A 79 -8.81 13.61 -10.19
C GLY A 79 -7.83 12.60 -10.83
N GLU A 80 -6.54 12.81 -10.65
CA GLU A 80 -5.55 11.84 -11.24
C GLU A 80 -5.29 10.69 -10.28
N ALA A 81 -4.67 9.64 -10.77
CA ALA A 81 -4.37 8.46 -9.90
C ALA A 81 -3.05 7.81 -10.32
N PHE A 82 -2.34 7.21 -9.40
CA PHE A 82 -1.06 6.54 -9.73
C PHE A 82 -1.16 5.05 -9.41
N HIS A 83 -0.49 4.19 -10.15
CA HIS A 83 -0.58 2.72 -9.85
C HIS A 83 0.75 2.02 -10.12
N TYR A 84 1.11 1.09 -9.28
CA TYR A 84 2.38 0.33 -9.48
C TYR A 84 2.25 -1.09 -8.90
N THR A 85 3.09 -2.00 -9.32
CA THR A 85 3.00 -3.40 -8.80
C THR A 85 4.07 -3.65 -7.73
N SER A 86 3.70 -4.31 -6.65
CA SER A 86 4.70 -4.60 -5.57
C SER A 86 4.73 -6.10 -5.27
N GLY A 87 5.68 -6.56 -4.50
CA GLY A 87 5.75 -8.02 -4.18
C GLY A 87 6.19 -8.23 -2.73
N VAL A 88 5.39 -8.93 -1.95
CA VAL A 88 5.76 -9.21 -0.53
C VAL A 88 5.59 -10.71 -0.24
N LEU A 89 6.35 -11.22 0.70
CA LEU A 89 6.25 -12.67 1.04
C LEU A 89 5.62 -12.87 2.42
N LEU A 90 4.83 -13.91 2.58
CA LEU A 90 4.17 -14.15 3.89
C LEU A 90 4.54 -15.55 4.42
N GLU A 91 4.63 -15.70 5.72
CA GLU A 91 5.00 -17.03 6.29
C GLU A 91 3.82 -18.00 6.20
N THR A 92 2.61 -17.50 6.17
CA THR A 92 1.42 -18.41 6.10
C THR A 92 0.53 -18.04 4.91
N GLU A 93 -0.47 -18.85 4.64
CA GLU A 93 -1.39 -18.57 3.49
C GLU A 93 -2.52 -17.63 3.88
N GLN A 94 -2.45 -17.00 5.03
CA GLN A 94 -3.55 -16.07 5.44
C GLN A 94 -2.96 -14.83 6.10
N GLY A 95 -3.58 -13.68 5.95
CA GLY A 95 -3.01 -12.45 6.61
C GLY A 95 -3.82 -11.20 6.28
N GLN A 96 -3.68 -10.20 7.12
CA GLN A 96 -4.39 -8.90 6.91
C GLN A 96 -3.36 -7.78 6.75
N MET A 97 -3.49 -6.97 5.73
CA MET A 97 -2.50 -5.86 5.53
C MET A 97 -3.21 -4.50 5.40
N GLN A 98 -2.96 -3.61 6.33
CA GLN A 98 -3.58 -2.25 6.29
C GLN A 98 -2.48 -1.21 6.47
N GLY A 99 -2.63 -0.03 5.92
CA GLY A 99 -1.54 0.99 6.08
C GLY A 99 -2.02 2.37 5.61
N HIS A 100 -1.14 3.34 5.65
CA HIS A 100 -1.52 4.71 5.20
C HIS A 100 -0.39 5.37 4.41
N TYR A 101 -0.72 6.34 3.60
CA TYR A 101 0.31 7.05 2.78
C TYR A 101 0.39 8.52 3.22
N ASP A 102 1.57 9.02 3.52
CA ASP A 102 1.68 10.46 3.90
C ASP A 102 1.70 11.32 2.64
N MET A 103 0.80 12.26 2.57
CA MET A 103 0.71 13.15 1.37
C MET A 103 0.80 14.62 1.78
N VAL A 104 1.10 15.48 0.84
CA VAL A 104 1.21 16.94 1.17
C VAL A 104 0.58 17.78 0.04
N ALA A 105 -0.30 18.68 0.39
CA ALA A 105 -0.95 19.54 -0.64
C ALA A 105 0.03 20.62 -1.10
N ASP A 106 -0.30 21.32 -2.16
CA ASP A 106 0.63 22.39 -2.65
C ASP A 106 0.79 23.48 -1.59
N ASP A 107 -0.23 23.73 -0.81
CA ASP A 107 -0.13 24.79 0.24
C ASP A 107 0.82 24.37 1.36
N GLY A 108 1.16 23.10 1.44
CA GLY A 108 2.08 22.64 2.52
C GLY A 108 1.29 21.91 3.62
N THR A 109 -0.02 21.90 3.55
CA THR A 109 -0.83 21.20 4.60
C THR A 109 -0.41 19.73 4.69
N GLU A 110 -0.24 19.23 5.89
CA GLU A 110 0.17 17.79 6.04
C GLU A 110 -1.04 16.91 6.34
N PHE A 111 -1.09 15.74 5.75
CA PHE A 111 -2.23 14.82 5.99
C PHE A 111 -1.91 13.43 5.43
N ILE A 112 -2.43 12.39 6.04
CA ILE A 112 -2.16 11.01 5.57
C ILE A 112 -3.36 10.45 4.79
N ALA A 113 -3.11 9.47 3.95
CA ALA A 113 -4.22 8.86 3.17
C ALA A 113 -4.32 7.37 3.56
N PRO A 114 -5.25 7.07 4.43
CA PRO A 114 -5.40 5.65 4.88
C PRO A 114 -5.67 4.70 3.72
N ILE A 115 -5.10 3.53 3.81
CA ILE A 115 -5.28 2.48 2.78
C ILE A 115 -6.15 1.38 3.36
N ALA A 116 -7.25 1.07 2.71
CA ALA A 116 -8.19 0.01 3.22
C ALA A 116 -7.43 -1.28 3.52
N ALA A 117 -7.84 -1.98 4.54
CA ALA A 117 -7.16 -3.26 4.91
C ALA A 117 -7.76 -4.43 4.11
N PHE A 118 -6.95 -5.11 3.36
CA PHE A 118 -7.45 -6.27 2.57
C PHE A 118 -6.90 -7.57 3.19
N VAL A 119 -7.46 -8.69 2.85
CA VAL A 119 -6.96 -9.97 3.44
C VAL A 119 -6.38 -10.87 2.34
N LEU A 120 -5.47 -11.75 2.71
CA LEU A 120 -4.85 -12.66 1.72
C LEU A 120 -5.27 -14.10 2.02
N SER A 121 -5.67 -14.84 1.02
CA SER A 121 -6.10 -16.25 1.24
C SER A 121 -5.92 -17.06 -0.04
N ARG A 6 -10.53 20.10 1.22
CA ARG A 6 -9.95 19.95 -0.15
C ARG A 6 -8.87 18.86 -0.17
N TYR A 7 -8.84 18.02 0.84
CA TYR A 7 -7.80 16.95 0.88
C TYR A 7 -8.46 15.56 0.90
N ARG A 8 -8.38 14.84 -0.18
CA ARG A 8 -9.00 13.48 -0.26
C ARG A 8 -8.19 12.59 -1.19
N VAL A 9 -7.90 11.39 -0.76
CA VAL A 9 -7.11 10.44 -1.61
C VAL A 9 -7.52 9.01 -1.26
N GLU A 10 -8.13 8.32 -2.19
CA GLU A 10 -8.55 6.90 -1.97
C GLU A 10 -7.65 5.97 -2.78
N VAL A 11 -7.10 4.97 -2.13
CA VAL A 11 -6.21 4.00 -2.82
C VAL A 11 -6.80 2.59 -2.76
N GLU A 12 -6.72 1.85 -3.84
CA GLU A 12 -7.28 0.47 -3.84
C GLU A 12 -6.17 -0.54 -4.16
N VAL A 13 -6.14 -1.64 -3.46
CA VAL A 13 -5.08 -2.68 -3.70
C VAL A 13 -5.73 -4.06 -3.89
N SER A 14 -5.26 -4.80 -4.86
CA SER A 14 -5.84 -6.16 -5.11
C SER A 14 -4.73 -7.23 -5.09
N PRO A 15 -4.67 -7.99 -4.01
CA PRO A 15 -3.64 -9.05 -3.93
C PRO A 15 -4.10 -10.33 -4.63
N ARG A 16 -3.17 -11.22 -4.90
CA ARG A 16 -3.51 -12.49 -5.61
C ARG A 16 -2.43 -13.55 -5.30
N PHE A 17 -2.86 -14.73 -4.95
CA PHE A 17 -1.90 -15.83 -4.61
C PHE A 17 -0.97 -16.15 -5.79
N LEU A 18 0.30 -16.35 -5.51
CA LEU A 18 1.27 -16.67 -6.60
C LEU A 18 1.83 -18.09 -6.41
N ALA A 19 1.07 -19.07 -6.81
CA ALA A 19 1.52 -20.50 -6.72
C ALA A 19 2.62 -20.82 -7.71
N HIS A 20 2.59 -20.23 -8.88
CA HIS A 20 3.64 -20.54 -9.91
C HIS A 20 5.01 -20.00 -9.48
N GLN A 21 5.03 -18.98 -8.66
CA GLN A 21 6.34 -18.42 -8.21
C GLN A 21 6.48 -18.50 -6.69
N SER A 22 6.16 -19.65 -6.12
CA SER A 22 6.27 -19.79 -4.63
C SER A 22 6.19 -21.26 -4.22
N THR A 23 6.85 -21.62 -3.14
CA THR A 23 6.79 -23.04 -2.66
C THR A 23 6.23 -23.05 -1.22
N PRO A 24 4.93 -23.23 -1.13
CA PRO A 24 4.28 -23.21 0.21
C PRO A 24 4.71 -24.41 1.07
N ASP A 25 5.16 -25.47 0.45
CA ASP A 25 5.58 -26.67 1.24
C ASP A 25 6.81 -26.36 2.12
N GLU A 26 7.57 -25.36 1.75
CA GLU A 26 8.78 -25.01 2.58
C GLU A 26 8.55 -23.73 3.37
N GLY A 27 7.30 -23.40 3.63
CA GLY A 27 7.00 -22.15 4.41
C GLY A 27 7.34 -20.92 3.56
N ARG A 28 7.26 -21.04 2.26
CA ARG A 28 7.59 -19.89 1.37
C ARG A 28 6.38 -19.55 0.49
N TYR A 29 5.57 -18.62 0.92
CA TYR A 29 4.37 -18.23 0.11
C TYR A 29 4.64 -16.87 -0.55
N ALA A 30 4.34 -16.74 -1.82
CA ALA A 30 4.61 -15.43 -2.51
C ALA A 30 3.30 -14.78 -2.96
N PHE A 31 3.03 -13.60 -2.47
CA PHE A 31 1.78 -12.87 -2.87
C PHE A 31 2.14 -11.60 -3.65
N ALA A 32 1.48 -11.34 -4.76
CA ALA A 32 1.78 -10.10 -5.54
C ALA A 32 0.57 -9.18 -5.45
N TYR A 33 0.76 -7.93 -5.14
CA TYR A 33 -0.41 -7.01 -5.03
C TYR A 33 -0.22 -5.74 -5.87
N SER A 34 -1.29 -5.23 -6.44
CA SER A 34 -1.19 -4.00 -7.27
C SER A 34 -1.73 -2.80 -6.50
N ILE A 35 -1.08 -1.67 -6.62
CA ILE A 35 -1.53 -0.45 -5.88
C ILE A 35 -2.16 0.57 -6.83
N ARG A 36 -3.30 1.10 -6.45
CA ARG A 36 -3.99 2.11 -7.29
C ARG A 36 -4.25 3.38 -6.49
N ILE A 37 -3.40 4.36 -6.65
CA ILE A 37 -3.54 5.65 -5.90
C ILE A 37 -4.40 6.63 -6.69
N GLN A 38 -5.53 7.02 -6.14
CA GLN A 38 -6.42 8.00 -6.84
C GLN A 38 -6.56 9.28 -5.99
N ASN A 39 -6.41 10.42 -6.60
CA ASN A 39 -6.52 11.70 -5.85
C ASN A 39 -7.94 12.26 -5.95
N ALA A 40 -8.64 12.37 -4.85
CA ALA A 40 -10.02 12.93 -4.88
C ALA A 40 -10.09 14.27 -4.12
N GLY A 41 -8.96 14.86 -3.81
CA GLY A 41 -8.98 16.16 -3.07
C GLY A 41 -9.22 17.30 -4.07
N ALA A 42 -9.20 18.53 -3.59
CA ALA A 42 -9.44 19.69 -4.50
C ALA A 42 -8.11 20.26 -4.97
N VAL A 43 -7.12 20.21 -4.12
CA VAL A 43 -5.78 20.76 -4.47
C VAL A 43 -4.81 19.59 -4.77
N PRO A 44 -3.98 19.77 -5.77
CA PRO A 44 -3.02 18.67 -6.13
C PRO A 44 -2.21 18.20 -4.91
N ALA A 45 -1.97 16.92 -4.82
CA ALA A 45 -1.21 16.36 -3.67
C ALA A 45 -0.25 15.27 -4.12
N ARG A 46 0.83 15.10 -3.39
CA ARG A 46 1.83 14.04 -3.75
C ARG A 46 2.10 13.16 -2.53
N LEU A 47 2.58 11.96 -2.76
CA LEU A 47 2.86 11.03 -1.62
C LEU A 47 4.35 11.12 -1.26
N VAL A 48 4.66 11.55 -0.06
CA VAL A 48 6.09 11.69 0.34
C VAL A 48 6.56 10.49 1.19
N ALA A 49 5.67 9.88 1.94
CA ALA A 49 6.11 8.74 2.80
C ALA A 49 5.09 7.59 2.82
N ARG A 50 5.51 6.44 3.27
CA ARG A 50 4.61 5.26 3.34
C ARG A 50 4.88 4.42 4.59
N HIS A 51 3.85 3.91 5.20
CA HIS A 51 4.00 3.08 6.43
C HIS A 51 2.97 1.95 6.41
N TRP A 52 3.43 0.72 6.29
CA TRP A 52 2.49 -0.44 6.25
C TRP A 52 2.41 -1.13 7.61
N GLN A 53 1.22 -1.44 8.06
CA GLN A 53 1.06 -2.13 9.38
C GLN A 53 0.44 -3.52 9.17
N ILE A 54 1.23 -4.46 8.72
CA ILE A 54 0.69 -5.84 8.46
C ILE A 54 0.72 -6.71 9.73
N THR A 55 -0.38 -7.33 10.05
CA THR A 55 -0.44 -8.23 11.24
C THR A 55 -0.79 -9.65 10.77
N ASP A 56 -0.06 -10.63 11.24
CA ASP A 56 -0.32 -12.02 10.79
C ASP A 56 -1.38 -12.71 11.68
N GLY A 57 -1.83 -13.85 11.25
CA GLY A 57 -2.88 -14.61 12.02
C GLY A 57 -2.40 -15.01 13.42
N ASN A 58 -1.14 -14.80 13.76
CA ASN A 58 -0.67 -15.17 15.13
C ASN A 58 -0.56 -13.91 16.01
N GLY A 59 -1.02 -12.77 15.53
CA GLY A 59 -0.97 -11.52 16.35
C GLY A 59 0.31 -10.74 16.05
N ARG A 60 1.38 -11.40 15.68
CA ARG A 60 2.65 -10.66 15.39
C ARG A 60 2.44 -9.73 14.18
N THR A 61 3.03 -8.57 14.21
CA THR A 61 2.86 -7.62 13.06
C THR A 61 4.20 -7.02 12.65
N GLU A 62 4.34 -6.63 11.41
CA GLU A 62 5.62 -6.04 10.92
C GLU A 62 5.37 -4.64 10.34
N GLN A 63 6.08 -3.65 10.85
CA GLN A 63 5.90 -2.26 10.35
C GLN A 63 7.05 -1.88 9.40
N VAL A 64 6.73 -1.28 8.29
CA VAL A 64 7.80 -0.88 7.31
C VAL A 64 7.64 0.60 6.95
N ASP A 65 8.73 1.32 6.98
CA ASP A 65 8.68 2.78 6.64
C ASP A 65 9.69 3.10 5.54
N GLY A 66 9.24 3.74 4.49
CA GLY A 66 10.16 4.11 3.36
C GLY A 66 9.75 5.47 2.82
N GLU A 67 10.36 5.92 1.75
CA GLU A 67 9.99 7.25 1.17
C GLU A 67 8.55 7.20 0.64
N GLY A 68 8.20 8.07 -0.28
CA GLY A 68 6.82 8.08 -0.84
C GLY A 68 6.41 6.68 -1.31
N VAL A 69 6.66 6.35 -2.56
CA VAL A 69 6.28 5.00 -3.07
C VAL A 69 7.38 4.47 -4.00
N VAL A 70 7.83 3.26 -3.75
CA VAL A 70 8.91 2.61 -4.56
C VAL A 70 10.04 3.60 -4.93
N GLY A 71 10.33 4.52 -4.05
CA GLY A 71 11.45 5.50 -4.30
C GLY A 71 11.01 6.69 -5.17
N GLU A 72 9.74 7.01 -5.22
CA GLU A 72 9.31 8.19 -6.05
C GLU A 72 8.21 9.01 -5.34
N GLN A 73 8.17 10.29 -5.60
CA GLN A 73 7.15 11.17 -4.97
C GLN A 73 6.20 11.68 -6.05
N PRO A 74 5.32 10.81 -6.52
CA PRO A 74 4.37 11.23 -7.59
C PRO A 74 3.54 12.44 -7.18
N TRP A 75 3.30 13.33 -8.10
CA TRP A 75 2.47 14.54 -7.83
C TRP A 75 1.08 14.33 -8.43
N LEU A 76 0.27 13.54 -7.80
CA LEU A 76 -1.10 13.25 -8.35
C LEU A 76 -1.96 14.51 -8.41
N ARG A 77 -2.42 14.87 -9.59
CA ARG A 77 -3.30 16.06 -9.73
C ARG A 77 -4.75 15.62 -9.48
N PRO A 78 -5.60 16.56 -9.13
CA PRO A 78 -7.02 16.18 -8.86
C PRO A 78 -7.62 15.41 -10.05
N GLY A 79 -8.20 14.28 -9.77
CA GLY A 79 -8.82 13.45 -10.85
C GLY A 79 -7.79 12.46 -11.43
N GLU A 80 -6.52 12.67 -11.21
CA GLU A 80 -5.49 11.73 -11.75
C GLU A 80 -5.23 10.59 -10.76
N ALA A 81 -4.59 9.54 -11.22
CA ALA A 81 -4.30 8.38 -10.32
C ALA A 81 -2.96 7.73 -10.71
N PHE A 82 -2.28 7.16 -9.75
CA PHE A 82 -0.97 6.49 -10.04
C PHE A 82 -1.09 5.00 -9.72
N HIS A 83 -0.44 4.14 -10.48
CA HIS A 83 -0.54 2.68 -10.18
C HIS A 83 0.80 1.98 -10.45
N TYR A 84 1.17 1.05 -9.60
CA TYR A 84 2.45 0.29 -9.79
C TYR A 84 2.31 -1.12 -9.19
N THR A 85 3.15 -2.03 -9.60
CA THR A 85 3.05 -3.43 -9.07
C THR A 85 4.15 -3.68 -8.02
N SER A 86 3.78 -4.32 -6.93
CA SER A 86 4.80 -4.61 -5.85
C SER A 86 4.82 -6.11 -5.55
N GLY A 87 5.78 -6.57 -4.78
CA GLY A 87 5.83 -8.03 -4.45
C GLY A 87 6.23 -8.22 -2.98
N VAL A 88 5.43 -8.95 -2.23
CA VAL A 88 5.75 -9.21 -0.80
C VAL A 88 5.65 -10.72 -0.51
N LEU A 89 6.38 -11.19 0.47
CA LEU A 89 6.34 -12.65 0.79
C LEU A 89 5.66 -12.88 2.15
N LEU A 90 4.89 -13.93 2.27
CA LEU A 90 4.20 -14.22 3.56
C LEU A 90 4.60 -15.60 4.08
N GLU A 91 4.70 -15.76 5.37
CA GLU A 91 5.10 -17.09 5.95
C GLU A 91 3.90 -18.05 6.00
N THR A 92 2.70 -17.54 6.08
CA THR A 92 1.50 -18.43 6.16
C THR A 92 0.52 -18.10 5.03
N GLU A 93 -0.47 -18.95 4.84
CA GLU A 93 -1.47 -18.71 3.75
C GLU A 93 -2.62 -17.80 4.21
N GLN A 94 -2.48 -17.17 5.37
CA GLN A 94 -3.58 -16.27 5.85
C GLN A 94 -2.98 -15.03 6.49
N GLY A 95 -3.61 -13.88 6.37
CA GLY A 95 -3.02 -12.67 7.01
C GLY A 95 -3.84 -11.40 6.72
N GLN A 96 -3.70 -10.42 7.57
CA GLN A 96 -4.42 -9.12 7.40
C GLN A 96 -3.39 -8.00 7.22
N MET A 97 -3.54 -7.20 6.20
CA MET A 97 -2.54 -6.10 5.97
C MET A 97 -3.23 -4.74 5.86
N GLN A 98 -2.94 -3.83 6.76
CA GLN A 98 -3.54 -2.47 6.71
C GLN A 98 -2.39 -1.45 6.74
N GLY A 99 -2.55 -0.30 6.12
CA GLY A 99 -1.42 0.69 6.14
C GLY A 99 -1.93 2.11 5.94
N HIS A 100 -1.03 3.06 5.92
CA HIS A 100 -1.43 4.48 5.72
C HIS A 100 -0.47 5.15 4.73
N TYR A 101 -0.92 6.19 4.07
CA TYR A 101 -0.03 6.90 3.09
C TYR A 101 0.20 8.34 3.52
N ASP A 102 1.44 8.77 3.62
CA ASP A 102 1.71 10.19 3.99
C ASP A 102 1.66 11.05 2.73
N MET A 103 0.77 12.01 2.70
CA MET A 103 0.63 12.89 1.51
C MET A 103 0.78 14.36 1.91
N VAL A 104 1.06 15.22 0.97
CA VAL A 104 1.23 16.66 1.28
C VAL A 104 0.60 17.52 0.18
N ALA A 105 -0.22 18.47 0.55
CA ALA A 105 -0.85 19.36 -0.47
C ALA A 105 0.18 20.36 -1.00
N ASP A 106 -0.13 21.03 -2.09
CA ASP A 106 0.85 22.01 -2.65
C ASP A 106 1.05 23.18 -1.68
N ASP A 107 0.05 23.50 -0.90
CA ASP A 107 0.17 24.63 0.06
C ASP A 107 1.04 24.25 1.26
N GLY A 108 1.43 23.00 1.38
CA GLY A 108 2.29 22.59 2.53
C GLY A 108 1.43 21.89 3.60
N THR A 109 0.12 21.92 3.48
CA THR A 109 -0.74 21.24 4.51
C THR A 109 -0.38 19.76 4.61
N GLU A 110 -0.24 19.24 5.81
CA GLU A 110 0.11 17.80 5.96
C GLU A 110 -1.12 16.96 6.29
N PHE A 111 -1.24 15.81 5.69
CA PHE A 111 -2.40 14.91 5.96
C PHE A 111 -2.09 13.48 5.49
N ILE A 112 -2.57 12.51 6.22
CA ILE A 112 -2.30 11.08 5.86
C ILE A 112 -3.51 10.46 5.14
N ALA A 113 -3.28 9.44 4.38
CA ALA A 113 -4.40 8.76 3.65
C ALA A 113 -4.45 7.26 4.07
N PRO A 114 -5.35 6.96 4.97
CA PRO A 114 -5.46 5.54 5.43
C PRO A 114 -5.72 4.57 4.28
N ILE A 115 -5.12 3.41 4.37
CA ILE A 115 -5.30 2.36 3.32
C ILE A 115 -6.15 1.24 3.91
N ALA A 116 -7.26 0.93 3.25
CA ALA A 116 -8.17 -0.14 3.76
C ALA A 116 -7.41 -1.43 4.04
N ALA A 117 -7.83 -2.16 5.05
CA ALA A 117 -7.13 -3.44 5.39
C ALA A 117 -7.82 -4.61 4.70
N PHE A 118 -7.11 -5.33 3.87
CA PHE A 118 -7.72 -6.50 3.18
C PHE A 118 -7.14 -7.79 3.78
N VAL A 119 -7.72 -8.92 3.47
CA VAL A 119 -7.19 -10.20 4.04
C VAL A 119 -6.61 -11.08 2.91
N LEU A 120 -5.69 -11.94 3.26
CA LEU A 120 -5.08 -12.83 2.23
C LEU A 120 -5.46 -14.28 2.54
N SER A 121 -5.90 -15.02 1.55
CA SER A 121 -6.29 -16.43 1.78
C SER A 121 -6.14 -17.23 0.48
N ARG A 6 -10.73 20.10 1.45
CA ARG A 6 -10.11 20.04 0.09
C ARG A 6 -9.01 18.96 0.04
N TYR A 7 -8.96 18.08 1.01
CA TYR A 7 -7.91 17.02 1.01
C TYR A 7 -8.56 15.63 1.01
N ARG A 8 -8.39 14.90 -0.05
CA ARG A 8 -8.98 13.53 -0.15
C ARG A 8 -8.13 12.65 -1.08
N VAL A 9 -7.88 11.43 -0.67
CA VAL A 9 -7.07 10.49 -1.49
C VAL A 9 -7.51 9.04 -1.20
N GLU A 10 -8.07 8.39 -2.18
CA GLU A 10 -8.51 6.97 -2.01
C GLU A 10 -7.56 6.04 -2.76
N VAL A 11 -7.08 5.03 -2.08
CA VAL A 11 -6.14 4.05 -2.72
C VAL A 11 -6.77 2.66 -2.72
N GLU A 12 -6.62 1.94 -3.80
CA GLU A 12 -7.21 0.56 -3.87
C GLU A 12 -6.11 -0.46 -4.16
N VAL A 13 -6.13 -1.58 -3.47
CA VAL A 13 -5.08 -2.62 -3.68
C VAL A 13 -5.73 -3.98 -3.91
N SER A 14 -5.23 -4.73 -4.88
CA SER A 14 -5.81 -6.08 -5.17
C SER A 14 -4.71 -7.15 -5.13
N PRO A 15 -4.69 -7.92 -4.07
CA PRO A 15 -3.65 -8.98 -3.96
C PRO A 15 -4.09 -10.26 -4.70
N ARG A 16 -3.16 -11.15 -4.94
CA ARG A 16 -3.48 -12.43 -5.65
C ARG A 16 -2.43 -13.48 -5.32
N PHE A 17 -2.87 -14.67 -4.99
CA PHE A 17 -1.92 -15.77 -4.63
C PHE A 17 -0.96 -16.07 -5.79
N LEU A 18 0.30 -16.29 -5.47
CA LEU A 18 1.30 -16.59 -6.54
C LEU A 18 1.86 -18.00 -6.37
N ALA A 19 1.12 -18.98 -6.82
CA ALA A 19 1.54 -20.41 -6.73
C ALA A 19 2.69 -20.71 -7.71
N HIS A 20 2.69 -20.10 -8.87
CA HIS A 20 3.77 -20.39 -9.86
C HIS A 20 5.12 -19.84 -9.37
N GLN A 21 5.10 -18.84 -8.51
CA GLN A 21 6.39 -18.28 -8.01
C GLN A 21 6.46 -18.38 -6.48
N SER A 22 6.13 -19.54 -5.95
CA SER A 22 6.18 -19.70 -4.46
C SER A 22 6.10 -21.18 -4.07
N THR A 23 6.71 -21.55 -2.97
CA THR A 23 6.66 -22.96 -2.51
C THR A 23 6.06 -23.01 -1.10
N PRO A 24 4.75 -23.20 -1.05
CA PRO A 24 4.06 -23.21 0.28
C PRO A 24 4.49 -24.41 1.13
N ASP A 25 4.96 -25.47 0.52
CA ASP A 25 5.37 -26.67 1.30
C ASP A 25 6.57 -26.37 2.20
N GLU A 26 7.34 -25.36 1.88
CA GLU A 26 8.53 -25.03 2.73
C GLU A 26 8.27 -23.76 3.55
N GLY A 27 7.02 -23.44 3.79
CA GLY A 27 6.70 -22.20 4.58
C GLY A 27 7.07 -20.96 3.78
N ARG A 28 7.03 -21.04 2.48
CA ARG A 28 7.38 -19.87 1.62
C ARG A 28 6.20 -19.51 0.71
N TYR A 29 5.36 -18.59 1.13
CA TYR A 29 4.21 -18.19 0.29
C TYR A 29 4.49 -16.82 -0.33
N ALA A 30 4.28 -16.67 -1.61
CA ALA A 30 4.56 -15.35 -2.26
C ALA A 30 3.27 -14.71 -2.78
N PHE A 31 2.95 -13.54 -2.31
CA PHE A 31 1.72 -12.84 -2.78
C PHE A 31 2.11 -11.56 -3.53
N ALA A 32 1.49 -11.30 -4.65
CA ALA A 32 1.82 -10.05 -5.41
C ALA A 32 0.60 -9.13 -5.35
N TYR A 33 0.79 -7.87 -5.03
CA TYR A 33 -0.38 -6.94 -4.94
C TYR A 33 -0.16 -5.67 -5.76
N SER A 34 -1.21 -5.16 -6.36
CA SER A 34 -1.08 -3.92 -7.18
C SER A 34 -1.65 -2.72 -6.41
N ILE A 35 -1.01 -1.59 -6.51
CA ILE A 35 -1.48 -0.38 -5.77
C ILE A 35 -2.12 0.64 -6.72
N ARG A 36 -3.27 1.13 -6.36
CA ARG A 36 -3.98 2.13 -7.21
C ARG A 36 -4.24 3.40 -6.40
N ILE A 37 -3.40 4.38 -6.55
CA ILE A 37 -3.56 5.66 -5.79
C ILE A 37 -4.40 6.66 -6.60
N GLN A 38 -5.54 7.04 -6.10
CA GLN A 38 -6.40 8.03 -6.82
C GLN A 38 -6.56 9.29 -5.95
N ASN A 39 -6.39 10.44 -6.54
CA ASN A 39 -6.52 11.71 -5.75
C ASN A 39 -7.94 12.29 -5.90
N ALA A 40 -8.67 12.39 -4.82
CA ALA A 40 -10.05 12.97 -4.87
C ALA A 40 -10.11 14.29 -4.09
N GLY A 41 -8.98 14.86 -3.74
CA GLY A 41 -8.99 16.15 -2.98
C GLY A 41 -9.22 17.30 -3.96
N ALA A 42 -9.27 18.52 -3.46
CA ALA A 42 -9.48 19.69 -4.36
C ALA A 42 -8.14 20.27 -4.81
N VAL A 43 -7.17 20.20 -3.95
CA VAL A 43 -5.81 20.74 -4.29
C VAL A 43 -4.86 19.57 -4.60
N PRO A 44 -4.02 19.75 -5.62
CA PRO A 44 -3.07 18.65 -5.98
C PRO A 44 -2.28 18.17 -4.76
N ALA A 45 -1.96 16.90 -4.73
CA ALA A 45 -1.20 16.34 -3.57
C ALA A 45 -0.11 15.37 -4.03
N ARG A 46 0.94 15.26 -3.26
CA ARG A 46 2.06 14.35 -3.61
C ARG A 46 2.34 13.43 -2.42
N LEU A 47 2.87 12.26 -2.68
CA LEU A 47 3.16 11.30 -1.56
C LEU A 47 4.63 11.43 -1.15
N VAL A 48 4.88 11.84 0.07
CA VAL A 48 6.29 11.99 0.54
C VAL A 48 6.71 10.78 1.38
N ALA A 49 5.76 10.13 2.03
CA ALA A 49 6.15 8.96 2.89
C ALA A 49 5.14 7.81 2.78
N ARG A 50 5.55 6.64 3.18
CA ARG A 50 4.66 5.44 3.14
C ARG A 50 4.88 4.59 4.40
N HIS A 51 3.82 4.07 4.96
CA HIS A 51 3.94 3.24 6.19
C HIS A 51 2.92 2.10 6.17
N TRP A 52 3.39 0.88 6.03
CA TRP A 52 2.49 -0.30 6.00
C TRP A 52 2.54 -1.09 7.32
N GLN A 53 1.40 -1.48 7.82
CA GLN A 53 1.36 -2.25 9.10
C GLN A 53 0.80 -3.66 8.82
N ILE A 54 1.63 -4.56 8.37
CA ILE A 54 1.15 -5.94 8.05
C ILE A 54 1.13 -6.84 9.31
N THR A 55 0.01 -7.47 9.56
CA THR A 55 -0.10 -8.39 10.73
C THR A 55 -0.44 -9.79 10.22
N ASP A 56 0.26 -10.79 10.69
CA ASP A 56 0.00 -12.18 10.23
C ASP A 56 -1.07 -12.86 11.07
N GLY A 57 -1.53 -14.01 10.64
CA GLY A 57 -2.58 -14.76 11.38
C GLY A 57 -2.11 -15.19 12.79
N ASN A 58 -0.86 -15.00 13.13
CA ASN A 58 -0.40 -15.39 14.50
C ASN A 58 -0.30 -14.15 15.41
N GLY A 59 -0.75 -13.01 14.95
CA GLY A 59 -0.69 -11.77 15.78
C GLY A 59 0.60 -10.99 15.51
N ARG A 60 1.66 -11.65 15.13
CA ARG A 60 2.94 -10.92 14.86
C ARG A 60 2.74 -9.96 13.69
N THR A 61 3.33 -8.78 13.76
CA THR A 61 3.15 -7.80 12.65
C THR A 61 4.50 -7.15 12.29
N GLU A 62 4.64 -6.71 11.07
CA GLU A 62 5.91 -6.06 10.64
C GLU A 62 5.65 -4.64 10.15
N GLN A 63 6.29 -3.67 10.75
CA GLN A 63 6.07 -2.25 10.34
C GLN A 63 7.18 -1.77 9.39
N VAL A 64 6.81 -1.07 8.35
CA VAL A 64 7.84 -0.58 7.38
C VAL A 64 7.64 0.92 7.12
N ASP A 65 8.71 1.67 7.20
CA ASP A 65 8.64 3.14 6.96
C ASP A 65 9.66 3.57 5.90
N GLY A 66 9.22 4.27 4.89
CA GLY A 66 10.17 4.71 3.81
C GLY A 66 9.62 5.97 3.15
N GLU A 67 10.39 6.58 2.29
CA GLU A 67 9.91 7.83 1.60
C GLU A 67 9.78 7.57 0.09
N GLY A 68 9.00 8.37 -0.59
CA GLY A 68 8.84 8.22 -2.07
C GLY A 68 8.53 6.77 -2.45
N VAL A 69 7.26 6.44 -2.63
CA VAL A 69 6.85 5.04 -3.01
C VAL A 69 7.75 4.48 -4.13
N VAL A 70 8.20 3.27 -3.95
CA VAL A 70 9.10 2.57 -4.93
C VAL A 70 10.17 3.54 -5.49
N GLY A 71 10.65 4.42 -4.66
CA GLY A 71 11.72 5.38 -5.08
C GLY A 71 11.15 6.62 -5.80
N GLU A 72 9.89 6.93 -5.62
CA GLU A 72 9.35 8.15 -6.33
C GLU A 72 8.29 8.88 -5.49
N GLN A 73 8.16 10.15 -5.74
CA GLN A 73 7.17 11.00 -5.03
C GLN A 73 6.20 11.58 -6.07
N PRO A 74 5.33 10.73 -6.58
CA PRO A 74 4.38 11.20 -7.63
C PRO A 74 3.56 12.42 -7.17
N TRP A 75 3.36 13.36 -8.06
CA TRP A 75 2.55 14.57 -7.73
C TRP A 75 1.14 14.37 -8.29
N LEU A 76 0.35 13.56 -7.63
CA LEU A 76 -1.04 13.29 -8.13
C LEU A 76 -1.89 14.56 -8.18
N ARG A 77 -2.36 14.90 -9.35
CA ARG A 77 -3.23 16.09 -9.50
C ARG A 77 -4.68 15.67 -9.23
N PRO A 78 -5.52 16.62 -8.88
CA PRO A 78 -6.94 16.26 -8.61
C PRO A 78 -7.55 15.50 -9.79
N GLY A 79 -8.14 14.36 -9.51
CA GLY A 79 -8.77 13.54 -10.60
C GLY A 79 -7.75 12.56 -11.21
N GLU A 80 -6.47 12.78 -10.99
CA GLU A 80 -5.44 11.85 -11.55
C GLU A 80 -5.19 10.68 -10.59
N ALA A 81 -4.56 9.63 -11.07
CA ALA A 81 -4.27 8.45 -10.20
C ALA A 81 -2.93 7.81 -10.60
N PHE A 82 -2.24 7.21 -9.66
CA PHE A 82 -0.95 6.56 -9.98
C PHE A 82 -1.05 5.06 -9.66
N HIS A 83 -0.37 4.22 -10.39
CA HIS A 83 -0.45 2.74 -10.11
C HIS A 83 0.90 2.05 -10.33
N TYR A 84 1.25 1.13 -9.47
CA TYR A 84 2.52 0.39 -9.63
C TYR A 84 2.39 -1.02 -9.02
N THR A 85 3.25 -1.93 -9.42
CA THR A 85 3.16 -3.32 -8.88
C THR A 85 4.21 -3.56 -7.80
N SER A 86 3.82 -4.20 -6.72
CA SER A 86 4.79 -4.48 -5.61
C SER A 86 4.82 -5.98 -5.31
N GLY A 87 5.75 -6.44 -4.50
CA GLY A 87 5.80 -7.90 -4.17
C GLY A 87 6.16 -8.10 -2.70
N VAL A 88 5.33 -8.83 -1.98
CA VAL A 88 5.60 -9.11 -0.53
C VAL A 88 5.49 -10.61 -0.27
N LEU A 89 6.19 -11.11 0.72
CA LEU A 89 6.14 -12.57 1.03
C LEU A 89 5.43 -12.81 2.36
N LEU A 90 4.66 -13.87 2.45
CA LEU A 90 3.93 -14.18 3.73
C LEU A 90 4.34 -15.56 4.24
N GLU A 91 4.41 -15.74 5.54
CA GLU A 91 4.82 -17.06 6.10
C GLU A 91 3.64 -18.05 6.07
N THR A 92 2.42 -17.55 6.13
CA THR A 92 1.24 -18.47 6.12
C THR A 92 0.29 -18.11 4.96
N GLU A 93 -0.71 -18.93 4.75
CA GLU A 93 -1.68 -18.66 3.63
C GLU A 93 -2.81 -17.74 4.08
N GLN A 94 -2.69 -17.11 5.23
CA GLN A 94 -3.78 -16.19 5.69
C GLN A 94 -3.16 -14.96 6.36
N GLY A 95 -3.76 -13.80 6.22
CA GLY A 95 -3.17 -12.60 6.88
C GLY A 95 -3.96 -11.32 6.59
N GLN A 96 -3.79 -10.33 7.44
CA GLN A 96 -4.49 -9.03 7.27
C GLN A 96 -3.45 -7.92 7.10
N MET A 97 -3.58 -7.09 6.10
CA MET A 97 -2.58 -6.00 5.90
C MET A 97 -3.27 -4.63 5.81
N GLN A 98 -2.92 -3.72 6.69
CA GLN A 98 -3.53 -2.36 6.67
C GLN A 98 -2.39 -1.34 6.57
N GLY A 99 -2.59 -0.20 5.95
CA GLY A 99 -1.45 0.77 5.86
C GLY A 99 -1.94 2.19 5.57
N HIS A 100 -1.04 3.14 5.65
CA HIS A 100 -1.42 4.56 5.37
C HIS A 100 -0.37 5.21 4.47
N TYR A 101 -0.75 6.21 3.72
CA TYR A 101 0.22 6.89 2.83
C TYR A 101 0.34 8.37 3.22
N ASP A 102 1.52 8.86 3.46
CA ASP A 102 1.67 10.30 3.82
C ASP A 102 1.64 11.14 2.54
N MET A 103 0.71 12.06 2.47
CA MET A 103 0.59 12.93 1.27
C MET A 103 0.76 14.40 1.66
N VAL A 104 1.05 15.25 0.72
CA VAL A 104 1.23 16.70 1.04
C VAL A 104 0.62 17.57 -0.05
N ALA A 105 -0.23 18.50 0.31
CA ALA A 105 -0.86 19.40 -0.70
C ALA A 105 0.17 20.42 -1.18
N ASP A 106 -0.12 21.12 -2.25
CA ASP A 106 0.85 22.12 -2.77
C ASP A 106 1.06 23.24 -1.75
N ASP A 107 0.06 23.53 -0.95
CA ASP A 107 0.20 24.61 0.07
C ASP A 107 1.10 24.17 1.24
N GLY A 108 1.43 22.90 1.31
CA GLY A 108 2.31 22.42 2.43
C GLY A 108 1.47 21.71 3.50
N THR A 109 0.16 21.73 3.39
CA THR A 109 -0.69 21.05 4.42
C THR A 109 -0.32 19.56 4.51
N GLU A 110 -0.21 19.03 5.70
CA GLU A 110 0.16 17.60 5.84
C GLU A 110 -1.07 16.73 6.15
N PHE A 111 -1.13 15.56 5.58
CA PHE A 111 -2.29 14.66 5.82
C PHE A 111 -1.99 13.25 5.27
N ILE A 112 -2.49 12.23 5.92
CA ILE A 112 -2.22 10.83 5.46
C ILE A 112 -3.43 10.25 4.71
N ALA A 113 -3.21 9.25 3.92
CA ALA A 113 -4.32 8.59 3.17
C ALA A 113 -4.41 7.13 3.61
N PRO A 114 -5.30 6.86 4.55
CA PRO A 114 -5.43 5.46 5.05
C PRO A 114 -5.79 4.48 3.94
N ILE A 115 -5.23 3.30 4.04
CA ILE A 115 -5.51 2.22 3.05
C ILE A 115 -6.39 1.16 3.71
N ALA A 116 -7.56 0.92 3.18
CA ALA A 116 -8.50 -0.09 3.76
C ALA A 116 -7.80 -1.41 4.10
N ALA A 117 -8.41 -2.20 4.94
CA ALA A 117 -7.78 -3.50 5.33
C ALA A 117 -8.41 -4.65 4.54
N PHE A 118 -7.62 -5.34 3.76
CA PHE A 118 -8.16 -6.51 2.99
C PHE A 118 -7.56 -7.78 3.58
N VAL A 119 -8.09 -8.93 3.24
CA VAL A 119 -7.53 -10.20 3.80
C VAL A 119 -6.89 -11.03 2.69
N LEU A 120 -5.93 -11.86 3.05
CA LEU A 120 -5.25 -12.72 2.05
C LEU A 120 -5.61 -14.18 2.32
N SER A 121 -6.02 -14.91 1.31
CA SER A 121 -6.39 -16.35 1.51
C SER A 121 -6.22 -17.11 0.20
N ARG A 6 -10.89 20.06 1.46
CA ARG A 6 -10.29 20.04 0.09
C ARG A 6 -9.25 18.93 -0.03
N TYR A 7 -9.24 17.98 0.89
CA TYR A 7 -8.23 16.88 0.84
C TYR A 7 -8.94 15.52 0.82
N ARG A 8 -8.74 14.76 -0.21
CA ARG A 8 -9.38 13.41 -0.31
C ARG A 8 -8.58 12.51 -1.26
N VAL A 9 -8.31 11.29 -0.84
CA VAL A 9 -7.53 10.35 -1.69
C VAL A 9 -7.94 8.90 -1.36
N GLU A 10 -8.52 8.22 -2.32
CA GLU A 10 -8.93 6.81 -2.12
C GLU A 10 -7.98 5.88 -2.88
N VAL A 11 -7.46 4.89 -2.20
CA VAL A 11 -6.52 3.92 -2.85
C VAL A 11 -7.11 2.51 -2.81
N GLU A 12 -6.97 1.76 -3.87
CA GLU A 12 -7.51 0.38 -3.91
C GLU A 12 -6.39 -0.62 -4.21
N VAL A 13 -6.34 -1.71 -3.49
CA VAL A 13 -5.27 -2.73 -3.72
C VAL A 13 -5.88 -4.13 -3.88
N SER A 14 -5.39 -4.88 -4.84
CA SER A 14 -5.94 -6.26 -5.07
C SER A 14 -4.81 -7.30 -5.07
N PRO A 15 -4.71 -8.05 -3.99
CA PRO A 15 -3.65 -9.08 -3.92
C PRO A 15 -4.10 -10.37 -4.64
N ARG A 16 -3.15 -11.24 -4.91
CA ARG A 16 -3.47 -12.53 -5.62
C ARG A 16 -2.39 -13.57 -5.33
N PHE A 17 -2.81 -14.76 -4.97
CA PHE A 17 -1.85 -15.86 -4.64
C PHE A 17 -0.96 -16.21 -5.85
N LEU A 18 0.31 -16.46 -5.62
CA LEU A 18 1.22 -16.83 -6.74
C LEU A 18 1.77 -18.25 -6.54
N ALA A 19 1.00 -19.22 -6.94
CA ALA A 19 1.41 -20.65 -6.82
C ALA A 19 2.55 -20.97 -7.80
N HIS A 20 2.55 -20.36 -8.96
CA HIS A 20 3.63 -20.66 -9.95
C HIS A 20 4.98 -20.11 -9.48
N GLN A 21 4.98 -19.11 -8.62
CA GLN A 21 6.26 -18.53 -8.14
C GLN A 21 6.38 -18.63 -6.62
N SER A 22 5.94 -19.72 -6.04
CA SER A 22 6.03 -19.87 -4.55
C SER A 22 5.96 -21.34 -4.14
N THR A 23 6.60 -21.68 -3.06
CA THR A 23 6.56 -23.10 -2.57
C THR A 23 5.96 -23.12 -1.16
N PRO A 24 4.66 -23.34 -1.10
CA PRO A 24 3.99 -23.35 0.24
C PRO A 24 4.44 -24.54 1.10
N ASP A 25 4.93 -25.58 0.49
CA ASP A 25 5.36 -26.78 1.28
C ASP A 25 6.60 -26.45 2.14
N GLU A 26 7.35 -25.44 1.77
CA GLU A 26 8.57 -25.09 2.58
C GLU A 26 8.33 -23.82 3.42
N GLY A 27 7.09 -23.50 3.69
CA GLY A 27 6.79 -22.28 4.51
C GLY A 27 7.15 -21.03 3.71
N ARG A 28 7.12 -21.12 2.40
CA ARG A 28 7.46 -19.95 1.55
C ARG A 28 6.27 -19.59 0.65
N TYR A 29 5.44 -18.66 1.08
CA TYR A 29 4.27 -18.25 0.25
C TYR A 29 4.54 -16.89 -0.38
N ALA A 30 4.25 -16.74 -1.65
CA ALA A 30 4.51 -15.44 -2.32
C ALA A 30 3.21 -14.77 -2.77
N PHE A 31 2.94 -13.58 -2.30
CA PHE A 31 1.70 -12.87 -2.70
C PHE A 31 2.06 -11.58 -3.46
N ALA A 32 1.44 -11.32 -4.58
CA ALA A 32 1.74 -10.07 -5.34
C ALA A 32 0.51 -9.17 -5.29
N TYR A 33 0.68 -7.90 -4.97
CA TYR A 33 -0.53 -7.01 -4.89
C TYR A 33 -0.32 -5.75 -5.75
N SER A 34 -1.38 -5.27 -6.35
CA SER A 34 -1.29 -4.05 -7.20
C SER A 34 -1.88 -2.86 -6.43
N ILE A 35 -1.24 -1.72 -6.52
CA ILE A 35 -1.75 -0.51 -5.79
C ILE A 35 -2.34 0.51 -6.75
N ARG A 36 -3.49 1.03 -6.41
CA ARG A 36 -4.15 2.04 -7.26
C ARG A 36 -4.43 3.31 -6.45
N ILE A 37 -3.58 4.29 -6.57
CA ILE A 37 -3.75 5.56 -5.81
C ILE A 37 -4.57 6.57 -6.63
N GLN A 38 -5.71 6.96 -6.13
CA GLN A 38 -6.56 7.96 -6.86
C GLN A 38 -6.70 9.22 -6.01
N ASN A 39 -6.47 10.37 -6.59
CA ASN A 39 -6.58 11.64 -5.83
C ASN A 39 -7.95 12.27 -6.04
N ALA A 40 -8.73 12.41 -4.99
CA ALA A 40 -10.08 13.03 -5.13
C ALA A 40 -10.17 14.32 -4.30
N GLY A 41 -9.05 14.88 -3.92
CA GLY A 41 -9.07 16.14 -3.10
C GLY A 41 -9.27 17.34 -4.03
N ALA A 42 -9.35 18.52 -3.48
CA ALA A 42 -9.54 19.74 -4.32
C ALA A 42 -8.19 20.28 -4.79
N VAL A 43 -7.23 20.30 -3.92
CA VAL A 43 -5.88 20.81 -4.28
C VAL A 43 -4.94 19.65 -4.60
N PRO A 44 -4.13 19.82 -5.63
CA PRO A 44 -3.18 18.72 -6.01
C PRO A 44 -2.35 18.24 -4.82
N ALA A 45 -2.05 16.97 -4.79
CA ALA A 45 -1.25 16.41 -3.65
C ALA A 45 -0.24 15.37 -4.15
N ARG A 46 0.84 15.22 -3.44
CA ARG A 46 1.88 14.22 -3.84
C ARG A 46 2.20 13.32 -2.64
N LEU A 47 2.66 12.12 -2.90
CA LEU A 47 2.99 11.20 -1.78
C LEU A 47 4.48 11.31 -1.45
N VAL A 48 4.80 11.74 -0.27
CA VAL A 48 6.25 11.89 0.10
C VAL A 48 6.71 10.72 0.98
N ALA A 49 5.81 10.06 1.67
CA ALA A 49 6.25 8.92 2.55
C ALA A 49 5.25 7.76 2.54
N ARG A 50 5.69 6.61 2.97
CA ARG A 50 4.80 5.41 3.02
C ARG A 50 5.08 4.57 4.28
N HIS A 51 4.04 4.06 4.89
CA HIS A 51 4.21 3.24 6.13
C HIS A 51 3.17 2.11 6.14
N TRP A 52 3.63 0.89 6.03
CA TRP A 52 2.70 -0.28 6.02
C TRP A 52 2.71 -1.01 7.37
N GLN A 53 1.55 -1.37 7.86
CA GLN A 53 1.46 -2.10 9.16
C GLN A 53 0.87 -3.50 8.90
N ILE A 54 1.69 -4.43 8.49
CA ILE A 54 1.18 -5.81 8.20
C ILE A 54 1.07 -6.66 9.47
N THR A 55 -0.09 -7.23 9.70
CA THR A 55 -0.29 -8.11 10.89
C THR A 55 -0.73 -9.49 10.42
N ASP A 56 -0.08 -10.52 10.90
CA ASP A 56 -0.42 -11.90 10.47
C ASP A 56 -1.47 -12.54 11.40
N GLY A 57 -2.00 -13.66 10.99
CA GLY A 57 -3.04 -14.38 11.79
C GLY A 57 -2.51 -14.85 13.17
N ASN A 58 -1.23 -14.71 13.44
CA ASN A 58 -0.72 -15.16 14.79
C ASN A 58 -0.55 -13.94 15.73
N GLY A 59 -0.96 -12.77 15.30
CA GLY A 59 -0.85 -11.56 16.16
C GLY A 59 0.47 -10.83 15.92
N ARG A 60 1.50 -11.52 15.49
CA ARG A 60 2.81 -10.84 15.23
C ARG A 60 2.62 -9.83 14.10
N THR A 61 3.26 -8.68 14.20
CA THR A 61 3.09 -7.66 13.12
C THR A 61 4.45 -7.08 12.70
N GLU A 62 4.58 -6.67 11.48
CA GLU A 62 5.88 -6.09 11.01
C GLU A 62 5.64 -4.68 10.48
N GLN A 63 6.31 -3.72 11.05
CA GLN A 63 6.12 -2.30 10.60
C GLN A 63 7.27 -1.87 9.68
N VAL A 64 6.96 -1.23 8.60
CA VAL A 64 8.02 -0.78 7.64
C VAL A 64 7.85 0.71 7.33
N ASP A 65 8.92 1.45 7.45
CA ASP A 65 8.87 2.92 7.16
C ASP A 65 9.94 3.28 6.13
N GLY A 66 9.56 3.94 5.07
CA GLY A 66 10.56 4.33 4.03
C GLY A 66 10.12 5.64 3.37
N GLU A 67 11.07 6.46 2.98
CA GLU A 67 10.72 7.75 2.33
C GLU A 67 10.19 7.50 0.91
N GLY A 68 9.39 8.40 0.40
CA GLY A 68 8.84 8.25 -0.99
C GLY A 68 8.23 6.86 -1.19
N VAL A 69 7.89 6.55 -2.41
CA VAL A 69 7.29 5.21 -2.73
C VAL A 69 8.06 4.60 -3.91
N VAL A 70 8.51 3.38 -3.74
CA VAL A 70 9.29 2.65 -4.81
C VAL A 70 10.32 3.59 -5.49
N GLY A 71 10.85 4.52 -4.75
CA GLY A 71 11.89 5.44 -5.28
C GLY A 71 11.30 6.66 -6.01
N GLU A 72 10.05 7.00 -5.79
CA GLU A 72 9.47 8.18 -6.51
C GLU A 72 8.44 8.94 -5.66
N GLN A 73 8.33 10.23 -5.88
CA GLN A 73 7.35 11.08 -5.15
C GLN A 73 6.35 11.65 -6.18
N PRO A 74 5.48 10.78 -6.65
CA PRO A 74 4.50 11.24 -7.68
C PRO A 74 3.68 12.44 -7.22
N TRP A 75 3.40 13.35 -8.13
CA TRP A 75 2.59 14.56 -7.79
C TRP A 75 1.16 14.35 -8.29
N LEU A 76 0.40 13.56 -7.59
CA LEU A 76 -1.01 13.27 -8.03
C LEU A 76 -1.86 14.55 -8.07
N ARG A 77 -2.34 14.90 -9.23
CA ARG A 77 -3.22 16.10 -9.36
C ARG A 77 -4.67 15.68 -9.11
N PRO A 78 -5.50 16.63 -8.77
CA PRO A 78 -6.93 16.25 -8.51
C PRO A 78 -7.54 15.50 -9.70
N GLY A 79 -8.14 14.36 -9.44
CA GLY A 79 -8.76 13.56 -10.53
C GLY A 79 -7.74 12.57 -11.12
N GLU A 80 -6.47 12.78 -10.91
CA GLU A 80 -5.44 11.83 -11.47
C GLU A 80 -5.20 10.67 -10.49
N ALA A 81 -4.57 9.62 -10.97
CA ALA A 81 -4.30 8.45 -10.09
C ALA A 81 -2.95 7.81 -10.45
N PHE A 82 -2.29 7.23 -9.48
CA PHE A 82 -0.97 6.57 -9.75
C PHE A 82 -1.09 5.08 -9.42
N HIS A 83 -0.46 4.22 -10.18
CA HIS A 83 -0.56 2.75 -9.89
C HIS A 83 0.74 2.02 -10.23
N TYR A 84 1.14 1.08 -9.42
CA TYR A 84 2.38 0.29 -9.71
C TYR A 84 2.27 -1.11 -9.09
N THR A 85 3.08 -2.04 -9.52
CA THR A 85 3.00 -3.43 -8.96
C THR A 85 4.07 -3.66 -7.89
N SER A 86 3.70 -4.28 -6.80
CA SER A 86 4.68 -4.55 -5.70
C SER A 86 4.70 -6.05 -5.39
N GLY A 87 5.65 -6.51 -4.61
CA GLY A 87 5.69 -7.97 -4.27
C GLY A 87 6.07 -8.17 -2.80
N VAL A 88 5.26 -8.91 -2.07
CA VAL A 88 5.56 -9.17 -0.63
C VAL A 88 5.42 -10.68 -0.34
N LEU A 89 6.15 -11.18 0.62
CA LEU A 89 6.08 -12.64 0.94
C LEU A 89 5.41 -12.86 2.30
N LEU A 90 4.64 -13.93 2.42
CA LEU A 90 3.95 -14.22 3.71
C LEU A 90 4.37 -15.60 4.23
N GLU A 91 4.41 -15.77 5.52
CA GLU A 91 4.81 -17.11 6.09
C GLU A 91 3.64 -18.10 6.03
N THR A 92 2.43 -17.61 6.05
CA THR A 92 1.25 -18.53 6.01
C THR A 92 0.34 -18.17 4.83
N GLU A 93 -0.65 -19.00 4.57
CA GLU A 93 -1.59 -18.74 3.43
C GLU A 93 -2.74 -17.79 3.84
N GLN A 94 -2.66 -17.18 4.99
CA GLN A 94 -3.75 -16.25 5.41
C GLN A 94 -3.15 -15.03 6.12
N GLY A 95 -3.74 -13.87 5.97
CA GLY A 95 -3.17 -12.68 6.66
C GLY A 95 -3.95 -11.39 6.37
N GLN A 96 -3.86 -10.46 7.27
CA GLN A 96 -4.56 -9.15 7.11
C GLN A 96 -3.53 -8.01 7.12
N MET A 97 -3.58 -7.12 6.16
CA MET A 97 -2.58 -6.02 6.10
C MET A 97 -3.27 -4.65 6.01
N GLN A 98 -2.99 -3.76 6.93
CA GLN A 98 -3.59 -2.40 6.90
C GLN A 98 -2.45 -1.38 6.86
N GLY A 99 -2.64 -0.24 6.23
CA GLY A 99 -1.52 0.76 6.20
C GLY A 99 -2.01 2.13 5.76
N HIS A 100 -1.14 3.11 5.77
CA HIS A 100 -1.55 4.47 5.33
C HIS A 100 -0.43 5.13 4.51
N TYR A 101 -0.79 6.10 3.70
CA TYR A 101 0.23 6.80 2.85
C TYR A 101 0.35 8.27 3.29
N ASP A 102 1.55 8.74 3.52
CA ASP A 102 1.71 10.18 3.90
C ASP A 102 1.68 11.04 2.64
N MET A 103 0.75 11.96 2.59
CA MET A 103 0.61 12.85 1.40
C MET A 103 0.74 14.32 1.82
N VAL A 104 1.00 15.19 0.89
CA VAL A 104 1.15 16.64 1.23
C VAL A 104 0.53 17.51 0.14
N ALA A 105 -0.30 18.45 0.52
CA ALA A 105 -0.93 19.35 -0.49
C ALA A 105 0.12 20.33 -1.04
N ASP A 106 -0.18 21.01 -2.11
CA ASP A 106 0.81 21.97 -2.69
C ASP A 106 1.02 23.15 -1.75
N ASP A 107 0.03 23.49 -0.96
CA ASP A 107 0.18 24.65 -0.03
C ASP A 107 1.00 24.25 1.22
N GLY A 108 1.37 23.00 1.35
CA GLY A 108 2.17 22.58 2.53
C GLY A 108 1.28 21.83 3.54
N THR A 109 -0.02 21.83 3.35
CA THR A 109 -0.92 21.11 4.31
C THR A 109 -0.52 19.64 4.41
N GLU A 110 -0.42 19.10 5.60
CA GLU A 110 -0.02 17.68 5.75
C GLU A 110 -1.25 16.80 6.04
N PHE A 111 -1.30 15.64 5.44
CA PHE A 111 -2.45 14.72 5.68
C PHE A 111 -2.11 13.31 5.16
N ILE A 112 -2.56 12.30 5.85
CA ILE A 112 -2.26 10.90 5.43
C ILE A 112 -3.47 10.28 4.70
N ALA A 113 -3.23 9.25 3.92
CA ALA A 113 -4.34 8.56 3.21
C ALA A 113 -4.40 7.10 3.67
N PRO A 114 -5.24 6.84 4.63
CA PRO A 114 -5.34 5.45 5.17
C PRO A 114 -5.77 4.45 4.08
N ILE A 115 -5.23 3.27 4.18
CA ILE A 115 -5.57 2.18 3.21
C ILE A 115 -6.42 1.13 3.92
N ALA A 116 -7.61 0.89 3.43
CA ALA A 116 -8.53 -0.10 4.06
C ALA A 116 -7.82 -1.42 4.35
N ALA A 117 -8.44 -2.28 5.13
CA ALA A 117 -7.80 -3.58 5.48
C ALA A 117 -8.30 -4.68 4.53
N PHE A 118 -7.40 -5.28 3.80
CA PHE A 118 -7.78 -6.39 2.88
C PHE A 118 -7.16 -7.69 3.40
N VAL A 119 -7.66 -8.83 3.00
CA VAL A 119 -7.09 -10.11 3.50
C VAL A 119 -6.49 -10.93 2.35
N LEU A 120 -5.52 -11.75 2.66
CA LEU A 120 -4.88 -12.60 1.61
C LEU A 120 -5.19 -14.07 1.91
N SER A 121 -5.63 -14.80 0.92
CA SER A 121 -5.95 -16.24 1.13
C SER A 121 -5.84 -17.00 -0.20
N ARG A 6 -11.24 19.46 0.36
CA ARG A 6 -10.07 19.82 -0.49
C ARG A 6 -9.00 18.73 -0.42
N TYR A 7 -8.96 17.99 0.67
CA TYR A 7 -7.94 16.91 0.81
C TYR A 7 -8.61 15.53 0.79
N ARG A 8 -8.50 14.84 -0.31
CA ARG A 8 -9.12 13.48 -0.43
C ARG A 8 -8.30 12.60 -1.37
N VAL A 9 -8.00 11.40 -0.97
CA VAL A 9 -7.20 10.47 -1.82
C VAL A 9 -7.57 9.02 -1.48
N GLU A 10 -8.16 8.32 -2.41
CA GLU A 10 -8.53 6.90 -2.20
C GLU A 10 -7.61 5.99 -3.01
N VAL A 11 -7.05 4.99 -2.36
CA VAL A 11 -6.13 4.05 -3.06
C VAL A 11 -6.73 2.64 -3.02
N GLU A 12 -6.62 1.91 -4.11
CA GLU A 12 -7.18 0.53 -4.14
C GLU A 12 -6.06 -0.48 -4.44
N VAL A 13 -6.07 -1.59 -3.74
CA VAL A 13 -5.01 -2.63 -3.95
C VAL A 13 -5.66 -3.98 -4.20
N SER A 14 -5.16 -4.71 -5.17
CA SER A 14 -5.73 -6.05 -5.48
C SER A 14 -4.63 -7.13 -5.44
N PRO A 15 -4.63 -7.90 -4.38
CA PRO A 15 -3.60 -8.97 -4.27
C PRO A 15 -4.04 -10.24 -5.01
N ARG A 16 -3.11 -11.13 -5.25
CA ARG A 16 -3.42 -12.39 -5.98
C ARG A 16 -2.38 -13.47 -5.62
N PHE A 17 -2.83 -14.64 -5.29
CA PHE A 17 -1.90 -15.74 -4.90
C PHE A 17 -0.93 -16.08 -6.05
N LEU A 18 0.31 -16.31 -5.74
CA LEU A 18 1.31 -16.66 -6.80
C LEU A 18 1.85 -18.08 -6.59
N ALA A 19 1.06 -19.04 -6.99
CA ALA A 19 1.47 -20.49 -6.87
C ALA A 19 2.56 -20.84 -7.89
N HIS A 20 2.50 -20.26 -9.07
CA HIS A 20 3.53 -20.59 -10.11
C HIS A 20 4.91 -20.06 -9.70
N GLN A 21 4.96 -19.06 -8.85
CA GLN A 21 6.28 -18.51 -8.42
C GLN A 21 6.41 -18.58 -6.89
N SER A 22 6.00 -19.68 -6.31
CA SER A 22 6.11 -19.82 -4.83
C SER A 22 5.94 -21.28 -4.40
N THR A 23 6.56 -21.66 -3.31
CA THR A 23 6.43 -23.07 -2.82
C THR A 23 5.87 -23.05 -1.38
N PRO A 24 4.57 -23.18 -1.28
CA PRO A 24 3.94 -23.15 0.07
C PRO A 24 4.37 -24.35 0.92
N ASP A 25 4.79 -25.42 0.29
CA ASP A 25 5.20 -26.64 1.07
C ASP A 25 6.44 -26.34 1.93
N GLU A 26 7.22 -25.36 1.55
CA GLU A 26 8.44 -25.03 2.35
C GLU A 26 8.24 -23.74 3.15
N GLY A 27 7.01 -23.38 3.43
CA GLY A 27 6.73 -22.13 4.20
C GLY A 27 7.12 -20.91 3.35
N ARG A 28 7.03 -21.02 2.06
CA ARG A 28 7.38 -19.88 1.17
C ARG A 28 6.18 -19.49 0.30
N TYR A 29 5.39 -18.55 0.75
CA TYR A 29 4.21 -18.12 -0.06
C TYR A 29 4.51 -16.77 -0.70
N ALA A 30 4.23 -16.62 -1.98
CA ALA A 30 4.52 -15.31 -2.65
C ALA A 30 3.23 -14.64 -3.13
N PHE A 31 2.96 -13.46 -2.63
CA PHE A 31 1.72 -12.73 -3.05
C PHE A 31 2.12 -11.46 -3.81
N ALA A 32 1.49 -11.19 -4.92
CA ALA A 32 1.81 -9.95 -5.69
C ALA A 32 0.61 -9.02 -5.64
N TYR A 33 0.80 -7.76 -5.34
CA TYR A 33 -0.38 -6.84 -5.26
C TYR A 33 -0.15 -5.57 -6.09
N SER A 34 -1.19 -5.05 -6.70
CA SER A 34 -1.05 -3.82 -7.53
C SER A 34 -1.63 -2.63 -6.76
N ILE A 35 -0.98 -1.49 -6.84
CA ILE A 35 -1.46 -0.28 -6.12
C ILE A 35 -2.10 0.73 -7.08
N ARG A 36 -3.26 1.22 -6.72
CA ARG A 36 -3.97 2.21 -7.58
C ARG A 36 -4.25 3.48 -6.76
N ILE A 37 -3.42 4.47 -6.91
CA ILE A 37 -3.60 5.75 -6.17
C ILE A 37 -4.45 6.74 -6.98
N GLN A 38 -5.60 7.11 -6.47
CA GLN A 38 -6.48 8.09 -7.21
C GLN A 38 -6.66 9.34 -6.35
N ASN A 39 -6.54 10.50 -6.97
CA ASN A 39 -6.69 11.78 -6.21
C ASN A 39 -8.14 12.27 -6.24
N ALA A 40 -8.77 12.37 -5.10
CA ALA A 40 -10.18 12.87 -5.06
C ALA A 40 -10.25 14.22 -4.31
N GLY A 41 -9.12 14.81 -4.00
CA GLY A 41 -9.12 16.12 -3.28
C GLY A 41 -9.27 17.25 -4.30
N ALA A 42 -9.42 18.46 -3.83
CA ALA A 42 -9.57 19.62 -4.77
C ALA A 42 -8.19 20.14 -5.17
N VAL A 43 -7.24 20.04 -4.29
CA VAL A 43 -5.86 20.54 -4.58
C VAL A 43 -4.92 19.35 -4.83
N PRO A 44 -4.03 19.51 -5.80
CA PRO A 44 -3.08 18.39 -6.11
C PRO A 44 -2.32 17.93 -4.86
N ALA A 45 -1.98 16.66 -4.80
CA ALA A 45 -1.26 16.12 -3.62
C ALA A 45 -0.14 15.16 -4.04
N ARG A 46 0.89 15.07 -3.24
CA ARG A 46 2.03 14.16 -3.55
C ARG A 46 2.29 13.23 -2.36
N LEU A 47 2.86 12.08 -2.60
CA LEU A 47 3.15 11.13 -1.47
C LEU A 47 4.61 11.26 -1.05
N VAL A 48 4.85 11.66 0.18
CA VAL A 48 6.25 11.81 0.66
C VAL A 48 6.68 10.60 1.51
N ALA A 49 5.76 9.95 2.18
CA ALA A 49 6.17 8.79 3.02
C ALA A 49 5.15 7.64 2.99
N ARG A 50 5.55 6.49 3.44
CA ARG A 50 4.65 5.30 3.48
C ARG A 50 4.92 4.46 4.73
N HIS A 51 3.87 3.96 5.33
CA HIS A 51 4.02 3.13 6.57
C HIS A 51 3.00 1.99 6.56
N TRP A 52 3.48 0.77 6.48
CA TRP A 52 2.55 -0.40 6.45
C TRP A 52 2.48 -1.07 7.83
N GLN A 53 1.29 -1.37 8.28
CA GLN A 53 1.13 -2.03 9.62
C GLN A 53 0.53 -3.42 9.41
N ILE A 54 1.33 -4.37 8.98
CA ILE A 54 0.82 -5.75 8.73
C ILE A 54 0.75 -6.58 10.02
N THR A 55 -0.39 -7.17 10.28
CA THR A 55 -0.55 -8.03 11.50
C THR A 55 -0.95 -9.44 11.03
N ASP A 56 -0.27 -10.44 11.52
CA ASP A 56 -0.57 -11.83 11.10
C ASP A 56 -1.64 -12.47 11.99
N GLY A 57 -2.13 -13.62 11.59
CA GLY A 57 -3.18 -14.33 12.36
C GLY A 57 -2.70 -14.73 13.78
N ASN A 58 -1.45 -14.53 14.10
CA ASN A 58 -0.98 -14.90 15.48
C ASN A 58 -0.88 -13.63 16.36
N GLY A 59 -1.31 -12.50 15.87
CA GLY A 59 -1.26 -11.25 16.69
C GLY A 59 0.04 -10.47 16.39
N ARG A 60 1.10 -11.14 16.07
CA ARG A 60 2.39 -10.42 15.78
C ARG A 60 2.21 -9.52 14.55
N THR A 61 2.82 -8.36 14.58
CA THR A 61 2.68 -7.42 13.42
C THR A 61 4.04 -6.81 13.06
N GLU A 62 4.22 -6.44 11.82
CA GLU A 62 5.52 -5.84 11.40
C GLU A 62 5.30 -4.44 10.82
N GLN A 63 5.98 -3.46 11.36
CA GLN A 63 5.82 -2.07 10.86
C GLN A 63 7.00 -1.67 9.97
N VAL A 64 6.74 -1.06 8.85
CA VAL A 64 7.84 -0.64 7.93
C VAL A 64 7.69 0.83 7.55
N ASP A 65 8.76 1.57 7.67
CA ASP A 65 8.72 3.03 7.34
C ASP A 65 9.80 3.37 6.30
N GLY A 66 9.43 4.00 5.21
CA GLY A 66 10.43 4.35 4.18
C GLY A 66 10.00 5.66 3.49
N GLU A 67 10.95 6.44 3.04
CA GLU A 67 10.60 7.73 2.36
C GLU A 67 10.10 7.46 0.93
N GLY A 68 9.31 8.36 0.40
CA GLY A 68 8.78 8.20 -0.99
C GLY A 68 8.19 6.80 -1.21
N VAL A 69 7.87 6.48 -2.44
CA VAL A 69 7.30 5.14 -2.76
C VAL A 69 8.07 4.53 -3.94
N VAL A 70 8.51 3.32 -3.78
CA VAL A 70 9.30 2.59 -4.84
C VAL A 70 10.33 3.52 -5.53
N GLY A 71 10.88 4.45 -4.78
CA GLY A 71 11.93 5.38 -5.33
C GLY A 71 11.33 6.57 -6.10
N GLU A 72 10.07 6.87 -5.91
CA GLU A 72 9.49 8.05 -6.65
C GLU A 72 8.44 8.79 -5.81
N GLN A 73 8.32 10.08 -6.04
CA GLN A 73 7.34 10.92 -5.31
C GLN A 73 6.29 11.45 -6.30
N PRO A 74 5.39 10.57 -6.70
CA PRO A 74 4.36 10.99 -7.70
C PRO A 74 3.54 12.20 -7.19
N TRP A 75 3.30 13.13 -8.08
CA TRP A 75 2.49 14.34 -7.73
C TRP A 75 1.07 14.15 -8.25
N LEU A 76 0.29 13.34 -7.58
CA LEU A 76 -1.11 13.08 -8.06
C LEU A 76 -1.92 14.37 -8.13
N ARG A 77 -2.34 14.74 -9.32
CA ARG A 77 -3.16 15.97 -9.49
C ARG A 77 -4.64 15.62 -9.28
N PRO A 78 -5.44 16.61 -8.97
CA PRO A 78 -6.89 16.31 -8.76
C PRO A 78 -7.48 15.57 -9.96
N GLY A 79 -8.09 14.44 -9.72
CA GLY A 79 -8.69 13.63 -10.82
C GLY A 79 -7.66 12.67 -11.43
N GLU A 80 -6.38 12.90 -11.21
CA GLU A 80 -5.34 11.98 -11.77
C GLU A 80 -5.05 10.84 -10.79
N ALA A 81 -4.39 9.81 -11.25
CA ALA A 81 -4.07 8.65 -10.35
C ALA A 81 -2.74 8.00 -10.75
N PHE A 82 -2.05 7.40 -9.81
CA PHE A 82 -0.76 6.73 -10.14
C PHE A 82 -0.89 5.23 -9.83
N HIS A 83 -0.22 4.38 -10.57
CA HIS A 83 -0.33 2.91 -10.29
C HIS A 83 1.00 2.20 -10.55
N TYR A 84 1.34 1.25 -9.71
CA TYR A 84 2.62 0.49 -9.91
C TYR A 84 2.46 -0.93 -9.34
N THR A 85 3.30 -1.85 -9.77
CA THR A 85 3.20 -3.25 -9.27
C THR A 85 4.24 -3.51 -8.18
N SER A 86 3.84 -4.17 -7.11
CA SER A 86 4.80 -4.47 -6.00
C SER A 86 4.85 -5.98 -5.73
N GLY A 87 5.80 -6.44 -4.97
CA GLY A 87 5.88 -7.90 -4.68
C GLY A 87 6.30 -8.13 -3.22
N VAL A 88 5.49 -8.83 -2.47
CA VAL A 88 5.82 -9.12 -1.04
C VAL A 88 5.67 -10.62 -0.77
N LEU A 89 6.46 -11.15 0.12
CA LEU A 89 6.37 -12.61 0.42
C LEU A 89 5.73 -12.83 1.80
N LEU A 90 4.96 -13.88 1.94
CA LEU A 90 4.31 -14.15 3.26
C LEU A 90 4.72 -15.54 3.77
N GLU A 91 4.89 -15.70 5.05
CA GLU A 91 5.31 -17.03 5.59
C GLU A 91 4.12 -17.74 6.27
N THR A 92 2.97 -17.12 6.34
CA THR A 92 1.80 -17.79 7.00
C THR A 92 0.76 -18.20 5.96
N GLU A 93 0.56 -17.40 4.93
CA GLU A 93 -0.47 -17.68 3.83
C GLU A 93 -1.84 -17.11 4.21
N GLN A 94 -2.04 -16.74 5.46
CA GLN A 94 -3.36 -16.17 5.87
C GLN A 94 -3.16 -15.00 6.84
N GLY A 95 -3.99 -13.98 6.81
CA GLY A 95 -3.77 -12.86 7.78
C GLY A 95 -4.49 -11.57 7.36
N GLN A 96 -4.33 -10.55 8.17
CA GLN A 96 -4.95 -9.23 7.89
C GLN A 96 -3.87 -8.15 7.81
N MET A 97 -3.89 -7.34 6.78
CA MET A 97 -2.84 -6.28 6.65
C MET A 97 -3.45 -4.89 6.45
N GLN A 98 -3.10 -3.94 7.29
CA GLN A 98 -3.64 -2.56 7.17
C GLN A 98 -2.47 -1.60 6.90
N GLY A 99 -2.68 -0.50 6.22
CA GLY A 99 -1.54 0.42 5.96
C GLY A 99 -2.04 1.84 5.70
N HIS A 100 -1.14 2.80 5.71
CA HIS A 100 -1.54 4.21 5.46
C HIS A 100 -0.53 4.89 4.53
N TYR A 101 -0.94 5.92 3.85
CA TYR A 101 0.00 6.63 2.91
C TYR A 101 0.19 8.08 3.37
N ASP A 102 1.42 8.53 3.53
CA ASP A 102 1.64 9.95 3.92
C ASP A 102 1.66 10.82 2.65
N MET A 103 0.78 11.78 2.60
CA MET A 103 0.69 12.67 1.40
C MET A 103 0.83 14.13 1.81
N VAL A 104 1.09 14.99 0.86
CA VAL A 104 1.24 16.44 1.17
C VAL A 104 0.64 17.30 0.05
N ALA A 105 -0.20 18.24 0.39
CA ALA A 105 -0.81 19.12 -0.65
C ALA A 105 0.25 20.11 -1.14
N ASP A 106 -0.01 20.79 -2.23
CA ASP A 106 1.00 21.77 -2.75
C ASP A 106 1.21 22.91 -1.74
N ASP A 107 0.20 23.22 -0.96
CA ASP A 107 0.34 24.31 0.04
C ASP A 107 1.20 23.87 1.23
N GLY A 108 1.46 22.59 1.36
CA GLY A 108 2.29 22.11 2.50
C GLY A 108 1.41 21.41 3.54
N THR A 109 0.10 21.45 3.39
CA THR A 109 -0.79 20.78 4.39
C THR A 109 -0.45 19.29 4.49
N GLU A 110 -0.41 18.76 5.69
CA GLU A 110 -0.07 17.30 5.83
C GLU A 110 -1.33 16.47 6.07
N PHE A 111 -1.40 15.31 5.46
CA PHE A 111 -2.59 14.43 5.63
C PHE A 111 -2.25 13.00 5.18
N ILE A 112 -2.74 12.02 5.89
CA ILE A 112 -2.43 10.60 5.52
C ILE A 112 -3.62 9.96 4.78
N ALA A 113 -3.36 8.92 4.04
CA ALA A 113 -4.45 8.22 3.30
C ALA A 113 -4.51 6.75 3.78
N PRO A 114 -5.39 6.50 4.72
CA PRO A 114 -5.50 5.12 5.25
C PRO A 114 -5.88 4.10 4.16
N ILE A 115 -5.36 2.91 4.30
CA ILE A 115 -5.65 1.82 3.33
C ILE A 115 -6.49 0.76 4.02
N ALA A 116 -7.67 0.48 3.49
CA ALA A 116 -8.59 -0.53 4.10
C ALA A 116 -7.84 -1.83 4.43
N ALA A 117 -8.42 -2.65 5.29
CA ALA A 117 -7.75 -3.92 5.68
C ALA A 117 -8.33 -5.09 4.88
N PHE A 118 -7.50 -5.81 4.18
CA PHE A 118 -7.97 -6.99 3.41
C PHE A 118 -7.45 -8.26 4.08
N VAL A 119 -8.01 -9.40 3.79
CA VAL A 119 -7.53 -10.66 4.43
C VAL A 119 -6.91 -11.59 3.38
N LEU A 120 -6.03 -12.45 3.82
CA LEU A 120 -5.38 -13.40 2.87
C LEU A 120 -5.87 -14.81 3.14
N SER A 121 -6.26 -15.53 2.12
CA SER A 121 -6.77 -16.92 2.31
C SER A 121 -6.53 -17.74 1.04
N ARG A 6 -11.28 19.44 0.83
CA ARG A 6 -10.15 19.84 -0.05
C ARG A 6 -9.04 18.78 -0.01
N TYR A 7 -8.99 18.00 1.04
CA TYR A 7 -7.94 16.93 1.13
C TYR A 7 -8.60 15.54 1.13
N ARG A 8 -8.43 14.81 0.05
CA ARG A 8 -9.03 13.44 -0.03
C ARG A 8 -8.20 12.56 -0.97
N VAL A 9 -7.96 11.34 -0.55
CA VAL A 9 -7.15 10.39 -1.38
C VAL A 9 -7.61 8.96 -1.09
N GLU A 10 -8.14 8.29 -2.07
CA GLU A 10 -8.60 6.88 -1.92
C GLU A 10 -7.64 5.93 -2.64
N VAL A 11 -7.18 4.92 -1.95
CA VAL A 11 -6.23 3.94 -2.56
C VAL A 11 -6.85 2.55 -2.56
N GLU A 12 -6.72 1.81 -3.63
CA GLU A 12 -7.30 0.44 -3.70
C GLU A 12 -6.20 -0.58 -4.02
N VAL A 13 -6.19 -1.69 -3.35
CA VAL A 13 -5.13 -2.72 -3.60
C VAL A 13 -5.77 -4.10 -3.83
N SER A 14 -5.27 -4.83 -4.80
CA SER A 14 -5.82 -6.18 -5.09
C SER A 14 -4.69 -7.24 -5.09
N PRO A 15 -4.66 -8.03 -4.04
CA PRO A 15 -3.60 -9.08 -3.96
C PRO A 15 -4.01 -10.35 -4.73
N ARG A 16 -3.06 -11.23 -4.95
CA ARG A 16 -3.35 -12.49 -5.69
C ARG A 16 -2.29 -13.54 -5.34
N PHE A 17 -2.73 -14.73 -4.98
CA PHE A 17 -1.77 -15.82 -4.60
C PHE A 17 -0.82 -16.17 -5.75
N LEU A 18 0.43 -16.41 -5.45
CA LEU A 18 1.41 -16.78 -6.51
C LEU A 18 1.94 -18.20 -6.29
N ALA A 19 1.18 -19.17 -6.71
CA ALA A 19 1.60 -20.61 -6.58
C ALA A 19 2.81 -20.91 -7.46
N HIS A 20 2.89 -20.31 -8.62
CA HIS A 20 4.04 -20.58 -9.53
C HIS A 20 5.34 -19.99 -8.98
N GLN A 21 5.25 -18.99 -8.12
CA GLN A 21 6.49 -18.37 -7.57
C GLN A 21 6.51 -18.46 -6.03
N SER A 22 6.06 -19.55 -5.47
CA SER A 22 6.08 -19.69 -3.98
C SER A 22 5.99 -21.16 -3.56
N THR A 23 6.62 -21.50 -2.46
CA THR A 23 6.57 -22.91 -1.96
C THR A 23 5.90 -22.92 -0.57
N PRO A 24 4.61 -23.11 -0.57
CA PRO A 24 3.89 -23.11 0.74
C PRO A 24 4.29 -24.31 1.60
N ASP A 25 4.73 -25.37 0.98
CA ASP A 25 5.12 -26.59 1.76
C ASP A 25 6.36 -26.30 2.63
N GLU A 26 7.16 -25.33 2.25
CA GLU A 26 8.38 -25.01 3.07
C GLU A 26 8.19 -23.71 3.84
N GLY A 27 6.96 -23.34 4.11
CA GLY A 27 6.70 -22.07 4.86
C GLY A 27 7.07 -20.87 3.98
N ARG A 28 6.95 -21.02 2.69
CA ARG A 28 7.30 -19.89 1.77
C ARG A 28 6.07 -19.48 0.95
N TYR A 29 5.32 -18.52 1.43
CA TYR A 29 4.11 -18.07 0.67
C TYR A 29 4.40 -16.72 0.01
N ALA A 30 4.11 -16.58 -1.26
CA ALA A 30 4.41 -15.29 -1.95
C ALA A 30 3.12 -14.64 -2.47
N PHE A 31 2.84 -13.44 -2.03
CA PHE A 31 1.62 -12.72 -2.51
C PHE A 31 2.03 -11.45 -3.26
N ALA A 32 1.44 -11.20 -4.41
CA ALA A 32 1.76 -9.97 -5.18
C ALA A 32 0.55 -9.04 -5.13
N TYR A 33 0.75 -7.78 -4.81
CA TYR A 33 -0.43 -6.85 -4.75
C TYR A 33 -0.21 -5.60 -5.60
N SER A 34 -1.26 -5.12 -6.21
CA SER A 34 -1.14 -3.90 -7.06
C SER A 34 -1.71 -2.69 -6.30
N ILE A 35 -1.06 -1.56 -6.40
CA ILE A 35 -1.53 -0.35 -5.67
C ILE A 35 -2.16 0.67 -6.63
N ARG A 36 -3.29 1.20 -6.26
CA ARG A 36 -3.99 2.20 -7.11
C ARG A 36 -4.22 3.48 -6.32
N ILE A 37 -3.37 4.47 -6.50
CA ILE A 37 -3.51 5.75 -5.77
C ILE A 37 -4.38 6.73 -6.57
N GLN A 38 -5.52 7.11 -6.03
CA GLN A 38 -6.40 8.08 -6.74
C GLN A 38 -6.56 9.35 -5.89
N ASN A 39 -6.44 10.49 -6.51
CA ASN A 39 -6.57 11.77 -5.74
C ASN A 39 -8.01 12.28 -5.77
N ALA A 40 -8.65 12.37 -4.64
CA ALA A 40 -10.06 12.87 -4.59
C ALA A 40 -10.12 14.22 -3.84
N GLY A 41 -8.99 14.82 -3.57
CA GLY A 41 -9.01 16.14 -2.85
C GLY A 41 -9.20 17.26 -3.88
N ALA A 42 -9.41 18.46 -3.43
CA ALA A 42 -9.61 19.59 -4.39
C ALA A 42 -8.25 20.14 -4.84
N VAL A 43 -7.28 20.09 -3.98
CA VAL A 43 -5.92 20.60 -4.33
C VAL A 43 -4.98 19.42 -4.63
N PRO A 44 -4.16 19.60 -5.65
CA PRO A 44 -3.22 18.49 -6.02
C PRO A 44 -2.40 18.02 -4.82
N ALA A 45 -2.11 16.74 -4.77
CA ALA A 45 -1.31 16.18 -3.63
C ALA A 45 -0.32 15.12 -4.12
N ARG A 46 0.77 14.98 -3.41
CA ARG A 46 1.80 13.98 -3.80
C ARG A 46 2.12 13.08 -2.61
N LEU A 47 2.66 11.91 -2.85
CA LEU A 47 2.98 10.98 -1.72
C LEU A 47 4.46 11.13 -1.35
N VAL A 48 4.74 11.55 -0.13
CA VAL A 48 6.16 11.73 0.29
C VAL A 48 6.63 10.56 1.14
N ALA A 49 5.74 9.86 1.80
CA ALA A 49 6.18 8.71 2.65
C ALA A 49 5.20 7.53 2.58
N ARG A 50 5.65 6.39 3.02
CA ARG A 50 4.79 5.17 3.00
C ARG A 50 4.96 4.37 4.31
N HIS A 51 3.88 3.89 4.87
CA HIS A 51 3.96 3.12 6.14
C HIS A 51 2.94 1.96 6.10
N TRP A 52 3.43 0.76 6.04
CA TRP A 52 2.52 -0.43 6.00
C TRP A 52 2.47 -1.15 7.35
N GLN A 53 1.28 -1.47 7.79
CA GLN A 53 1.12 -2.17 9.11
C GLN A 53 0.54 -3.57 8.85
N ILE A 54 1.36 -4.51 8.48
CA ILE A 54 0.86 -5.89 8.19
C ILE A 54 0.78 -6.75 9.46
N THR A 55 -0.34 -7.36 9.70
CA THR A 55 -0.49 -8.25 10.90
C THR A 55 -0.83 -9.66 10.42
N ASP A 56 -0.11 -10.64 10.91
CA ASP A 56 -0.35 -12.04 10.47
C ASP A 56 -1.37 -12.75 11.38
N GLY A 57 -1.81 -13.90 10.98
CA GLY A 57 -2.82 -14.66 11.77
C GLY A 57 -2.28 -15.07 13.16
N ASN A 58 -1.02 -14.85 13.45
CA ASN A 58 -0.49 -15.22 14.80
C ASN A 58 -0.36 -13.97 15.70
N GLY A 59 -0.84 -12.84 15.24
CA GLY A 59 -0.79 -11.61 16.09
C GLY A 59 0.49 -10.80 15.78
N ARG A 60 1.57 -11.46 15.45
CA ARG A 60 2.84 -10.71 15.15
C ARG A 60 2.61 -9.76 13.97
N THR A 61 3.20 -8.59 14.01
CA THR A 61 3.01 -7.62 12.89
C THR A 61 4.35 -7.02 12.47
N GLU A 62 4.46 -6.61 11.22
CA GLU A 62 5.74 -6.01 10.73
C GLU A 62 5.48 -4.60 10.21
N GLN A 63 6.14 -3.63 10.78
CA GLN A 63 5.94 -2.21 10.34
C GLN A 63 7.09 -1.76 9.44
N VAL A 64 6.78 -1.10 8.35
CA VAL A 64 7.87 -0.63 7.42
C VAL A 64 7.68 0.86 7.10
N ASP A 65 8.74 1.61 7.23
CA ASP A 65 8.69 3.08 6.96
C ASP A 65 9.81 3.45 5.97
N GLY A 66 9.47 4.10 4.89
CA GLY A 66 10.52 4.48 3.89
C GLY A 66 10.11 5.78 3.18
N GLU A 67 11.07 6.59 2.81
CA GLU A 67 10.75 7.87 2.11
C GLU A 67 10.23 7.59 0.69
N GLY A 68 9.41 8.46 0.16
CA GLY A 68 8.87 8.28 -1.22
C GLY A 68 8.27 6.88 -1.40
N VAL A 69 7.91 6.55 -2.62
CA VAL A 69 7.33 5.20 -2.92
C VAL A 69 8.07 4.58 -4.10
N VAL A 70 8.52 3.36 -3.93
CA VAL A 70 9.28 2.62 -5.00
C VAL A 70 10.29 3.53 -5.72
N GLY A 71 10.87 4.46 -5.00
CA GLY A 71 11.91 5.37 -5.58
C GLY A 71 11.30 6.58 -6.33
N GLU A 72 10.05 6.90 -6.11
CA GLU A 72 9.46 8.08 -6.83
C GLU A 72 8.43 8.83 -5.96
N GLN A 73 8.32 10.10 -6.19
CA GLN A 73 7.35 10.95 -5.44
C GLN A 73 6.30 11.49 -6.41
N PRO A 74 5.42 10.62 -6.85
CA PRO A 74 4.38 11.05 -7.83
C PRO A 74 3.56 12.25 -7.31
N TRP A 75 3.24 13.16 -8.20
CA TRP A 75 2.42 14.35 -7.84
C TRP A 75 1.00 14.14 -8.34
N LEU A 76 0.23 13.33 -7.65
CA LEU A 76 -1.16 13.04 -8.11
C LEU A 76 -2.02 14.31 -8.15
N ARG A 77 -2.48 14.66 -9.33
CA ARG A 77 -3.36 15.86 -9.46
C ARG A 77 -4.82 15.44 -9.25
N PRO A 78 -5.66 16.40 -8.92
CA PRO A 78 -7.09 16.04 -8.69
C PRO A 78 -7.68 15.29 -9.91
N GLY A 79 -8.30 14.16 -9.66
CA GLY A 79 -8.92 13.37 -10.77
C GLY A 79 -7.90 12.38 -11.36
N GLU A 80 -6.62 12.60 -11.15
CA GLU A 80 -5.60 11.65 -11.72
C GLU A 80 -5.32 10.51 -10.72
N ALA A 81 -4.67 9.47 -11.18
CA ALA A 81 -4.37 8.32 -10.28
C ALA A 81 -3.02 7.68 -10.67
N PHE A 82 -2.32 7.12 -9.70
CA PHE A 82 -1.02 6.46 -10.00
C PHE A 82 -1.12 4.97 -9.67
N HIS A 83 -0.41 4.12 -10.38
CA HIS A 83 -0.50 2.66 -10.08
C HIS A 83 0.86 1.97 -10.29
N TYR A 84 1.21 1.05 -9.42
CA TYR A 84 2.50 0.32 -9.56
C TYR A 84 2.37 -1.09 -8.95
N THR A 85 3.23 -2.00 -9.32
CA THR A 85 3.14 -3.39 -8.78
C THR A 85 4.20 -3.61 -7.70
N SER A 86 3.82 -4.24 -6.61
CA SER A 86 4.78 -4.51 -5.50
C SER A 86 4.81 -6.01 -5.17
N GLY A 87 5.76 -6.45 -4.38
CA GLY A 87 5.82 -7.90 -4.02
C GLY A 87 6.21 -8.08 -2.55
N VAL A 88 5.41 -8.78 -1.80
CA VAL A 88 5.71 -9.03 -0.36
C VAL A 88 5.60 -10.52 -0.06
N LEU A 89 6.34 -11.01 0.90
CA LEU A 89 6.29 -12.47 1.23
C LEU A 89 5.64 -12.69 2.59
N LEU A 90 4.88 -13.75 2.73
CA LEU A 90 4.20 -14.04 4.02
C LEU A 90 4.63 -15.42 4.55
N GLU A 91 4.72 -15.58 5.84
CA GLU A 91 5.14 -16.90 6.40
C GLU A 91 4.00 -17.93 6.28
N THR A 92 2.77 -17.48 6.22
CA THR A 92 1.63 -18.43 6.11
C THR A 92 0.77 -18.09 4.88
N GLU A 93 -0.19 -18.94 4.57
CA GLU A 93 -1.05 -18.70 3.38
C GLU A 93 -2.23 -17.78 3.73
N GLN A 94 -2.24 -17.16 4.89
CA GLN A 94 -3.38 -16.26 5.25
C GLN A 94 -2.86 -15.05 6.03
N GLY A 95 -3.50 -13.90 5.92
CA GLY A 95 -2.99 -12.72 6.68
C GLY A 95 -3.78 -11.45 6.36
N GLN A 96 -3.60 -10.44 7.18
CA GLN A 96 -4.31 -9.14 6.97
C GLN A 96 -3.26 -8.03 6.78
N MET A 97 -3.41 -7.23 5.74
CA MET A 97 -2.42 -6.14 5.50
C MET A 97 -3.11 -4.78 5.39
N GLN A 98 -2.82 -3.88 6.30
CA GLN A 98 -3.42 -2.51 6.26
C GLN A 98 -2.29 -1.49 6.38
N GLY A 99 -2.44 -0.31 5.81
CA GLY A 99 -1.32 0.68 5.92
C GLY A 99 -1.80 2.09 5.60
N HIS A 100 -0.92 3.06 5.69
CA HIS A 100 -1.31 4.46 5.40
C HIS A 100 -0.25 5.13 4.50
N TYR A 101 -0.64 6.11 3.75
CA TYR A 101 0.33 6.82 2.85
C TYR A 101 0.43 8.29 3.26
N ASP A 102 1.63 8.79 3.49
CA ASP A 102 1.75 10.24 3.85
C ASP A 102 1.70 11.08 2.57
N MET A 103 0.77 11.98 2.52
CA MET A 103 0.60 12.85 1.32
C MET A 103 0.71 14.33 1.73
N VAL A 104 1.00 15.19 0.78
CA VAL A 104 1.13 16.65 1.11
C VAL A 104 0.51 17.50 0.01
N ALA A 105 -0.35 18.42 0.37
CA ALA A 105 -0.98 19.30 -0.67
C ALA A 105 0.04 20.32 -1.16
N ASP A 106 -0.26 21.00 -2.24
CA ASP A 106 0.71 22.00 -2.78
C ASP A 106 0.91 23.13 -1.77
N ASP A 107 -0.09 23.42 -0.98
CA ASP A 107 0.03 24.52 0.02
C ASP A 107 0.95 24.11 1.18
N GLY A 108 1.29 22.84 1.29
CA GLY A 108 2.18 22.40 2.39
C GLY A 108 1.37 21.68 3.48
N THR A 109 0.06 21.69 3.39
CA THR A 109 -0.78 21.01 4.44
C THR A 109 -0.38 19.52 4.53
N GLU A 110 -0.24 19.01 5.73
CA GLU A 110 0.15 17.58 5.88
C GLU A 110 -1.06 16.70 6.21
N PHE A 111 -1.12 15.52 5.66
CA PHE A 111 -2.26 14.59 5.93
C PHE A 111 -1.94 13.20 5.37
N ILE A 112 -2.46 12.17 6.01
CA ILE A 112 -2.18 10.79 5.54
C ILE A 112 -3.38 10.21 4.76
N ALA A 113 -3.12 9.23 3.94
CA ALA A 113 -4.22 8.58 3.17
C ALA A 113 -4.28 7.10 3.56
N PRO A 114 -5.18 6.80 4.48
CA PRO A 114 -5.29 5.38 4.95
C PRO A 114 -5.58 4.41 3.80
N ILE A 115 -5.00 3.24 3.90
CA ILE A 115 -5.21 2.18 2.87
C ILE A 115 -6.09 1.09 3.48
N ALA A 116 -7.21 0.81 2.88
CA ALA A 116 -8.15 -0.23 3.41
C ALA A 116 -7.42 -1.54 3.71
N ALA A 117 -7.83 -2.22 4.73
CA ALA A 117 -7.16 -3.51 5.09
C ALA A 117 -7.88 -4.68 4.40
N PHE A 118 -7.17 -5.40 3.58
CA PHE A 118 -7.79 -6.58 2.89
C PHE A 118 -7.19 -7.85 3.47
N VAL A 119 -7.76 -9.00 3.17
CA VAL A 119 -7.21 -10.26 3.72
C VAL A 119 -6.64 -11.15 2.61
N LEU A 120 -5.71 -12.00 2.94
CA LEU A 120 -5.11 -12.90 1.92
C LEU A 120 -5.52 -14.35 2.22
N SER A 121 -5.94 -15.07 1.21
CA SER A 121 -6.36 -16.49 1.42
C SER A 121 -6.18 -17.29 0.13
N ARG A 6 -11.09 19.18 0.55
CA ARG A 6 -9.95 19.64 -0.30
C ARG A 6 -8.80 18.63 -0.23
N TYR A 7 -8.69 17.91 0.85
CA TYR A 7 -7.60 16.89 0.98
C TYR A 7 -8.19 15.48 1.05
N ARG A 8 -8.19 14.78 -0.05
CA ARG A 8 -8.76 13.39 -0.07
C ARG A 8 -7.98 12.53 -1.06
N VAL A 9 -7.69 11.31 -0.68
CA VAL A 9 -6.93 10.37 -1.56
C VAL A 9 -7.29 8.92 -1.20
N GLU A 10 -7.94 8.23 -2.10
CA GLU A 10 -8.32 6.81 -1.86
C GLU A 10 -7.46 5.89 -2.72
N VAL A 11 -6.89 4.88 -2.12
CA VAL A 11 -6.04 3.91 -2.87
C VAL A 11 -6.64 2.51 -2.80
N GLU A 12 -6.57 1.76 -3.88
CA GLU A 12 -7.13 0.38 -3.89
C GLU A 12 -6.02 -0.63 -4.20
N VAL A 13 -6.00 -1.73 -3.50
CA VAL A 13 -4.94 -2.77 -3.74
C VAL A 13 -5.58 -4.14 -3.94
N SER A 14 -5.08 -4.88 -4.90
CA SER A 14 -5.65 -6.24 -5.18
C SER A 14 -4.53 -7.31 -5.15
N PRO A 15 -4.51 -8.09 -4.10
CA PRO A 15 -3.47 -9.15 -4.00
C PRO A 15 -3.90 -10.42 -4.75
N ARG A 16 -2.97 -11.31 -4.98
CA ARG A 16 -3.28 -12.58 -5.70
C ARG A 16 -2.21 -13.65 -5.37
N PHE A 17 -2.65 -14.83 -5.02
CA PHE A 17 -1.70 -15.93 -4.66
C PHE A 17 -0.78 -16.30 -5.84
N LEU A 18 0.47 -16.55 -5.57
CA LEU A 18 1.42 -16.94 -6.65
C LEU A 18 1.93 -18.36 -6.43
N ALA A 19 1.14 -19.32 -6.81
CA ALA A 19 1.55 -20.76 -6.68
C ALA A 19 2.74 -21.09 -7.60
N HIS A 20 2.78 -20.50 -8.76
CA HIS A 20 3.91 -20.79 -9.71
C HIS A 20 5.23 -20.20 -9.19
N GLN A 21 5.17 -19.20 -8.33
CA GLN A 21 6.43 -18.60 -7.80
C GLN A 21 6.48 -18.67 -6.27
N SER A 22 6.11 -19.80 -5.70
CA SER A 22 6.13 -19.91 -4.21
C SER A 22 6.03 -21.38 -3.77
N THR A 23 6.66 -21.73 -2.68
CA THR A 23 6.59 -23.13 -2.17
C THR A 23 5.90 -23.14 -0.80
N PRO A 24 4.60 -23.31 -0.83
CA PRO A 24 3.85 -23.30 0.47
C PRO A 24 4.25 -24.49 1.34
N ASP A 25 4.73 -25.55 0.74
CA ASP A 25 5.13 -26.75 1.55
C ASP A 25 6.37 -26.43 2.41
N GLU A 26 7.15 -25.46 2.03
CA GLU A 26 8.37 -25.11 2.84
C GLU A 26 8.15 -23.80 3.62
N GLY A 27 6.91 -23.45 3.88
CA GLY A 27 6.63 -22.19 4.63
C GLY A 27 7.01 -20.98 3.78
N ARG A 28 6.94 -21.12 2.47
CA ARG A 28 7.30 -19.98 1.58
C ARG A 28 6.10 -19.60 0.71
N TYR A 29 5.34 -18.63 1.14
CA TYR A 29 4.15 -18.19 0.33
C TYR A 29 4.46 -16.84 -0.33
N ALA A 30 4.20 -16.72 -1.60
CA ALA A 30 4.51 -15.43 -2.30
C ALA A 30 3.22 -14.74 -2.77
N PHE A 31 2.98 -13.54 -2.31
CA PHE A 31 1.76 -12.81 -2.75
C PHE A 31 2.16 -11.54 -3.52
N ALA A 32 1.53 -11.28 -4.64
CA ALA A 32 1.84 -10.05 -5.42
C ALA A 32 0.65 -9.10 -5.35
N TYR A 33 0.88 -7.85 -5.06
CA TYR A 33 -0.28 -6.91 -4.95
C TYR A 33 -0.06 -5.67 -5.83
N SER A 34 -1.13 -5.18 -6.43
CA SER A 34 -1.00 -3.97 -7.28
C SER A 34 -1.59 -2.77 -6.55
N ILE A 35 -0.97 -1.63 -6.68
CA ILE A 35 -1.47 -0.41 -5.97
C ILE A 35 -2.15 0.56 -6.94
N ARG A 36 -3.32 1.02 -6.56
CA ARG A 36 -4.08 1.98 -7.41
C ARG A 36 -4.36 3.25 -6.60
N ILE A 37 -3.52 4.24 -6.77
CA ILE A 37 -3.70 5.52 -6.03
C ILE A 37 -4.55 6.51 -6.83
N GLN A 38 -5.69 6.89 -6.30
CA GLN A 38 -6.57 7.86 -7.01
C GLN A 38 -6.70 9.13 -6.16
N ASN A 39 -6.61 10.27 -6.79
CA ASN A 39 -6.71 11.56 -6.04
C ASN A 39 -8.15 12.05 -6.01
N ALA A 40 -8.73 12.15 -4.84
CA ALA A 40 -10.14 12.64 -4.73
C ALA A 40 -10.19 14.00 -4.00
N GLY A 41 -9.05 14.61 -3.75
CA GLY A 41 -9.04 15.93 -3.06
C GLY A 41 -9.31 17.03 -4.07
N ALA A 42 -9.28 18.27 -3.64
CA ALA A 42 -9.54 19.40 -4.59
C ALA A 42 -8.22 20.03 -5.03
N VAL A 43 -7.25 20.01 -4.17
CA VAL A 43 -5.91 20.60 -4.51
C VAL A 43 -4.90 19.47 -4.78
N PRO A 44 -4.06 19.69 -5.77
CA PRO A 44 -3.05 18.63 -6.11
C PRO A 44 -2.27 18.17 -4.88
N ALA A 45 -1.99 16.89 -4.80
CA ALA A 45 -1.24 16.34 -3.64
C ALA A 45 -0.22 15.29 -4.10
N ARG A 46 0.85 15.14 -3.36
CA ARG A 46 1.89 14.14 -3.72
C ARG A 46 2.19 13.24 -2.51
N LEU A 47 2.73 12.07 -2.75
CA LEU A 47 3.04 11.15 -1.61
C LEU A 47 4.52 11.29 -1.23
N VAL A 48 4.79 11.73 -0.03
CA VAL A 48 6.21 11.89 0.40
C VAL A 48 6.65 10.72 1.28
N ALA A 49 5.73 10.08 1.97
CA ALA A 49 6.14 8.94 2.85
C ALA A 49 5.12 7.80 2.79
N ARG A 50 5.54 6.63 3.22
CA ARG A 50 4.64 5.44 3.21
C ARG A 50 4.89 4.59 4.47
N HIS A 51 3.84 4.08 5.06
CA HIS A 51 3.98 3.24 6.28
C HIS A 51 2.97 2.08 6.24
N TRP A 52 3.47 0.88 6.14
CA TRP A 52 2.56 -0.32 6.08
C TRP A 52 2.51 -1.03 7.44
N GLN A 53 1.33 -1.35 7.90
CA GLN A 53 1.19 -2.06 9.21
C GLN A 53 0.60 -3.45 8.98
N ILE A 54 1.41 -4.38 8.52
CA ILE A 54 0.88 -5.76 8.24
C ILE A 54 0.88 -6.63 9.51
N THR A 55 -0.24 -7.25 9.78
CA THR A 55 -0.35 -8.16 10.96
C THR A 55 -0.73 -9.56 10.47
N ASP A 56 -0.03 -10.56 10.92
CA ASP A 56 -0.32 -11.95 10.46
C ASP A 56 -1.36 -12.62 11.34
N GLY A 57 -1.83 -13.77 10.92
CA GLY A 57 -2.87 -14.52 11.69
C GLY A 57 -2.39 -14.91 13.10
N ASN A 58 -1.12 -14.70 13.43
CA ASN A 58 -0.66 -15.05 14.82
C ASN A 58 -0.56 -13.79 15.69
N GLY A 59 -1.02 -12.66 15.20
CA GLY A 59 -0.98 -11.40 16.01
C GLY A 59 0.31 -10.61 15.74
N ARG A 60 1.38 -11.28 15.37
CA ARG A 60 2.65 -10.55 15.09
C ARG A 60 2.47 -9.61 13.90
N THR A 61 3.06 -8.44 13.95
CA THR A 61 2.91 -7.48 12.81
C THR A 61 4.26 -6.87 12.45
N GLU A 62 4.42 -6.46 11.20
CA GLU A 62 5.70 -5.85 10.77
C GLU A 62 5.46 -4.43 10.23
N GLN A 63 6.12 -3.45 10.79
CA GLN A 63 5.93 -2.05 10.34
C GLN A 63 7.10 -1.60 9.46
N VAL A 64 6.82 -0.95 8.36
CA VAL A 64 7.90 -0.48 7.45
C VAL A 64 7.72 1.01 7.15
N ASP A 65 8.79 1.76 7.25
CA ASP A 65 8.71 3.23 6.99
C ASP A 65 9.73 3.64 5.92
N GLY A 66 9.29 4.32 4.89
CA GLY A 66 10.21 4.76 3.81
C GLY A 66 9.65 6.00 3.13
N GLU A 67 10.43 6.65 2.29
CA GLU A 67 9.93 7.87 1.59
C GLU A 67 9.83 7.62 0.09
N GLY A 68 9.06 8.42 -0.61
CA GLY A 68 8.92 8.26 -2.09
C GLY A 68 8.62 6.80 -2.48
N VAL A 69 7.37 6.47 -2.66
CA VAL A 69 6.99 5.06 -3.04
C VAL A 69 7.88 4.52 -4.17
N VAL A 70 8.36 3.31 -3.99
CA VAL A 70 9.28 2.64 -4.98
C VAL A 70 10.33 3.63 -5.53
N GLY A 71 10.76 4.55 -4.69
CA GLY A 71 11.81 5.53 -5.11
C GLY A 71 11.22 6.73 -5.86
N GLU A 72 9.95 7.04 -5.66
CA GLU A 72 9.38 8.22 -6.39
C GLU A 72 8.35 8.98 -5.53
N GLN A 73 8.24 10.25 -5.79
CA GLN A 73 7.26 11.11 -5.06
C GLN A 73 6.27 11.68 -6.09
N PRO A 74 5.40 10.81 -6.57
CA PRO A 74 4.42 11.26 -7.60
C PRO A 74 3.60 12.47 -7.14
N TRP A 75 3.33 13.37 -8.06
CA TRP A 75 2.52 14.58 -7.73
C TRP A 75 1.11 14.39 -8.30
N LEU A 76 0.31 13.58 -7.65
CA LEU A 76 -1.07 13.30 -8.16
C LEU A 76 -1.92 14.58 -8.22
N ARG A 77 -2.37 14.93 -9.40
CA ARG A 77 -3.23 16.13 -9.55
C ARG A 77 -4.68 15.72 -9.27
N PRO A 78 -5.52 16.68 -8.93
CA PRO A 78 -6.94 16.31 -8.66
C PRO A 78 -7.55 15.53 -9.83
N GLY A 79 -8.13 14.40 -9.54
CA GLY A 79 -8.76 13.56 -10.61
C GLY A 79 -7.74 12.58 -11.21
N GLU A 80 -6.46 12.80 -10.99
CA GLU A 80 -5.43 11.87 -11.57
C GLU A 80 -5.18 10.70 -10.60
N ALA A 81 -4.55 9.66 -11.09
CA ALA A 81 -4.27 8.48 -10.22
C ALA A 81 -2.93 7.84 -10.61
N PHE A 82 -2.24 7.25 -9.66
CA PHE A 82 -0.93 6.59 -9.97
C PHE A 82 -1.03 5.10 -9.63
N HIS A 83 -0.38 4.25 -10.39
CA HIS A 83 -0.46 2.78 -10.10
C HIS A 83 0.87 2.09 -10.39
N TYR A 84 1.26 1.14 -9.57
CA TYR A 84 2.54 0.40 -9.80
C TYR A 84 2.41 -1.01 -9.21
N THR A 85 3.24 -1.93 -9.65
CA THR A 85 3.17 -3.33 -9.12
C THR A 85 4.26 -3.57 -8.07
N SER A 86 3.91 -4.21 -6.98
CA SER A 86 4.91 -4.49 -5.91
C SER A 86 4.92 -5.99 -5.58
N GLY A 87 5.89 -6.46 -4.83
CA GLY A 87 5.95 -7.90 -4.48
C GLY A 87 6.28 -8.09 -2.99
N VAL A 88 5.50 -8.87 -2.30
CA VAL A 88 5.76 -9.12 -0.84
C VAL A 88 5.65 -10.63 -0.56
N LEU A 89 6.41 -11.12 0.39
CA LEU A 89 6.36 -12.58 0.71
C LEU A 89 5.70 -12.81 2.07
N LEU A 90 4.95 -13.87 2.20
CA LEU A 90 4.27 -14.17 3.49
C LEU A 90 4.71 -15.54 4.02
N GLU A 91 4.84 -15.69 5.32
CA GLU A 91 5.29 -17.01 5.87
C GLU A 91 4.14 -18.03 5.85
N THR A 92 2.91 -17.58 5.86
CA THR A 92 1.76 -18.53 5.84
C THR A 92 0.84 -18.23 4.66
N GLU A 93 -0.13 -19.09 4.43
CA GLU A 93 -1.07 -18.87 3.28
C GLU A 93 -2.25 -17.97 3.68
N GLN A 94 -2.19 -17.33 4.82
CA GLN A 94 -3.31 -16.44 5.24
C GLN A 94 -2.76 -15.21 5.96
N GLY A 95 -3.35 -14.05 5.77
CA GLY A 95 -2.80 -12.84 6.48
C GLY A 95 -3.63 -11.58 6.20
N GLN A 96 -3.61 -10.67 7.14
CA GLN A 96 -4.36 -9.39 6.99
C GLN A 96 -3.36 -8.22 7.01
N MET A 97 -3.45 -7.33 6.05
CA MET A 97 -2.48 -6.19 6.01
C MET A 97 -3.18 -4.85 5.90
N GLN A 98 -2.92 -3.95 6.82
CA GLN A 98 -3.54 -2.59 6.79
C GLN A 98 -2.42 -1.55 6.83
N GLY A 99 -2.63 -0.38 6.28
CA GLY A 99 -1.52 0.64 6.31
C GLY A 99 -2.04 2.03 5.99
N HIS A 100 -1.16 3.01 5.99
CA HIS A 100 -1.58 4.41 5.69
C HIS A 100 -0.60 5.05 4.70
N TYR A 101 -1.02 6.08 4.03
CA TYR A 101 -0.13 6.77 3.04
C TYR A 101 0.13 8.21 3.48
N ASP A 102 1.36 8.62 3.57
CA ASP A 102 1.64 10.04 3.95
C ASP A 102 1.61 10.91 2.69
N MET A 103 0.71 11.85 2.68
CA MET A 103 0.57 12.75 1.49
C MET A 103 0.68 14.22 1.93
N VAL A 104 0.96 15.09 1.00
CA VAL A 104 1.08 16.54 1.36
C VAL A 104 0.47 17.42 0.25
N ALA A 105 -0.36 18.35 0.61
CA ALA A 105 -0.99 19.25 -0.41
C ALA A 105 0.05 20.24 -0.93
N ASP A 106 -0.24 20.91 -2.01
CA ASP A 106 0.74 21.89 -2.57
C ASP A 106 0.97 23.03 -1.57
N ASP A 107 -0.04 23.35 -0.79
CA ASP A 107 0.10 24.46 0.20
C ASP A 107 0.99 24.04 1.38
N GLY A 108 1.30 22.77 1.50
CA GLY A 108 2.16 22.32 2.63
C GLY A 108 1.31 21.61 3.69
N THR A 109 0.01 21.63 3.57
CA THR A 109 -0.87 20.95 4.59
C THR A 109 -0.49 19.47 4.70
N GLU A 110 -0.38 18.95 5.90
CA GLU A 110 0.00 17.52 6.05
C GLU A 110 -1.24 16.66 6.36
N PHE A 111 -1.32 15.50 5.77
CA PHE A 111 -2.49 14.60 6.01
C PHE A 111 -2.17 13.19 5.49
N ILE A 112 -2.67 12.18 6.17
CA ILE A 112 -2.40 10.77 5.76
C ILE A 112 -3.61 10.17 5.04
N ALA A 113 -3.37 9.15 4.25
CA ALA A 113 -4.49 8.48 3.52
C ALA A 113 -4.55 7.00 3.96
N PRO A 114 -5.42 6.72 4.89
CA PRO A 114 -5.53 5.31 5.39
C PRO A 114 -5.85 4.33 4.27
N ILE A 115 -5.26 3.15 4.37
CA ILE A 115 -5.48 2.08 3.36
C ILE A 115 -6.34 0.98 3.97
N ALA A 116 -7.47 0.69 3.37
CA ALA A 116 -8.39 -0.37 3.92
C ALA A 116 -7.63 -1.66 4.22
N ALA A 117 -8.29 -2.62 4.82
CA ALA A 117 -7.62 -3.91 5.16
C ALA A 117 -7.98 -4.98 4.14
N PHE A 118 -7.01 -5.52 3.47
CA PHE A 118 -7.26 -6.62 2.49
C PHE A 118 -6.65 -7.91 3.04
N VAL A 119 -7.15 -9.05 2.63
CA VAL A 119 -6.58 -10.33 3.15
C VAL A 119 -5.94 -11.15 2.03
N LEU A 120 -4.99 -11.97 2.37
CA LEU A 120 -4.31 -12.82 1.36
C LEU A 120 -4.63 -14.30 1.65
N SER A 121 -5.06 -15.03 0.66
CA SER A 121 -5.38 -16.47 0.87
C SER A 121 -5.23 -17.24 -0.44
N ARG A 6 -11.01 20.01 1.17
CA ARG A 6 -10.34 19.87 -0.15
C ARG A 6 -9.23 18.81 -0.09
N TYR A 7 -9.23 17.99 0.93
CA TYR A 7 -8.17 16.93 1.05
C TYR A 7 -8.80 15.54 1.04
N ARG A 8 -8.66 14.83 -0.05
CA ARG A 8 -9.25 13.46 -0.15
C ARG A 8 -8.39 12.58 -1.07
N VAL A 9 -8.13 11.37 -0.64
CA VAL A 9 -7.28 10.44 -1.44
C VAL A 9 -7.69 8.99 -1.14
N GLU A 10 -8.20 8.30 -2.13
CA GLU A 10 -8.60 6.87 -1.95
C GLU A 10 -7.60 5.94 -2.62
N VAL A 11 -7.17 4.93 -1.91
CA VAL A 11 -6.17 3.96 -2.47
C VAL A 11 -6.81 2.56 -2.50
N GLU A 12 -6.63 1.83 -3.58
CA GLU A 12 -7.22 0.47 -3.67
C GLU A 12 -6.12 -0.56 -3.97
N VAL A 13 -6.15 -1.68 -3.30
CA VAL A 13 -5.12 -2.74 -3.53
C VAL A 13 -5.78 -4.09 -3.80
N SER A 14 -5.28 -4.82 -4.77
CA SER A 14 -5.84 -6.16 -5.10
C SER A 14 -4.75 -7.24 -5.06
N PRO A 15 -4.77 -8.04 -4.01
CA PRO A 15 -3.74 -9.11 -3.90
C PRO A 15 -4.13 -10.34 -4.72
N ARG A 16 -3.18 -11.22 -4.95
CA ARG A 16 -3.44 -12.45 -5.74
C ARG A 16 -2.39 -13.53 -5.40
N PHE A 17 -2.84 -14.71 -5.10
CA PHE A 17 -1.90 -15.83 -4.73
C PHE A 17 -0.97 -16.19 -5.89
N LEU A 18 0.28 -16.45 -5.59
CA LEU A 18 1.26 -16.85 -6.65
C LEU A 18 1.76 -18.27 -6.42
N ALA A 19 0.97 -19.22 -6.84
CA ALA A 19 1.36 -20.67 -6.71
C ALA A 19 2.52 -21.01 -7.64
N HIS A 20 2.56 -20.42 -8.80
CA HIS A 20 3.68 -20.72 -9.76
C HIS A 20 5.00 -20.16 -9.24
N GLN A 21 4.95 -19.15 -8.41
CA GLN A 21 6.22 -18.56 -7.87
C GLN A 21 6.26 -18.64 -6.35
N SER A 22 5.87 -19.76 -5.78
CA SER A 22 5.88 -19.89 -4.30
C SER A 22 5.76 -21.36 -3.87
N THR A 23 6.39 -21.72 -2.78
CA THR A 23 6.30 -23.14 -2.28
C THR A 23 5.71 -23.14 -0.87
N PRO A 24 4.41 -23.30 -0.80
CA PRO A 24 3.74 -23.28 0.53
C PRO A 24 4.16 -24.48 1.39
N ASP A 25 4.62 -25.54 0.77
CA ASP A 25 5.03 -26.75 1.55
C ASP A 25 6.25 -26.44 2.43
N GLU A 26 7.03 -25.46 2.06
CA GLU A 26 8.25 -25.13 2.88
C GLU A 26 8.02 -23.85 3.69
N GLY A 27 6.78 -23.51 3.97
CA GLY A 27 6.49 -22.28 4.76
C GLY A 27 6.88 -21.03 3.95
N ARG A 28 6.84 -21.14 2.64
CA ARG A 28 7.20 -19.98 1.78
C ARG A 28 6.02 -19.60 0.88
N TYR A 29 5.22 -18.66 1.31
CA TYR A 29 4.04 -18.23 0.48
C TYR A 29 4.36 -16.88 -0.17
N ALA A 30 4.10 -16.74 -1.45
CA ALA A 30 4.40 -15.45 -2.13
C ALA A 30 3.12 -14.76 -2.61
N PHE A 31 2.87 -13.57 -2.14
CA PHE A 31 1.64 -12.83 -2.58
C PHE A 31 2.06 -11.56 -3.34
N ALA A 32 1.44 -11.29 -4.46
CA ALA A 32 1.77 -10.04 -5.22
C ALA A 32 0.57 -9.10 -5.16
N TYR A 33 0.76 -7.84 -4.87
CA TYR A 33 -0.42 -6.91 -4.78
C TYR A 33 -0.21 -5.67 -5.63
N SER A 34 -1.26 -5.19 -6.25
CA SER A 34 -1.16 -3.97 -7.10
C SER A 34 -1.81 -2.79 -6.37
N ILE A 35 -1.21 -1.63 -6.44
CA ILE A 35 -1.78 -0.44 -5.73
C ILE A 35 -2.37 0.58 -6.71
N ARG A 36 -3.54 1.06 -6.40
CA ARG A 36 -4.20 2.06 -7.27
C ARG A 36 -4.55 3.31 -6.46
N ILE A 37 -3.73 4.32 -6.55
CA ILE A 37 -3.96 5.60 -5.80
C ILE A 37 -4.70 6.61 -6.67
N GLN A 38 -5.88 7.01 -6.26
CA GLN A 38 -6.65 8.03 -7.05
C GLN A 38 -6.83 9.28 -6.20
N ASN A 39 -6.68 10.43 -6.81
CA ASN A 39 -6.80 11.72 -6.05
C ASN A 39 -8.25 12.22 -6.08
N ALA A 40 -8.88 12.32 -4.93
CA ALA A 40 -10.28 12.83 -4.88
C ALA A 40 -10.34 14.17 -4.11
N GLY A 41 -9.21 14.75 -3.80
CA GLY A 41 -9.21 16.05 -3.05
C GLY A 41 -9.43 17.20 -4.04
N ALA A 42 -9.43 18.42 -3.55
CA ALA A 42 -9.63 19.59 -4.47
C ALA A 42 -8.28 20.16 -4.89
N VAL A 43 -7.32 20.11 -4.01
CA VAL A 43 -5.97 20.66 -4.33
C VAL A 43 -4.99 19.50 -4.62
N PRO A 44 -4.16 19.70 -5.63
CA PRO A 44 -3.18 18.62 -5.99
C PRO A 44 -2.38 18.14 -4.78
N ALA A 45 -2.10 16.86 -4.73
CA ALA A 45 -1.33 16.30 -3.58
C ALA A 45 -0.34 15.25 -4.06
N ARG A 46 0.74 15.08 -3.34
CA ARG A 46 1.77 14.08 -3.73
C ARG A 46 2.09 13.17 -2.54
N LEU A 47 2.64 12.00 -2.80
CA LEU A 47 2.96 11.07 -1.68
C LEU A 47 4.45 11.21 -1.33
N VAL A 48 4.74 11.68 -0.16
CA VAL A 48 6.17 11.85 0.26
C VAL A 48 6.64 10.70 1.15
N ALA A 49 5.74 10.04 1.85
CA ALA A 49 6.17 8.93 2.75
C ALA A 49 5.16 7.77 2.75
N ARG A 50 5.59 6.63 3.22
CA ARG A 50 4.68 5.44 3.26
C ARG A 50 4.99 4.57 4.49
N HIS A 51 3.96 4.02 5.09
CA HIS A 51 4.15 3.15 6.29
C HIS A 51 3.11 2.03 6.27
N TRP A 52 3.56 0.81 6.15
CA TRP A 52 2.61 -0.35 6.09
C TRP A 52 2.48 -1.03 7.46
N GLN A 53 1.27 -1.35 7.85
CA GLN A 53 1.04 -2.04 9.17
C GLN A 53 0.47 -3.44 8.91
N ILE A 54 1.29 -4.36 8.48
CA ILE A 54 0.81 -5.74 8.17
C ILE A 54 0.81 -6.64 9.43
N THR A 55 -0.28 -7.32 9.67
CA THR A 55 -0.37 -8.25 10.83
C THR A 55 -0.64 -9.66 10.30
N ASP A 56 0.09 -10.63 10.79
CA ASP A 56 -0.10 -12.03 10.30
C ASP A 56 -1.20 -12.75 11.09
N GLY A 57 -1.60 -13.90 10.61
CA GLY A 57 -2.67 -14.69 11.28
C GLY A 57 -2.28 -15.10 12.72
N ASN A 58 -1.05 -14.88 13.13
CA ASN A 58 -0.67 -15.27 14.54
C ASN A 58 -0.65 -14.03 15.45
N GLY A 59 -1.11 -12.89 14.96
CA GLY A 59 -1.14 -11.67 15.81
C GLY A 59 0.14 -10.84 15.63
N ARG A 60 1.21 -11.45 15.20
CA ARG A 60 2.49 -10.68 15.02
C ARG A 60 2.28 -9.57 13.99
N THR A 61 2.88 -8.41 14.21
CA THR A 61 2.69 -7.28 13.25
C THR A 61 4.05 -6.76 12.77
N GLU A 62 4.15 -6.40 11.51
CA GLU A 62 5.45 -5.87 11.00
C GLU A 62 5.25 -4.48 10.40
N GLN A 63 5.93 -3.50 10.94
CA GLN A 63 5.79 -2.10 10.44
C GLN A 63 7.01 -1.71 9.60
N VAL A 64 6.78 -1.09 8.47
CA VAL A 64 7.92 -0.67 7.59
C VAL A 64 7.78 0.80 7.23
N ASP A 65 8.83 1.56 7.40
CA ASP A 65 8.79 3.02 7.08
C ASP A 65 9.87 3.38 6.07
N GLY A 66 9.50 4.01 4.98
CA GLY A 66 10.50 4.40 3.96
C GLY A 66 10.06 5.71 3.29
N GLU A 67 10.99 6.53 2.89
CA GLU A 67 10.62 7.81 2.23
C GLU A 67 10.10 7.56 0.82
N GLY A 68 9.30 8.46 0.29
CA GLY A 68 8.75 8.30 -1.09
C GLY A 68 8.16 6.90 -1.30
N VAL A 69 7.81 6.59 -2.52
CA VAL A 69 7.25 5.24 -2.84
C VAL A 69 8.02 4.64 -4.02
N VAL A 70 8.50 3.43 -3.85
CA VAL A 70 9.30 2.72 -4.91
C VAL A 70 10.30 3.67 -5.59
N GLY A 71 10.85 4.60 -4.83
CA GLY A 71 11.88 5.55 -5.36
C GLY A 71 11.26 6.77 -6.05
N GLU A 72 10.01 7.09 -5.82
CA GLU A 72 9.42 8.29 -6.51
C GLU A 72 8.36 9.01 -5.66
N GLN A 73 8.25 10.30 -5.85
CA GLN A 73 7.24 11.12 -5.11
C GLN A 73 6.23 11.68 -6.13
N PRO A 74 5.37 10.79 -6.61
CA PRO A 74 4.38 11.22 -7.63
C PRO A 74 3.53 12.42 -7.16
N TRP A 75 3.24 13.32 -8.06
CA TRP A 75 2.41 14.51 -7.71
C TRP A 75 1.00 14.29 -8.26
N LEU A 76 0.22 13.47 -7.58
CA LEU A 76 -1.16 13.18 -8.07
C LEU A 76 -2.02 14.44 -8.13
N ARG A 77 -2.46 14.79 -9.32
CA ARG A 77 -3.34 15.98 -9.48
C ARG A 77 -4.80 15.55 -9.30
N PRO A 78 -5.65 16.50 -8.99
CA PRO A 78 -7.09 16.12 -8.81
C PRO A 78 -7.64 15.36 -10.03
N GLY A 79 -8.26 14.23 -9.80
CA GLY A 79 -8.82 13.44 -10.93
C GLY A 79 -7.79 12.43 -11.48
N GLU A 80 -6.52 12.64 -11.21
CA GLU A 80 -5.48 11.69 -11.73
C GLU A 80 -5.28 10.54 -10.74
N ALA A 81 -4.61 9.50 -11.17
CA ALA A 81 -4.37 8.33 -10.27
C ALA A 81 -2.99 7.72 -10.53
N PHE A 82 -2.35 7.21 -9.51
CA PHE A 82 -1.02 6.58 -9.68
C PHE A 82 -1.13 5.08 -9.35
N HIS A 83 -0.45 4.24 -10.09
CA HIS A 83 -0.53 2.77 -9.81
C HIS A 83 0.78 2.07 -10.15
N TYR A 84 1.18 1.12 -9.34
CA TYR A 84 2.43 0.36 -9.61
C TYR A 84 2.35 -1.04 -8.99
N THR A 85 3.19 -1.95 -9.42
CA THR A 85 3.14 -3.34 -8.87
C THR A 85 4.21 -3.54 -7.78
N SER A 86 3.84 -4.16 -6.69
CA SER A 86 4.81 -4.41 -5.59
C SER A 86 4.85 -5.91 -5.25
N GLY A 87 5.83 -6.37 -4.51
CA GLY A 87 5.89 -7.81 -4.16
C GLY A 87 6.17 -8.00 -2.66
N VAL A 88 5.37 -8.82 -2.01
CA VAL A 88 5.57 -9.08 -0.55
C VAL A 88 5.52 -10.59 -0.30
N LEU A 89 6.27 -11.07 0.66
CA LEU A 89 6.27 -12.53 0.96
C LEU A 89 5.60 -12.81 2.31
N LEU A 90 4.88 -13.90 2.42
CA LEU A 90 4.19 -14.22 3.71
C LEU A 90 4.65 -15.59 4.21
N GLU A 91 4.75 -15.76 5.50
CA GLU A 91 5.20 -17.06 6.07
C GLU A 91 4.06 -18.08 6.05
N THR A 92 2.83 -17.62 6.09
CA THR A 92 1.67 -18.56 6.09
C THR A 92 0.74 -18.23 4.91
N GLU A 93 -0.23 -19.08 4.66
CA GLU A 93 -1.17 -18.85 3.52
C GLU A 93 -2.34 -17.94 3.94
N GLN A 94 -2.26 -17.30 5.08
CA GLN A 94 -3.38 -16.40 5.51
C GLN A 94 -2.80 -15.15 6.18
N GLY A 95 -3.42 -14.01 6.00
CA GLY A 95 -2.86 -12.78 6.67
C GLY A 95 -3.66 -11.52 6.32
N GLN A 96 -3.53 -10.52 7.16
CA GLN A 96 -4.24 -9.22 6.94
C GLN A 96 -3.22 -8.09 6.79
N MET A 97 -3.34 -7.28 5.77
CA MET A 97 -2.35 -6.17 5.58
C MET A 97 -3.06 -4.82 5.46
N GLN A 98 -2.82 -3.92 6.37
CA GLN A 98 -3.45 -2.57 6.31
C GLN A 98 -2.35 -1.51 6.46
N GLY A 99 -2.52 -0.35 5.88
CA GLY A 99 -1.45 0.69 6.01
C GLY A 99 -1.97 2.06 5.59
N HIS A 100 -1.12 3.05 5.60
CA HIS A 100 -1.55 4.42 5.19
C HIS A 100 -0.45 5.11 4.37
N TYR A 101 -0.82 6.11 3.61
CA TYR A 101 0.17 6.86 2.77
C TYR A 101 0.29 8.30 3.25
N ASP A 102 1.49 8.77 3.51
CA ASP A 102 1.64 10.20 3.93
C ASP A 102 1.67 11.08 2.69
N MET A 103 0.76 12.02 2.61
CA MET A 103 0.68 12.92 1.43
C MET A 103 0.78 14.38 1.86
N VAL A 104 1.09 15.26 0.94
CA VAL A 104 1.20 16.70 1.30
C VAL A 104 0.60 17.57 0.18
N ALA A 105 -0.27 18.48 0.52
CA ALA A 105 -0.88 19.36 -0.52
C ALA A 105 0.16 20.37 -1.02
N ASP A 106 -0.12 21.04 -2.11
CA ASP A 106 0.86 22.03 -2.65
C ASP A 106 1.02 23.20 -1.68
N ASP A 107 -0.01 23.51 -0.92
CA ASP A 107 0.08 24.66 0.03
C ASP A 107 0.89 24.27 1.29
N GLY A 108 1.28 23.03 1.42
CA GLY A 108 2.08 22.61 2.62
C GLY A 108 1.18 21.88 3.63
N THR A 109 -0.12 21.89 3.42
CA THR A 109 -1.03 21.18 4.39
C THR A 109 -0.63 19.70 4.51
N GLU A 110 -0.57 19.18 5.71
CA GLU A 110 -0.18 17.75 5.87
C GLU A 110 -1.41 16.87 6.14
N PHE A 111 -1.45 15.71 5.54
CA PHE A 111 -2.59 14.79 5.74
C PHE A 111 -2.23 13.38 5.27
N ILE A 112 -2.71 12.37 5.97
CA ILE A 112 -2.39 10.97 5.58
C ILE A 112 -3.52 10.35 4.76
N ALA A 113 -3.21 9.36 3.98
CA ALA A 113 -4.27 8.68 3.15
C ALA A 113 -4.31 7.19 3.54
N PRO A 114 -5.23 6.87 4.40
CA PRO A 114 -5.33 5.44 4.86
C PRO A 114 -5.59 4.48 3.69
N ILE A 115 -4.96 3.34 3.75
CA ILE A 115 -5.13 2.30 2.70
C ILE A 115 -5.98 1.16 3.28
N ALA A 116 -7.06 0.83 2.63
CA ALA A 116 -7.97 -0.26 3.12
C ALA A 116 -7.18 -1.53 3.44
N ALA A 117 -7.62 -2.28 4.42
CA ALA A 117 -6.91 -3.53 4.79
C ALA A 117 -7.48 -4.71 3.99
N PHE A 118 -6.63 -5.39 3.26
CA PHE A 118 -7.09 -6.57 2.47
C PHE A 118 -6.55 -7.85 3.11
N VAL A 119 -7.08 -8.98 2.75
CA VAL A 119 -6.58 -10.25 3.35
C VAL A 119 -5.92 -11.13 2.29
N LEU A 120 -5.03 -11.99 2.69
CA LEU A 120 -4.34 -12.88 1.72
C LEU A 120 -4.75 -14.33 1.98
N SER A 121 -5.11 -15.05 0.95
CA SER A 121 -5.52 -16.47 1.14
C SER A 121 -5.27 -17.27 -0.15
N ARG A 6 -11.56 19.35 0.53
CA ARG A 6 -10.40 19.80 -0.30
C ARG A 6 -9.27 18.77 -0.24
N TYR A 7 -9.20 18.00 0.82
CA TYR A 7 -8.13 16.97 0.94
C TYR A 7 -8.75 15.56 0.96
N ARG A 8 -8.60 14.83 -0.11
CA ARG A 8 -9.17 13.44 -0.16
C ARG A 8 -8.38 12.57 -1.14
N VAL A 9 -8.07 11.37 -0.73
CA VAL A 9 -7.30 10.43 -1.61
C VAL A 9 -7.66 8.98 -1.26
N GLU A 10 -8.26 8.28 -2.19
CA GLU A 10 -8.63 6.85 -1.97
C GLU A 10 -7.70 5.94 -2.77
N VAL A 11 -7.15 4.94 -2.11
CA VAL A 11 -6.23 3.99 -2.78
C VAL A 11 -6.82 2.57 -2.75
N GLU A 12 -6.70 1.83 -3.82
CA GLU A 12 -7.25 0.45 -3.86
C GLU A 12 -6.14 -0.56 -4.16
N VAL A 13 -6.13 -1.66 -3.47
CA VAL A 13 -5.07 -2.70 -3.70
C VAL A 13 -5.70 -4.07 -3.93
N SER A 14 -5.20 -4.81 -4.90
CA SER A 14 -5.76 -6.15 -5.20
C SER A 14 -4.65 -7.22 -5.16
N PRO A 15 -4.66 -8.02 -4.12
CA PRO A 15 -3.61 -9.09 -4.01
C PRO A 15 -4.01 -10.33 -4.82
N ARG A 16 -3.06 -11.20 -5.04
CA ARG A 16 -3.31 -12.45 -5.83
C ARG A 16 -2.25 -13.51 -5.47
N PHE A 17 -2.70 -14.70 -5.15
CA PHE A 17 -1.77 -15.79 -4.77
C PHE A 17 -0.82 -16.16 -5.93
N LEU A 18 0.42 -16.42 -5.63
CA LEU A 18 1.40 -16.80 -6.70
C LEU A 18 1.91 -18.23 -6.47
N ALA A 19 1.13 -19.19 -6.89
CA ALA A 19 1.52 -20.63 -6.75
C ALA A 19 2.69 -20.97 -7.67
N HIS A 20 2.73 -20.39 -8.84
CA HIS A 20 3.85 -20.68 -9.79
C HIS A 20 5.17 -20.11 -9.27
N GLN A 21 5.12 -19.11 -8.43
CA GLN A 21 6.39 -18.51 -7.90
C GLN A 21 6.43 -18.59 -6.37
N SER A 22 5.97 -19.68 -5.80
CA SER A 22 5.99 -19.81 -4.31
C SER A 22 5.89 -21.28 -3.88
N THR A 23 6.55 -21.64 -2.81
CA THR A 23 6.48 -23.04 -2.30
C THR A 23 5.89 -23.04 -0.88
N PRO A 24 4.60 -23.20 -0.80
CA PRO A 24 3.94 -23.18 0.54
C PRO A 24 4.37 -24.38 1.40
N ASP A 25 4.82 -25.44 0.79
CA ASP A 25 5.24 -26.64 1.58
C ASP A 25 6.46 -26.34 2.46
N GLU A 26 7.24 -25.35 2.09
CA GLU A 26 8.45 -25.01 2.90
C GLU A 26 8.22 -23.73 3.71
N GLY A 27 6.98 -23.39 3.99
CA GLY A 27 6.68 -22.15 4.77
C GLY A 27 7.07 -20.92 3.95
N ARG A 28 7.02 -21.04 2.64
CA ARG A 28 7.38 -19.88 1.77
C ARG A 28 6.20 -19.52 0.87
N TYR A 29 5.39 -18.58 1.30
CA TYR A 29 4.23 -18.15 0.46
C TYR A 29 4.53 -16.80 -0.20
N ALA A 30 4.26 -16.67 -1.48
CA ALA A 30 4.55 -15.38 -2.17
C ALA A 30 3.27 -14.71 -2.66
N PHE A 31 3.01 -13.51 -2.18
CA PHE A 31 1.79 -12.79 -2.62
C PHE A 31 2.17 -11.52 -3.39
N ALA A 32 1.53 -11.25 -4.49
CA ALA A 32 1.85 -10.02 -5.28
C ALA A 32 0.65 -9.07 -5.21
N TYR A 33 0.85 -7.82 -4.92
CA TYR A 33 -0.31 -6.89 -4.82
C TYR A 33 -0.10 -5.63 -5.68
N SER A 34 -1.16 -5.14 -6.29
CA SER A 34 -1.03 -3.92 -7.14
C SER A 34 -1.64 -2.73 -6.41
N ILE A 35 -1.03 -1.59 -6.50
CA ILE A 35 -1.54 -0.37 -5.81
C ILE A 35 -2.22 0.60 -6.78
N ARG A 36 -3.40 1.05 -6.41
CA ARG A 36 -4.15 2.01 -7.27
C ARG A 36 -4.46 3.27 -6.47
N ILE A 37 -3.65 4.28 -6.63
CA ILE A 37 -3.85 5.56 -5.89
C ILE A 37 -4.69 6.54 -6.72
N GLN A 38 -5.84 6.92 -6.23
CA GLN A 38 -6.70 7.88 -6.98
C GLN A 38 -6.87 9.16 -6.13
N ASN A 39 -6.71 10.29 -6.76
CA ASN A 39 -6.84 11.58 -6.00
C ASN A 39 -8.27 12.11 -6.08
N ALA A 40 -8.94 12.22 -4.95
CA ALA A 40 -10.34 12.74 -4.96
C ALA A 40 -10.41 14.09 -4.19
N GLY A 41 -9.29 14.67 -3.87
CA GLY A 41 -9.30 15.98 -3.14
C GLY A 41 -9.53 17.11 -4.14
N ALA A 42 -9.56 18.34 -3.67
CA ALA A 42 -9.78 19.49 -4.60
C ALA A 42 -8.44 20.08 -5.03
N VAL A 43 -7.47 20.04 -4.15
CA VAL A 43 -6.12 20.61 -4.48
C VAL A 43 -5.13 19.46 -4.75
N PRO A 44 -4.27 19.68 -5.74
CA PRO A 44 -3.29 18.60 -6.08
C PRO A 44 -2.48 18.14 -4.85
N ALA A 45 -2.20 16.87 -4.79
CA ALA A 45 -1.43 16.32 -3.63
C ALA A 45 -0.41 15.29 -4.10
N ARG A 46 0.67 15.15 -3.37
CA ARG A 46 1.72 14.16 -3.74
C ARG A 46 2.04 13.26 -2.54
N LEU A 47 2.61 12.10 -2.78
CA LEU A 47 2.94 11.19 -1.65
C LEU A 47 4.41 11.35 -1.26
N VAL A 48 4.68 11.80 -0.06
CA VAL A 48 6.10 11.98 0.38
C VAL A 48 6.57 10.80 1.23
N ALA A 49 5.67 10.16 1.94
CA ALA A 49 6.10 9.01 2.80
C ALA A 49 5.08 7.87 2.79
N ARG A 50 5.50 6.71 3.21
CA ARG A 50 4.61 5.52 3.25
C ARG A 50 4.92 4.65 4.48
N HIS A 51 3.91 4.12 5.09
CA HIS A 51 4.11 3.25 6.29
C HIS A 51 3.07 2.12 6.29
N TRP A 52 3.53 0.90 6.14
CA TRP A 52 2.59 -0.26 6.12
C TRP A 52 2.53 -0.96 7.49
N GLN A 53 1.34 -1.28 7.93
CA GLN A 53 1.17 -1.97 9.24
C GLN A 53 0.59 -3.36 8.99
N ILE A 54 1.41 -4.28 8.52
CA ILE A 54 0.92 -5.66 8.24
C ILE A 54 0.94 -6.56 9.48
N THR A 55 -0.15 -7.23 9.76
CA THR A 55 -0.21 -8.15 10.92
C THR A 55 -0.55 -9.55 10.40
N ASP A 56 0.17 -10.55 10.86
CA ASP A 56 -0.08 -11.94 10.39
C ASP A 56 -1.16 -12.64 11.22
N GLY A 57 -1.60 -13.78 10.76
CA GLY A 57 -2.67 -14.54 11.47
C GLY A 57 -2.22 -14.98 12.88
N ASN A 58 -0.97 -14.81 13.24
CA ASN A 58 -0.54 -15.20 14.62
C ASN A 58 -0.46 -13.97 15.54
N GLY A 59 -0.92 -12.83 15.09
CA GLY A 59 -0.90 -11.61 15.94
C GLY A 59 0.40 -10.80 15.72
N ARG A 60 1.44 -11.44 15.23
CA ARG A 60 2.72 -10.69 15.00
C ARG A 60 2.48 -9.53 14.02
N THR A 61 3.10 -8.40 14.26
CA THR A 61 2.89 -7.23 13.35
C THR A 61 4.23 -6.70 12.83
N GLU A 62 4.29 -6.33 11.58
CA GLU A 62 5.58 -5.80 11.02
C GLU A 62 5.35 -4.40 10.43
N GLN A 63 6.04 -3.42 10.95
CA GLN A 63 5.88 -2.03 10.44
C GLN A 63 7.07 -1.62 9.57
N VAL A 64 6.81 -1.00 8.45
CA VAL A 64 7.92 -0.57 7.55
C VAL A 64 7.76 0.91 7.20
N ASP A 65 8.81 1.67 7.34
CA ASP A 65 8.75 3.13 7.04
C ASP A 65 9.83 3.51 6.02
N GLY A 66 9.44 4.17 4.95
CA GLY A 66 10.44 4.59 3.92
C GLY A 66 9.97 5.88 3.25
N GLU A 67 10.89 6.68 2.79
CA GLU A 67 10.50 7.96 2.12
C GLU A 67 10.06 7.71 0.69
N GLY A 68 9.27 8.59 0.12
CA GLY A 68 8.80 8.42 -1.29
C GLY A 68 8.19 7.03 -1.50
N VAL A 69 7.86 6.72 -2.72
CA VAL A 69 7.27 5.38 -3.05
C VAL A 69 8.04 4.75 -4.21
N VAL A 70 8.48 3.52 -4.02
CA VAL A 70 9.26 2.77 -5.07
C VAL A 70 10.28 3.67 -5.78
N GLY A 71 10.89 4.57 -5.05
CA GLY A 71 11.94 5.47 -5.62
C GLY A 71 11.35 6.70 -6.35
N GLU A 72 10.10 7.03 -6.15
CA GLU A 72 9.54 8.23 -6.85
C GLU A 72 8.52 8.98 -6.00
N GLN A 73 8.41 10.26 -6.21
CA GLN A 73 7.45 11.11 -5.44
C GLN A 73 6.39 11.66 -6.42
N PRO A 74 5.48 10.79 -6.81
CA PRO A 74 4.44 11.24 -7.79
C PRO A 74 3.63 12.43 -7.27
N TRP A 75 3.34 13.36 -8.14
CA TRP A 75 2.53 14.56 -7.76
C TRP A 75 1.10 14.37 -8.27
N LEU A 76 0.32 13.57 -7.60
CA LEU A 76 -1.07 13.30 -8.06
C LEU A 76 -1.91 14.58 -8.11
N ARG A 77 -2.37 14.93 -9.28
CA ARG A 77 -3.23 16.14 -9.45
C ARG A 77 -4.68 15.75 -9.16
N PRO A 78 -5.49 16.72 -8.79
CA PRO A 78 -6.92 16.36 -8.50
C PRO A 78 -7.56 15.61 -9.67
N GLY A 79 -8.15 14.48 -9.38
CA GLY A 79 -8.81 13.67 -10.45
C GLY A 79 -7.81 12.67 -11.06
N GLU A 80 -6.53 12.87 -10.87
CA GLU A 80 -5.53 11.92 -11.44
C GLU A 80 -5.28 10.75 -10.49
N ALA A 81 -4.66 9.70 -10.97
CA ALA A 81 -4.39 8.51 -10.11
C ALA A 81 -3.04 7.88 -10.49
N PHE A 82 -2.36 7.29 -9.53
CA PHE A 82 -1.04 6.64 -9.82
C PHE A 82 -1.15 5.15 -9.49
N HIS A 83 -0.47 4.30 -10.23
CA HIS A 83 -0.55 2.83 -9.95
C HIS A 83 0.79 2.14 -10.24
N TYR A 84 1.18 1.20 -9.41
CA TYR A 84 2.45 0.46 -9.63
C TYR A 84 2.35 -0.96 -9.06
N THR A 85 3.18 -1.87 -9.49
CA THR A 85 3.11 -3.27 -8.97
C THR A 85 4.19 -3.50 -7.91
N SER A 86 3.83 -4.13 -6.81
CA SER A 86 4.82 -4.39 -5.73
C SER A 86 4.86 -5.89 -5.41
N GLY A 87 5.85 -6.34 -4.67
CA GLY A 87 5.92 -7.80 -4.33
C GLY A 87 6.21 -7.99 -2.84
N VAL A 88 5.44 -8.80 -2.18
CA VAL A 88 5.66 -9.08 -0.71
C VAL A 88 5.56 -10.58 -0.44
N LEU A 89 6.30 -11.06 0.53
CA LEU A 89 6.26 -12.52 0.85
C LEU A 89 5.63 -12.76 2.23
N LEU A 90 4.90 -13.83 2.37
CA LEU A 90 4.24 -14.12 3.69
C LEU A 90 4.70 -15.49 4.19
N GLU A 91 4.82 -15.66 5.49
CA GLU A 91 5.27 -16.96 6.05
C GLU A 91 4.12 -17.98 6.04
N THR A 92 2.90 -17.52 6.09
CA THR A 92 1.74 -18.47 6.07
C THR A 92 0.81 -18.18 4.90
N GLU A 93 -0.15 -19.03 4.67
CA GLU A 93 -1.10 -18.82 3.53
C GLU A 93 -2.28 -17.93 3.94
N GLN A 94 -2.21 -17.29 5.08
CA GLN A 94 -3.34 -16.40 5.52
C GLN A 94 -2.78 -15.15 6.20
N GLY A 95 -3.42 -14.02 6.05
CA GLY A 95 -2.87 -12.79 6.72
C GLY A 95 -3.69 -11.54 6.40
N GLN A 96 -3.66 -10.59 7.30
CA GLN A 96 -4.40 -9.31 7.10
C GLN A 96 -3.40 -8.15 7.06
N MET A 97 -3.49 -7.29 6.07
CA MET A 97 -2.51 -6.16 5.99
C MET A 97 -3.23 -4.81 5.86
N GLN A 98 -2.97 -3.90 6.77
CA GLN A 98 -3.60 -2.55 6.70
C GLN A 98 -2.49 -1.49 6.77
N GLY A 99 -2.66 -0.34 6.17
CA GLY A 99 -1.57 0.68 6.24
C GLY A 99 -2.09 2.05 5.83
N HIS A 100 -1.22 3.03 5.80
CA HIS A 100 -1.64 4.41 5.41
C HIS A 100 -0.54 5.10 4.58
N TYR A 101 -0.91 6.11 3.82
CA TYR A 101 0.10 6.83 2.98
C TYR A 101 0.20 8.29 3.43
N ASP A 102 1.38 8.79 3.67
CA ASP A 102 1.53 10.22 4.08
C ASP A 102 1.53 11.09 2.82
N MET A 103 0.61 12.01 2.76
CA MET A 103 0.50 12.91 1.56
C MET A 103 0.60 14.38 1.99
N VAL A 104 0.87 15.26 1.06
CA VAL A 104 0.98 16.71 1.40
C VAL A 104 0.38 17.57 0.29
N ALA A 105 -0.46 18.52 0.63
CA ALA A 105 -1.06 19.40 -0.41
C ALA A 105 0.00 20.33 -0.98
N ASP A 106 -0.26 20.97 -2.08
CA ASP A 106 0.74 21.89 -2.69
C ASP A 106 0.99 23.09 -1.79
N ASP A 107 0.01 23.47 -0.99
CA ASP A 107 0.18 24.64 -0.09
C ASP A 107 0.97 24.27 1.17
N GLY A 108 1.36 23.01 1.32
CA GLY A 108 2.13 22.61 2.54
C GLY A 108 1.21 21.89 3.54
N THR A 109 -0.08 21.89 3.32
CA THR A 109 -1.01 21.21 4.28
C THR A 109 -0.63 19.73 4.40
N GLU A 110 -0.55 19.20 5.60
CA GLU A 110 -0.18 17.77 5.76
C GLU A 110 -1.42 16.91 6.05
N PHE A 111 -1.49 15.75 5.45
CA PHE A 111 -2.65 14.84 5.68
C PHE A 111 -2.30 13.42 5.24
N ILE A 112 -2.75 12.44 5.98
CA ILE A 112 -2.45 11.01 5.62
C ILE A 112 -3.62 10.38 4.86
N ALA A 113 -3.34 9.36 4.10
CA ALA A 113 -4.43 8.66 3.33
C ALA A 113 -4.47 7.19 3.75
N PRO A 114 -5.37 6.88 4.65
CA PRO A 114 -5.46 5.47 5.13
C PRO A 114 -5.75 4.49 3.98
N ILE A 115 -5.12 3.34 4.06
CA ILE A 115 -5.32 2.28 3.03
C ILE A 115 -6.15 1.15 3.63
N ALA A 116 -7.26 0.82 3.01
CA ALA A 116 -8.15 -0.26 3.53
C ALA A 116 -7.37 -1.54 3.82
N ALA A 117 -7.83 -2.31 4.77
CA ALA A 117 -7.12 -3.58 5.13
C ALA A 117 -7.80 -4.77 4.45
N PHE A 118 -7.08 -5.46 3.59
CA PHE A 118 -7.67 -6.64 2.91
C PHE A 118 -7.05 -7.91 3.48
N VAL A 119 -7.58 -9.06 3.17
CA VAL A 119 -7.01 -10.33 3.71
C VAL A 119 -6.41 -11.18 2.59
N LEU A 120 -5.46 -12.01 2.91
CA LEU A 120 -4.83 -12.89 1.88
C LEU A 120 -5.17 -14.36 2.19
N SER A 121 -5.59 -15.10 1.20
CA SER A 121 -5.95 -16.53 1.43
C SER A 121 -5.79 -17.33 0.13
N ARG A 6 -11.61 19.10 0.31
CA ARG A 6 -10.40 19.60 -0.41
C ARG A 6 -9.26 18.60 -0.27
N TYR A 7 -9.17 17.94 0.85
CA TYR A 7 -8.07 16.94 1.06
C TYR A 7 -8.66 15.52 1.07
N ARG A 8 -8.54 14.81 -0.02
CA ARG A 8 -9.09 13.42 -0.10
C ARG A 8 -8.24 12.56 -1.04
N VAL A 9 -7.95 11.36 -0.65
CA VAL A 9 -7.13 10.43 -1.47
C VAL A 9 -7.55 8.99 -1.18
N GLU A 10 -8.10 8.31 -2.15
CA GLU A 10 -8.52 6.89 -1.98
C GLU A 10 -7.57 5.96 -2.75
N VAL A 11 -7.08 4.94 -2.09
CA VAL A 11 -6.14 3.98 -2.75
C VAL A 11 -6.77 2.58 -2.75
N GLU A 12 -6.63 1.86 -3.84
CA GLU A 12 -7.21 0.49 -3.92
C GLU A 12 -6.09 -0.53 -4.20
N VAL A 13 -6.12 -1.65 -3.53
CA VAL A 13 -5.07 -2.68 -3.74
C VAL A 13 -5.71 -4.05 -4.00
N SER A 14 -5.19 -4.78 -4.96
CA SER A 14 -5.74 -6.12 -5.28
C SER A 14 -4.63 -7.18 -5.22
N PRO A 15 -4.63 -7.96 -4.17
CA PRO A 15 -3.59 -9.02 -4.04
C PRO A 15 -3.99 -10.29 -4.80
N ARG A 16 -3.04 -11.17 -5.01
CA ARG A 16 -3.32 -12.44 -5.75
C ARG A 16 -2.26 -13.48 -5.38
N PHE A 17 -2.70 -14.68 -5.04
CA PHE A 17 -1.76 -15.77 -4.66
C PHE A 17 -0.76 -16.07 -5.78
N LEU A 18 0.49 -16.28 -5.43
CA LEU A 18 1.53 -16.59 -6.46
C LEU A 18 2.07 -18.00 -6.26
N ALA A 19 1.33 -18.97 -6.74
CA ALA A 19 1.75 -20.41 -6.63
C ALA A 19 2.95 -20.71 -7.55
N HIS A 20 3.02 -20.10 -8.70
CA HIS A 20 4.15 -20.37 -9.62
C HIS A 20 5.47 -19.82 -9.08
N GLN A 21 5.40 -18.84 -8.20
CA GLN A 21 6.66 -18.27 -7.63
C GLN A 21 6.67 -18.40 -6.10
N SER A 22 6.15 -19.49 -5.58
CA SER A 22 6.14 -19.66 -4.09
C SER A 22 6.05 -21.15 -3.71
N THR A 23 6.67 -21.53 -2.63
CA THR A 23 6.60 -22.95 -2.17
C THR A 23 6.03 -22.99 -0.76
N PRO A 24 4.73 -23.15 -0.68
CA PRO A 24 4.08 -23.16 0.67
C PRO A 24 4.51 -24.37 1.51
N ASP A 25 4.97 -25.42 0.88
CA ASP A 25 5.38 -26.63 1.66
C ASP A 25 6.58 -26.32 2.56
N GLU A 26 7.36 -25.32 2.22
CA GLU A 26 8.55 -24.98 3.06
C GLU A 26 8.30 -23.69 3.87
N GLY A 27 7.05 -23.37 4.10
CA GLY A 27 6.73 -22.13 4.87
C GLY A 27 7.10 -20.89 4.05
N ARG A 28 7.03 -21.00 2.75
CA ARG A 28 7.38 -19.84 1.88
C ARG A 28 6.19 -19.46 1.00
N TYR A 29 5.38 -18.53 1.45
CA TYR A 29 4.21 -18.09 0.63
C TYR A 29 4.51 -16.74 0.00
N ALA A 30 4.29 -16.59 -1.29
CA ALA A 30 4.59 -15.29 -1.95
C ALA A 30 3.33 -14.67 -2.55
N PHE A 31 2.98 -13.48 -2.10
CA PHE A 31 1.77 -12.79 -2.64
C PHE A 31 2.18 -11.52 -3.37
N ALA A 32 1.59 -11.25 -4.51
CA ALA A 32 1.93 -10.01 -5.27
C ALA A 32 0.71 -9.09 -5.24
N TYR A 33 0.89 -7.83 -4.91
CA TYR A 33 -0.29 -6.92 -4.86
C TYR A 33 -0.07 -5.65 -5.68
N SER A 34 -1.11 -5.16 -6.31
CA SER A 34 -0.98 -3.92 -7.13
C SER A 34 -1.58 -2.73 -6.39
N ILE A 35 -0.97 -1.58 -6.48
CA ILE A 35 -1.48 -0.38 -5.77
C ILE A 35 -2.13 0.62 -6.74
N ARG A 36 -3.30 1.08 -6.39
CA ARG A 36 -4.02 2.06 -7.25
C ARG A 36 -4.30 3.34 -6.45
N ILE A 37 -3.45 4.32 -6.59
CA ILE A 37 -3.63 5.60 -5.86
C ILE A 37 -4.44 6.60 -6.70
N GLN A 38 -5.60 6.97 -6.25
CA GLN A 38 -6.43 7.95 -7.00
C GLN A 38 -6.65 9.21 -6.14
N ASN A 39 -6.52 10.36 -6.74
CA ASN A 39 -6.69 11.63 -5.97
C ASN A 39 -8.15 12.10 -6.03
N ALA A 40 -8.82 12.14 -4.91
CA ALA A 40 -10.24 12.62 -4.89
C ALA A 40 -10.34 13.95 -4.14
N GLY A 41 -9.25 14.58 -3.81
CA GLY A 41 -9.30 15.89 -3.10
C GLY A 41 -9.53 16.99 -4.13
N ALA A 42 -9.54 18.24 -3.69
CA ALA A 42 -9.76 19.37 -4.65
C ALA A 42 -8.42 19.98 -5.04
N VAL A 43 -7.47 19.93 -4.15
CA VAL A 43 -6.12 20.53 -4.45
C VAL A 43 -5.12 19.39 -4.72
N PRO A 44 -4.25 19.61 -5.70
CA PRO A 44 -3.25 18.54 -6.03
C PRO A 44 -2.49 18.08 -4.79
N ALA A 45 -2.15 16.81 -4.74
CA ALA A 45 -1.42 16.26 -3.57
C ALA A 45 -0.28 15.35 -4.00
N ARG A 46 0.76 15.29 -3.21
CA ARG A 46 1.93 14.43 -3.53
C ARG A 46 2.22 13.49 -2.35
N LEU A 47 2.82 12.35 -2.62
CA LEU A 47 3.12 11.40 -1.51
C LEU A 47 4.56 11.56 -1.07
N VAL A 48 4.78 11.94 0.17
CA VAL A 48 6.17 12.12 0.66
C VAL A 48 6.60 10.91 1.50
N ALA A 49 5.67 10.25 2.16
CA ALA A 49 6.08 9.08 3.00
C ALA A 49 5.05 7.93 2.90
N ARG A 50 5.47 6.77 3.32
CA ARG A 50 4.57 5.56 3.29
C ARG A 50 4.83 4.68 4.52
N HIS A 51 3.78 4.12 5.07
CA HIS A 51 3.93 3.25 6.28
C HIS A 51 2.92 2.10 6.22
N TRP A 52 3.41 0.89 6.10
CA TRP A 52 2.50 -0.30 6.03
C TRP A 52 2.47 -1.04 7.38
N GLN A 53 1.30 -1.40 7.82
CA GLN A 53 1.16 -2.14 9.12
C GLN A 53 0.61 -3.54 8.85
N ILE A 54 1.45 -4.46 8.45
CA ILE A 54 0.96 -5.85 8.15
C ILE A 54 0.92 -6.72 9.41
N THR A 55 -0.20 -7.39 9.64
CA THR A 55 -0.33 -8.29 10.82
C THR A 55 -0.60 -9.70 10.31
N ASP A 56 0.15 -10.67 10.81
CA ASP A 56 -0.04 -12.07 10.34
C ASP A 56 -1.08 -12.81 11.19
N GLY A 57 -1.48 -13.97 10.76
CA GLY A 57 -2.50 -14.78 11.50
C GLY A 57 -2.02 -15.16 12.91
N ASN A 58 -0.77 -14.92 13.26
CA ASN A 58 -0.31 -15.28 14.63
C ASN A 58 -0.23 -14.02 15.53
N GLY A 59 -0.70 -12.89 15.05
CA GLY A 59 -0.69 -11.65 15.89
C GLY A 59 0.59 -10.84 15.62
N ARG A 60 1.66 -11.48 15.24
CA ARG A 60 2.93 -10.72 14.97
C ARG A 60 2.70 -9.71 13.83
N THR A 61 3.28 -8.54 13.94
CA THR A 61 3.08 -7.53 12.85
C THR A 61 4.41 -6.91 12.44
N GLU A 62 4.53 -6.50 11.20
CA GLU A 62 5.79 -5.89 10.72
C GLU A 62 5.53 -4.47 10.19
N GLN A 63 6.18 -3.49 10.74
CA GLN A 63 5.97 -2.09 10.29
C GLN A 63 7.13 -1.63 9.40
N VAL A 64 6.81 -0.97 8.32
CA VAL A 64 7.88 -0.48 7.39
C VAL A 64 7.69 1.02 7.10
N ASP A 65 8.74 1.78 7.22
CA ASP A 65 8.65 3.25 6.98
C ASP A 65 9.68 3.67 5.92
N GLY A 66 9.24 4.37 4.89
CA GLY A 66 10.18 4.82 3.83
C GLY A 66 9.60 6.07 3.16
N GLU A 67 10.36 6.69 2.28
CA GLU A 67 9.85 7.92 1.59
C GLU A 67 9.72 7.66 0.09
N GLY A 68 8.92 8.45 -0.60
CA GLY A 68 8.75 8.28 -2.08
C GLY A 68 8.45 6.82 -2.44
N VAL A 69 7.18 6.49 -2.58
CA VAL A 69 6.79 5.07 -2.94
C VAL A 69 7.64 4.52 -4.09
N VAL A 70 8.10 3.31 -3.93
CA VAL A 70 8.98 2.62 -4.94
C VAL A 70 10.02 3.59 -5.53
N GLY A 71 10.54 4.46 -4.71
CA GLY A 71 11.59 5.42 -5.15
C GLY A 71 11.00 6.65 -5.86
N GLU A 72 9.75 6.97 -5.66
CA GLU A 72 9.19 8.18 -6.34
C GLU A 72 8.11 8.88 -5.49
N GLN A 73 8.00 10.16 -5.70
CA GLN A 73 6.99 11.00 -4.97
C GLN A 73 6.03 11.62 -6.00
N PRO A 74 5.19 10.78 -6.56
CA PRO A 74 4.25 11.28 -7.61
C PRO A 74 3.43 12.49 -7.14
N TRP A 75 3.22 13.44 -8.02
CA TRP A 75 2.40 14.64 -7.67
C TRP A 75 0.99 14.43 -8.22
N LEU A 76 0.22 13.59 -7.58
CA LEU A 76 -1.16 13.30 -8.08
C LEU A 76 -2.03 14.56 -8.13
N ARG A 77 -2.51 14.90 -9.29
CA ARG A 77 -3.40 16.08 -9.42
C ARG A 77 -4.84 15.64 -9.12
N PRO A 78 -5.68 16.59 -8.75
CA PRO A 78 -7.09 16.21 -8.42
C PRO A 78 -7.71 15.43 -9.59
N GLY A 79 -8.27 14.28 -9.30
CA GLY A 79 -8.91 13.44 -10.36
C GLY A 79 -7.87 12.50 -11.02
N GLU A 80 -6.59 12.75 -10.83
CA GLU A 80 -5.56 11.87 -11.45
C GLU A 80 -5.26 10.68 -10.52
N ALA A 81 -4.62 9.66 -11.04
CA ALA A 81 -4.29 8.46 -10.21
C ALA A 81 -2.97 7.84 -10.65
N PHE A 82 -2.26 7.21 -9.75
CA PHE A 82 -0.97 6.55 -10.12
C PHE A 82 -1.07 5.04 -9.85
N HIS A 83 -0.38 4.22 -10.60
CA HIS A 83 -0.48 2.75 -10.36
C HIS A 83 0.90 2.09 -10.49
N TYR A 84 1.21 1.18 -9.59
CA TYR A 84 2.52 0.45 -9.66
C TYR A 84 2.38 -0.94 -9.03
N THR A 85 3.27 -1.85 -9.36
CA THR A 85 3.17 -3.23 -8.80
C THR A 85 4.22 -3.45 -7.70
N SER A 86 3.84 -4.10 -6.63
CA SER A 86 4.79 -4.37 -5.51
C SER A 86 4.86 -5.87 -5.22
N GLY A 87 5.79 -6.30 -4.40
CA GLY A 87 5.88 -7.76 -4.09
C GLY A 87 6.26 -7.97 -2.61
N VAL A 88 5.45 -8.68 -1.88
CA VAL A 88 5.74 -8.96 -0.44
C VAL A 88 5.62 -10.46 -0.18
N LEU A 89 6.39 -10.99 0.75
CA LEU A 89 6.33 -12.45 1.05
C LEU A 89 5.69 -12.69 2.43
N LEU A 90 4.93 -13.74 2.56
CA LEU A 90 4.27 -14.03 3.88
C LEU A 90 4.69 -15.41 4.38
N GLU A 91 4.84 -15.58 5.67
CA GLU A 91 5.25 -16.90 6.22
C GLU A 91 4.10 -17.91 6.14
N THR A 92 2.88 -17.44 6.16
CA THR A 92 1.71 -18.37 6.09
C THR A 92 0.81 -18.03 4.90
N GLU A 93 -0.15 -18.87 4.62
CA GLU A 93 -1.06 -18.62 3.46
C GLU A 93 -2.25 -17.73 3.86
N GLN A 94 -2.21 -17.11 5.02
CA GLN A 94 -3.35 -16.23 5.43
C GLN A 94 -2.82 -15.00 6.16
N GLY A 95 -3.47 -13.86 6.06
CA GLY A 95 -2.95 -12.66 6.79
C GLY A 95 -3.77 -11.41 6.47
N GLN A 96 -3.63 -10.41 7.30
CA GLN A 96 -4.36 -9.12 7.11
C GLN A 96 -3.34 -7.99 6.93
N MET A 97 -3.49 -7.19 5.90
CA MET A 97 -2.51 -6.07 5.67
C MET A 97 -3.23 -4.72 5.56
N GLN A 98 -2.94 -3.82 6.47
CA GLN A 98 -3.57 -2.46 6.44
C GLN A 98 -2.44 -1.43 6.54
N GLY A 99 -2.61 -0.25 5.97
CA GLY A 99 -1.49 0.75 6.07
C GLY A 99 -2.00 2.15 5.71
N HIS A 100 -1.11 3.12 5.75
CA HIS A 100 -1.52 4.51 5.41
C HIS A 100 -0.45 5.17 4.52
N TYR A 101 -0.84 6.15 3.75
CA TYR A 101 0.14 6.84 2.86
C TYR A 101 0.24 8.32 3.25
N ASP A 102 1.42 8.83 3.50
CA ASP A 102 1.54 10.28 3.86
C ASP A 102 1.53 11.12 2.58
N MET A 103 0.59 12.03 2.50
CA MET A 103 0.46 12.89 1.30
C MET A 103 0.60 14.37 1.70
N VAL A 104 0.86 15.23 0.74
CA VAL A 104 1.00 16.68 1.07
C VAL A 104 0.39 17.54 -0.05
N ALA A 105 -0.46 18.46 0.31
CA ALA A 105 -1.08 19.35 -0.72
C ALA A 105 -0.04 20.36 -1.22
N ASP A 106 -0.34 21.05 -2.29
CA ASP A 106 0.64 22.04 -2.83
C ASP A 106 0.91 23.15 -1.81
N ASP A 107 -0.04 23.43 -0.95
CA ASP A 107 0.16 24.51 0.06
C ASP A 107 1.13 24.07 1.16
N GLY A 108 1.47 22.80 1.20
CA GLY A 108 2.43 22.32 2.25
C GLY A 108 1.67 21.66 3.41
N THR A 109 0.35 21.73 3.42
CA THR A 109 -0.42 21.10 4.55
C THR A 109 -0.13 19.60 4.61
N GLU A 110 0.01 19.06 5.80
CA GLU A 110 0.31 17.60 5.92
C GLU A 110 -0.97 16.81 6.24
N PHE A 111 -1.10 15.66 5.65
CA PHE A 111 -2.30 14.80 5.91
C PHE A 111 -2.02 13.37 5.43
N ILE A 112 -2.57 12.39 6.10
CA ILE A 112 -2.31 10.98 5.72
C ILE A 112 -3.50 10.39 4.94
N ALA A 113 -3.24 9.40 4.14
CA ALA A 113 -4.31 8.74 3.34
C ALA A 113 -4.38 7.26 3.72
N PRO A 114 -5.30 6.93 4.60
CA PRO A 114 -5.41 5.51 5.04
C PRO A 114 -5.68 4.55 3.89
N ILE A 115 -5.11 3.38 3.97
CA ILE A 115 -5.30 2.33 2.94
C ILE A 115 -6.17 1.22 3.52
N ALA A 116 -7.28 0.93 2.88
CA ALA A 116 -8.22 -0.12 3.39
C ALA A 116 -7.47 -1.43 3.70
N ALA A 117 -7.90 -2.13 4.71
CA ALA A 117 -7.23 -3.42 5.09
C ALA A 117 -7.93 -4.58 4.40
N PHE A 118 -7.21 -5.32 3.59
CA PHE A 118 -7.82 -6.50 2.90
C PHE A 118 -7.23 -7.77 3.50
N VAL A 119 -7.78 -8.91 3.19
CA VAL A 119 -7.24 -10.18 3.76
C VAL A 119 -6.62 -11.06 2.67
N LEU A 120 -5.70 -11.90 3.03
CA LEU A 120 -5.04 -12.78 2.03
C LEU A 120 -5.42 -14.24 2.31
N SER A 121 -5.84 -14.96 1.30
CA SER A 121 -6.23 -16.39 1.50
C SER A 121 -6.04 -17.18 0.20
N ARG A 6 -11.37 19.48 0.57
CA ARG A 6 -10.23 19.87 -0.31
C ARG A 6 -9.14 18.79 -0.28
N TYR A 7 -9.09 18.01 0.77
CA TYR A 7 -8.05 16.94 0.86
C TYR A 7 -8.70 15.55 0.87
N ARG A 8 -8.56 14.83 -0.20
CA ARG A 8 -9.15 13.46 -0.28
C ARG A 8 -8.33 12.57 -1.24
N VAL A 9 -8.06 11.37 -0.82
CA VAL A 9 -7.27 10.42 -1.66
C VAL A 9 -7.69 8.98 -1.33
N GLU A 10 -8.28 8.31 -2.28
CA GLU A 10 -8.70 6.89 -2.07
C GLU A 10 -7.79 5.96 -2.88
N VAL A 11 -7.26 4.96 -2.23
CA VAL A 11 -6.36 4.00 -2.94
C VAL A 11 -6.94 2.58 -2.88
N GLU A 12 -6.85 1.84 -3.95
CA GLU A 12 -7.40 0.45 -3.97
C GLU A 12 -6.28 -0.54 -4.30
N VAL A 13 -6.22 -1.64 -3.58
CA VAL A 13 -5.14 -2.65 -3.84
C VAL A 13 -5.75 -4.05 -4.02
N SER A 14 -5.27 -4.79 -4.97
CA SER A 14 -5.82 -6.17 -5.21
C SER A 14 -4.68 -7.21 -5.19
N PRO A 15 -4.60 -7.94 -4.10
CA PRO A 15 -3.53 -8.99 -4.00
C PRO A 15 -3.97 -10.28 -4.70
N ARG A 16 -3.02 -11.15 -4.95
CA ARG A 16 -3.33 -12.45 -5.62
C ARG A 16 -2.24 -13.48 -5.30
N PHE A 17 -2.64 -14.68 -4.94
CA PHE A 17 -1.66 -15.75 -4.57
C PHE A 17 -0.73 -16.07 -5.75
N LEU A 18 0.54 -16.28 -5.47
CA LEU A 18 1.51 -16.60 -6.56
C LEU A 18 2.08 -18.02 -6.36
N ALA A 19 1.34 -19.00 -6.76
CA ALA A 19 1.78 -20.43 -6.64
C ALA A 19 2.92 -20.76 -7.61
N HIS A 20 2.95 -20.15 -8.77
CA HIS A 20 4.02 -20.48 -9.77
C HIS A 20 5.40 -19.98 -9.30
N GLN A 21 5.45 -18.96 -8.48
CA GLN A 21 6.78 -18.45 -8.01
C GLN A 21 6.90 -18.53 -6.49
N SER A 22 6.24 -19.49 -5.88
CA SER A 22 6.33 -19.61 -4.38
C SER A 22 6.22 -21.07 -3.95
N THR A 23 6.83 -21.43 -2.85
CA THR A 23 6.76 -22.83 -2.35
C THR A 23 6.08 -22.85 -0.97
N PRO A 24 4.78 -23.05 -0.99
CA PRO A 24 4.04 -23.05 0.31
C PRO A 24 4.47 -24.25 1.17
N ASP A 25 4.94 -25.30 0.56
CA ASP A 25 5.35 -26.51 1.35
C ASP A 25 6.59 -26.20 2.20
N GLU A 26 7.37 -25.22 1.80
CA GLU A 26 8.60 -24.89 2.59
C GLU A 26 8.40 -23.59 3.39
N GLY A 27 7.17 -23.23 3.67
CA GLY A 27 6.91 -21.98 4.44
C GLY A 27 7.27 -20.76 3.58
N ARG A 28 7.14 -20.88 2.29
CA ARG A 28 7.47 -19.74 1.38
C ARG A 28 6.24 -19.36 0.55
N TYR A 29 5.46 -18.42 1.03
CA TYR A 29 4.25 -17.99 0.27
C TYR A 29 4.51 -16.62 -0.37
N ALA A 30 4.20 -16.47 -1.64
CA ALA A 30 4.46 -15.16 -2.31
C ALA A 30 3.15 -14.48 -2.73
N PHE A 31 2.89 -13.31 -2.22
CA PHE A 31 1.65 -12.58 -2.60
C PHE A 31 2.02 -11.27 -3.32
N ALA A 32 1.46 -11.02 -4.47
CA ALA A 32 1.76 -9.76 -5.22
C ALA A 32 0.50 -8.91 -5.30
N TYR A 33 0.58 -7.64 -4.97
CA TYR A 33 -0.65 -6.80 -5.04
C TYR A 33 -0.40 -5.54 -5.88
N SER A 34 -1.41 -5.06 -6.57
CA SER A 34 -1.24 -3.84 -7.40
C SER A 34 -1.82 -2.64 -6.65
N ILE A 35 -1.16 -1.51 -6.73
CA ILE A 35 -1.63 -0.30 -6.01
C ILE A 35 -2.29 0.70 -6.97
N ARG A 36 -3.44 1.18 -6.60
CA ARG A 36 -4.17 2.18 -7.45
C ARG A 36 -4.45 3.45 -6.63
N ILE A 37 -3.62 4.44 -6.79
CA ILE A 37 -3.79 5.71 -6.04
C ILE A 37 -4.62 6.71 -6.85
N GLN A 38 -5.77 7.09 -6.35
CA GLN A 38 -6.62 8.07 -7.08
C GLN A 38 -6.79 9.34 -6.23
N ASN A 39 -6.67 10.48 -6.85
CA ASN A 39 -6.81 11.77 -6.09
C ASN A 39 -8.26 12.26 -6.10
N ALA A 40 -8.87 12.35 -4.95
CA ALA A 40 -10.28 12.85 -4.89
C ALA A 40 -10.35 14.19 -4.14
N GLY A 41 -9.22 14.80 -3.85
CA GLY A 41 -9.23 16.12 -3.13
C GLY A 41 -9.42 17.23 -4.15
N ALA A 42 -9.42 18.47 -3.72
CA ALA A 42 -9.59 19.61 -4.65
C ALA A 42 -8.23 20.15 -5.08
N VAL A 43 -7.28 20.08 -4.19
CA VAL A 43 -5.91 20.59 -4.49
C VAL A 43 -4.97 19.41 -4.76
N PRO A 44 -4.08 19.58 -5.73
CA PRO A 44 -3.13 18.46 -6.06
C PRO A 44 -2.37 18.00 -4.81
N ALA A 45 -2.05 16.73 -4.75
CA ALA A 45 -1.31 16.18 -3.57
C ALA A 45 -0.22 15.21 -4.01
N ARG A 46 0.82 15.13 -3.22
CA ARG A 46 1.96 14.21 -3.55
C ARG A 46 2.23 13.29 -2.35
N LEU A 47 2.80 12.14 -2.60
CA LEU A 47 3.09 11.20 -1.46
C LEU A 47 4.55 11.33 -1.04
N VAL A 48 4.80 11.74 0.18
CA VAL A 48 6.21 11.90 0.65
C VAL A 48 6.63 10.71 1.51
N ALA A 49 5.70 10.04 2.16
CA ALA A 49 6.11 8.88 3.03
C ALA A 49 5.11 7.72 2.94
N ARG A 50 5.53 6.56 3.36
CA ARG A 50 4.66 5.35 3.34
C ARG A 50 4.92 4.49 4.58
N HIS A 51 3.88 3.96 5.16
CA HIS A 51 4.03 3.10 6.38
C HIS A 51 3.02 1.95 6.34
N TRP A 52 3.51 0.74 6.23
CA TRP A 52 2.60 -0.44 6.18
C TRP A 52 2.57 -1.17 7.52
N GLN A 53 1.40 -1.53 7.99
CA GLN A 53 1.29 -2.25 9.29
C GLN A 53 0.71 -3.65 9.04
N ILE A 54 1.54 -4.56 8.58
CA ILE A 54 1.05 -5.95 8.27
C ILE A 54 1.00 -6.82 9.54
N THR A 55 -0.12 -7.45 9.78
CA THR A 55 -0.25 -8.36 10.97
C THR A 55 -0.59 -9.76 10.46
N ASP A 56 0.12 -10.75 10.94
CA ASP A 56 -0.13 -12.15 10.47
C ASP A 56 -1.20 -12.83 11.33
N GLY A 57 -1.64 -13.98 10.89
CA GLY A 57 -2.70 -14.73 11.64
C GLY A 57 -2.24 -15.15 13.04
N ASN A 58 -0.99 -14.94 13.40
CA ASN A 58 -0.54 -15.32 14.77
C ASN A 58 -0.45 -14.08 15.68
N GLY A 59 -0.90 -12.94 15.20
CA GLY A 59 -0.87 -11.71 16.05
C GLY A 59 0.40 -10.90 15.77
N ARG A 60 1.49 -11.55 15.43
CA ARG A 60 2.76 -10.80 15.17
C ARG A 60 2.56 -9.86 13.97
N THR A 61 3.15 -8.69 14.02
CA THR A 61 2.99 -7.72 12.89
C THR A 61 4.33 -7.08 12.53
N GLU A 62 4.49 -6.67 11.30
CA GLU A 62 5.77 -6.05 10.87
C GLU A 62 5.52 -4.63 10.35
N GLN A 63 6.16 -3.65 10.93
CA GLN A 63 5.97 -2.24 10.48
C GLN A 63 7.13 -1.80 9.59
N VAL A 64 6.83 -1.14 8.49
CA VAL A 64 7.90 -0.69 7.56
C VAL A 64 7.73 0.80 7.27
N ASP A 65 8.80 1.56 7.40
CA ASP A 65 8.74 3.02 7.14
C ASP A 65 9.83 3.42 6.13
N GLY A 66 9.45 4.10 5.08
CA GLY A 66 10.46 4.53 4.06
C GLY A 66 9.99 5.83 3.40
N GLU A 67 10.91 6.60 2.87
CA GLU A 67 10.53 7.88 2.21
C GLU A 67 10.00 7.61 0.81
N GLY A 68 9.18 8.50 0.29
CA GLY A 68 8.62 8.32 -1.09
C GLY A 68 8.03 6.93 -1.29
N VAL A 69 7.74 6.59 -2.51
CA VAL A 69 7.16 5.25 -2.84
C VAL A 69 7.96 4.61 -3.98
N VAL A 70 8.38 3.39 -3.78
CA VAL A 70 9.18 2.62 -4.80
C VAL A 70 10.25 3.52 -5.48
N GLY A 71 10.84 4.41 -4.73
CA GLY A 71 11.92 5.30 -5.28
C GLY A 71 11.36 6.53 -6.02
N GLU A 72 10.12 6.87 -5.85
CA GLU A 72 9.58 8.07 -6.57
C GLU A 72 8.53 8.82 -5.73
N GLN A 73 8.42 10.11 -5.97
CA GLN A 73 7.44 10.95 -5.23
C GLN A 73 6.40 11.49 -6.23
N PRO A 74 5.50 10.62 -6.63
CA PRO A 74 4.48 11.05 -7.63
C PRO A 74 3.66 12.26 -7.13
N TRP A 75 3.39 13.18 -8.02
CA TRP A 75 2.59 14.39 -7.65
C TRP A 75 1.16 14.21 -8.19
N LEU A 76 0.37 13.41 -7.54
CA LEU A 76 -1.02 13.15 -8.03
C LEU A 76 -1.84 14.45 -8.09
N ARG A 77 -2.27 14.82 -9.27
CA ARG A 77 -3.09 16.04 -9.42
C ARG A 77 -4.57 15.69 -9.20
N PRO A 78 -5.37 16.68 -8.86
CA PRO A 78 -6.81 16.37 -8.62
C PRO A 78 -7.43 15.65 -9.82
N GLY A 79 -8.06 14.53 -9.57
CA GLY A 79 -8.71 13.75 -10.67
C GLY A 79 -7.70 12.75 -11.28
N GLU A 80 -6.43 12.95 -11.09
CA GLU A 80 -5.42 12.00 -11.65
C GLU A 80 -5.15 10.86 -10.67
N ALA A 81 -4.50 9.81 -11.11
CA ALA A 81 -4.21 8.66 -10.20
C ALA A 81 -2.88 8.01 -10.58
N PHE A 82 -2.20 7.44 -9.62
CA PHE A 82 -0.89 6.76 -9.90
C PHE A 82 -1.02 5.27 -9.56
N HIS A 83 -0.32 4.41 -10.27
CA HIS A 83 -0.43 2.95 -9.98
C HIS A 83 0.91 2.24 -10.17
N TYR A 84 1.24 1.32 -9.30
CA TYR A 84 2.52 0.56 -9.44
C TYR A 84 2.35 -0.85 -8.83
N THR A 85 3.21 -1.77 -9.20
CA THR A 85 3.08 -3.16 -8.65
C THR A 85 4.12 -3.42 -7.55
N SER A 86 3.72 -4.06 -6.49
CA SER A 86 4.66 -4.35 -5.37
C SER A 86 4.69 -5.86 -5.09
N GLY A 87 5.65 -6.32 -4.32
CA GLY A 87 5.73 -7.78 -4.02
C GLY A 87 6.12 -8.01 -2.55
N VAL A 88 5.35 -8.81 -1.85
CA VAL A 88 5.66 -9.10 -0.41
C VAL A 88 5.55 -10.59 -0.14
N LEU A 89 6.25 -11.09 0.84
CA LEU A 89 6.20 -12.55 1.16
C LEU A 89 5.45 -12.80 2.48
N LEU A 90 4.73 -13.88 2.56
CA LEU A 90 3.97 -14.20 3.81
C LEU A 90 4.43 -15.56 4.35
N GLU A 91 4.43 -15.73 5.65
CA GLU A 91 4.87 -17.04 6.24
C GLU A 91 3.71 -18.05 6.26
N THR A 92 2.49 -17.58 6.33
CA THR A 92 1.33 -18.53 6.38
C THR A 92 0.35 -18.23 5.24
N GLU A 93 -0.61 -19.09 5.04
CA GLU A 93 -1.61 -18.89 3.94
C GLU A 93 -2.78 -18.00 4.39
N GLN A 94 -2.67 -17.36 5.52
CA GLN A 94 -3.79 -16.47 5.98
C GLN A 94 -3.22 -15.24 6.69
N GLY A 95 -3.82 -14.08 6.53
CA GLY A 95 -3.27 -12.87 7.23
C GLY A 95 -4.06 -11.61 6.95
N GLN A 96 -3.91 -10.63 7.81
CA GLN A 96 -4.61 -9.31 7.64
C GLN A 96 -3.57 -8.21 7.49
N MET A 97 -3.69 -7.38 6.48
CA MET A 97 -2.67 -6.29 6.29
C MET A 97 -3.34 -4.92 6.14
N GLN A 98 -2.98 -3.98 6.98
CA GLN A 98 -3.55 -2.60 6.88
C GLN A 98 -2.41 -1.61 6.67
N GLY A 99 -2.63 -0.51 6.00
CA GLY A 99 -1.50 0.45 5.77
C GLY A 99 -2.00 1.89 5.66
N HIS A 100 -1.09 2.83 5.62
CA HIS A 100 -1.49 4.25 5.47
C HIS A 100 -0.53 4.96 4.50
N TYR A 101 -0.98 6.01 3.86
CA TYR A 101 -0.10 6.73 2.89
C TYR A 101 0.11 8.18 3.34
N ASP A 102 1.34 8.62 3.47
CA ASP A 102 1.59 10.04 3.86
C ASP A 102 1.58 10.91 2.60
N MET A 103 0.68 11.86 2.55
CA MET A 103 0.57 12.75 1.36
C MET A 103 0.75 14.22 1.77
N VAL A 104 1.01 15.08 0.82
CA VAL A 104 1.20 16.52 1.14
C VAL A 104 0.59 17.40 0.04
N ALA A 105 -0.24 18.34 0.41
CA ALA A 105 -0.86 19.24 -0.62
C ALA A 105 0.20 20.22 -1.13
N ASP A 106 -0.08 20.89 -2.22
CA ASP A 106 0.92 21.84 -2.79
C ASP A 106 1.19 22.98 -1.80
N ASP A 107 0.22 23.31 -0.98
CA ASP A 107 0.40 24.43 0.00
C ASP A 107 1.28 23.99 1.18
N GLY A 108 1.56 22.70 1.30
CA GLY A 108 2.40 22.23 2.44
C GLY A 108 1.53 21.56 3.51
N THR A 109 0.22 21.61 3.38
CA THR A 109 -0.66 20.97 4.40
C THR A 109 -0.34 19.47 4.51
N GLU A 110 -0.25 18.94 5.70
CA GLU A 110 0.07 17.49 5.85
C GLU A 110 -1.20 16.68 6.13
N PHE A 111 -1.31 15.52 5.52
CA PHE A 111 -2.51 14.66 5.74
C PHE A 111 -2.20 13.22 5.31
N ILE A 112 -2.69 12.26 6.05
CA ILE A 112 -2.43 10.83 5.71
C ILE A 112 -3.62 10.21 4.98
N ALA A 113 -3.37 9.17 4.23
CA ALA A 113 -4.48 8.48 3.49
C ALA A 113 -4.54 7.01 3.92
N PRO A 114 -5.45 6.71 4.81
CA PRO A 114 -5.56 5.30 5.30
C PRO A 114 -5.86 4.33 4.15
N ILE A 115 -5.29 3.15 4.25
CA ILE A 115 -5.51 2.09 3.23
C ILE A 115 -6.38 1.00 3.84
N ALA A 116 -7.51 0.73 3.25
CA ALA A 116 -8.44 -0.32 3.79
C ALA A 116 -7.70 -1.62 4.11
N ALA A 117 -8.28 -2.44 4.95
CA ALA A 117 -7.62 -3.72 5.32
C ALA A 117 -8.05 -4.85 4.38
N PHE A 118 -7.11 -5.50 3.76
CA PHE A 118 -7.44 -6.64 2.87
C PHE A 118 -6.88 -7.92 3.49
N VAL A 119 -7.40 -9.06 3.13
CA VAL A 119 -6.89 -10.33 3.72
C VAL A 119 -6.26 -11.21 2.64
N LEU A 120 -5.35 -12.07 3.03
CA LEU A 120 -4.69 -12.97 2.04
C LEU A 120 -5.08 -14.41 2.35
N SER A 121 -5.50 -15.14 1.35
CA SER A 121 -5.91 -16.57 1.57
C SER A 121 -5.74 -17.36 0.28
N ARG A 6 -11.42 19.41 0.65
CA ARG A 6 -10.28 19.82 -0.21
C ARG A 6 -9.16 18.77 -0.15
N TYR A 7 -9.15 17.95 0.87
CA TYR A 7 -8.09 16.90 0.98
C TYR A 7 -8.71 15.50 0.97
N ARG A 8 -8.54 14.78 -0.10
CA ARG A 8 -9.12 13.41 -0.21
C ARG A 8 -8.23 12.53 -1.11
N VAL A 9 -7.98 11.32 -0.67
CA VAL A 9 -7.13 10.39 -1.46
C VAL A 9 -7.56 8.94 -1.18
N GLU A 10 -8.06 8.27 -2.18
CA GLU A 10 -8.49 6.86 -2.03
C GLU A 10 -7.50 5.92 -2.72
N VAL A 11 -7.08 4.90 -2.02
CA VAL A 11 -6.11 3.92 -2.60
C VAL A 11 -6.74 2.52 -2.64
N GLU A 12 -6.58 1.80 -3.71
CA GLU A 12 -7.17 0.44 -3.80
C GLU A 12 -6.07 -0.59 -4.11
N VAL A 13 -6.12 -1.72 -3.46
CA VAL A 13 -5.08 -2.77 -3.68
C VAL A 13 -5.74 -4.13 -3.97
N SER A 14 -5.22 -4.84 -4.94
CA SER A 14 -5.80 -6.17 -5.30
C SER A 14 -4.70 -7.25 -5.24
N PRO A 15 -4.74 -8.06 -4.20
CA PRO A 15 -3.72 -9.13 -4.05
C PRO A 15 -4.09 -10.37 -4.88
N ARG A 16 -3.13 -11.22 -5.11
CA ARG A 16 -3.37 -12.47 -5.90
C ARG A 16 -2.30 -13.52 -5.55
N PHE A 17 -2.74 -14.72 -5.26
CA PHE A 17 -1.80 -15.81 -4.87
C PHE A 17 -0.80 -16.12 -5.99
N LEU A 18 0.44 -16.33 -5.65
CA LEU A 18 1.48 -16.65 -6.68
C LEU A 18 2.01 -18.08 -6.45
N ALA A 19 1.28 -19.05 -6.95
CA ALA A 19 1.70 -20.48 -6.82
C ALA A 19 2.99 -20.76 -7.58
N HIS A 20 3.19 -20.15 -8.71
CA HIS A 20 4.43 -20.42 -9.51
C HIS A 20 5.66 -19.86 -8.79
N GLN A 21 5.48 -18.90 -7.92
CA GLN A 21 6.65 -18.32 -7.19
C GLN A 21 6.50 -18.52 -5.67
N SER A 22 5.74 -19.50 -5.26
CA SER A 22 5.56 -19.73 -3.79
C SER A 22 5.65 -21.22 -3.45
N THR A 23 6.31 -21.55 -2.37
CA THR A 23 6.42 -22.98 -1.96
C THR A 23 5.80 -23.12 -0.57
N PRO A 24 4.51 -23.41 -0.54
CA PRO A 24 3.82 -23.52 0.77
C PRO A 24 4.38 -24.69 1.61
N ASP A 25 4.91 -25.70 0.96
CA ASP A 25 5.45 -26.87 1.73
C ASP A 25 6.71 -26.46 2.50
N GLU A 26 7.40 -25.44 2.08
CA GLU A 26 8.64 -25.01 2.80
C GLU A 26 8.39 -23.72 3.61
N GLY A 27 7.15 -23.39 3.88
CA GLY A 27 6.85 -22.15 4.66
C GLY A 27 7.21 -20.92 3.81
N ARG A 28 7.10 -21.03 2.52
CA ARG A 28 7.42 -19.88 1.64
C ARG A 28 6.19 -19.47 0.82
N TYR A 29 5.44 -18.52 1.30
CA TYR A 29 4.23 -18.06 0.53
C TYR A 29 4.51 -16.70 -0.10
N ALA A 30 4.26 -16.55 -1.38
CA ALA A 30 4.54 -15.24 -2.04
C ALA A 30 3.25 -14.64 -2.64
N PHE A 31 2.88 -13.47 -2.17
CA PHE A 31 1.66 -12.79 -2.72
C PHE A 31 2.07 -11.50 -3.43
N ALA A 32 1.50 -11.22 -4.57
CA ALA A 32 1.83 -9.96 -5.30
C ALA A 32 0.60 -9.05 -5.28
N TYR A 33 0.77 -7.79 -4.93
CA TYR A 33 -0.42 -6.89 -4.88
C TYR A 33 -0.18 -5.63 -5.73
N SER A 34 -1.22 -5.16 -6.38
CA SER A 34 -1.08 -3.93 -7.22
C SER A 34 -1.68 -2.74 -6.46
N ILE A 35 -1.03 -1.60 -6.53
CA ILE A 35 -1.53 -0.40 -5.80
C ILE A 35 -2.17 0.60 -6.77
N ARG A 36 -3.34 1.08 -6.42
CA ARG A 36 -4.06 2.06 -7.29
C ARG A 36 -4.34 3.34 -6.49
N ILE A 37 -3.50 4.32 -6.66
CA ILE A 37 -3.67 5.61 -5.93
C ILE A 37 -4.45 6.61 -6.79
N GLN A 38 -5.63 7.01 -6.35
CA GLN A 38 -6.43 8.02 -7.12
C GLN A 38 -6.61 9.28 -6.28
N ASN A 39 -6.49 10.43 -6.89
CA ASN A 39 -6.63 11.71 -6.14
C ASN A 39 -8.08 12.20 -6.16
N ALA A 40 -8.71 12.30 -5.02
CA ALA A 40 -10.12 12.79 -4.97
C ALA A 40 -10.20 14.12 -4.19
N GLY A 41 -9.08 14.71 -3.85
CA GLY A 41 -9.09 16.00 -3.11
C GLY A 41 -9.29 17.16 -4.09
N ALA A 42 -9.40 18.36 -3.59
CA ALA A 42 -9.59 19.54 -4.48
C ALA A 42 -8.23 20.10 -4.93
N VAL A 43 -7.27 20.05 -4.05
CA VAL A 43 -5.91 20.57 -4.39
C VAL A 43 -4.95 19.40 -4.69
N PRO A 44 -4.11 19.59 -5.68
CA PRO A 44 -3.15 18.49 -6.04
C PRO A 44 -2.35 18.02 -4.82
N ALA A 45 -2.08 16.74 -4.77
CA ALA A 45 -1.31 16.17 -3.62
C ALA A 45 -0.28 15.14 -4.09
N ARG A 46 0.78 14.99 -3.36
CA ARG A 46 1.84 14.00 -3.74
C ARG A 46 2.15 13.11 -2.54
N LEU A 47 2.73 11.95 -2.78
CA LEU A 47 3.05 11.04 -1.65
C LEU A 47 4.52 11.20 -1.26
N VAL A 48 4.79 11.66 -0.06
CA VAL A 48 6.20 11.85 0.38
C VAL A 48 6.68 10.66 1.22
N ALA A 49 5.78 10.00 1.90
CA ALA A 49 6.20 8.84 2.75
C ALA A 49 5.19 7.70 2.69
N ARG A 50 5.61 6.53 3.09
CA ARG A 50 4.72 5.34 3.10
C ARG A 50 5.01 4.45 4.31
N HIS A 51 3.98 3.90 4.90
CA HIS A 51 4.15 3.03 6.09
C HIS A 51 3.13 1.89 6.05
N TRP A 52 3.60 0.67 5.91
CA TRP A 52 2.66 -0.50 5.84
C TRP A 52 2.50 -1.15 7.22
N GLN A 53 1.29 -1.44 7.61
CA GLN A 53 1.04 -2.09 8.93
C GLN A 53 0.44 -3.49 8.70
N ILE A 54 1.27 -4.45 8.34
CA ILE A 54 0.74 -5.82 8.07
C ILE A 54 0.63 -6.66 9.35
N THR A 55 -0.51 -7.26 9.56
CA THR A 55 -0.72 -8.12 10.76
C THR A 55 -1.08 -9.53 10.27
N ASP A 56 -0.38 -10.53 10.78
CA ASP A 56 -0.65 -11.93 10.33
C ASP A 56 -1.71 -12.61 11.20
N GLY A 57 -2.15 -13.77 10.78
CA GLY A 57 -3.20 -14.52 11.55
C GLY A 57 -2.70 -14.92 12.96
N ASN A 58 -1.45 -14.71 13.29
CA ASN A 58 -0.97 -15.08 14.66
C ASN A 58 -0.88 -13.83 15.56
N GLY A 59 -1.31 -12.69 15.08
CA GLY A 59 -1.27 -11.45 15.91
C GLY A 59 0.03 -10.68 15.66
N ARG A 60 1.10 -11.34 15.30
CA ARG A 60 2.39 -10.63 15.04
C ARG A 60 2.22 -9.65 13.88
N THR A 61 2.83 -8.49 13.95
CA THR A 61 2.68 -7.50 12.84
C THR A 61 4.05 -6.94 12.42
N GLU A 62 4.19 -6.58 11.17
CA GLU A 62 5.49 -6.02 10.70
C GLU A 62 5.29 -4.62 10.12
N GLN A 63 5.96 -3.65 10.66
CA GLN A 63 5.81 -2.24 10.15
C GLN A 63 7.04 -1.83 9.33
N VAL A 64 6.81 -1.20 8.20
CA VAL A 64 7.95 -0.76 7.34
C VAL A 64 7.80 0.72 7.00
N ASP A 65 8.85 1.48 7.16
CA ASP A 65 8.80 2.95 6.86
C ASP A 65 9.88 3.33 5.85
N GLY A 66 9.52 3.98 4.79
CA GLY A 66 10.53 4.40 3.77
C GLY A 66 10.07 5.71 3.10
N GLU A 67 11.00 6.52 2.69
CA GLU A 67 10.63 7.82 2.02
C GLU A 67 10.13 7.55 0.61
N GLY A 68 9.32 8.45 0.06
CA GLY A 68 8.81 8.29 -1.33
C GLY A 68 8.19 6.90 -1.53
N VAL A 69 7.86 6.58 -2.76
CA VAL A 69 7.26 5.25 -3.07
C VAL A 69 8.02 4.61 -4.24
N VAL A 70 8.44 3.38 -4.05
CA VAL A 70 9.22 2.63 -5.09
C VAL A 70 10.26 3.53 -5.81
N GLY A 71 10.87 4.43 -5.07
CA GLY A 71 11.92 5.31 -5.64
C GLY A 71 11.35 6.54 -6.37
N GLU A 72 10.10 6.87 -6.16
CA GLU A 72 9.54 8.09 -6.86
C GLU A 72 8.51 8.83 -5.99
N GLN A 73 8.41 10.12 -6.20
CA GLN A 73 7.45 10.96 -5.43
C GLN A 73 6.39 11.51 -6.41
N PRO A 74 5.50 10.65 -6.83
CA PRO A 74 4.47 11.10 -7.80
C PRO A 74 3.64 12.28 -7.28
N TRP A 75 3.34 13.21 -8.15
CA TRP A 75 2.53 14.40 -7.76
C TRP A 75 1.10 14.20 -8.26
N LEU A 76 0.33 13.38 -7.58
CA LEU A 76 -1.07 13.10 -8.03
C LEU A 76 -1.90 14.37 -8.09
N ARG A 77 -2.36 14.73 -9.26
CA ARG A 77 -3.21 15.94 -9.41
C ARG A 77 -4.68 15.54 -9.16
N PRO A 78 -5.48 16.51 -8.79
CA PRO A 78 -6.91 16.18 -8.52
C PRO A 78 -7.53 15.43 -9.71
N GLY A 79 -8.13 14.29 -9.43
CA GLY A 79 -8.77 13.47 -10.51
C GLY A 79 -7.74 12.52 -11.15
N GLU A 80 -6.46 12.75 -10.96
CA GLU A 80 -5.44 11.84 -11.55
C GLU A 80 -5.14 10.69 -10.59
N ALA A 81 -4.49 9.65 -11.07
CA ALA A 81 -4.17 8.48 -10.21
C ALA A 81 -2.84 7.84 -10.64
N PHE A 82 -2.16 7.21 -9.71
CA PHE A 82 -0.86 6.53 -10.06
C PHE A 82 -0.99 5.03 -9.77
N HIS A 83 -0.32 4.19 -10.52
CA HIS A 83 -0.43 2.72 -10.27
C HIS A 83 0.93 2.03 -10.40
N TYR A 84 1.24 1.13 -9.51
CA TYR A 84 2.55 0.40 -9.59
C TYR A 84 2.39 -1.01 -8.98
N THR A 85 3.28 -1.91 -9.32
CA THR A 85 3.19 -3.30 -8.78
C THR A 85 4.24 -3.53 -7.68
N SER A 86 3.85 -4.18 -6.61
CA SER A 86 4.81 -4.44 -5.49
C SER A 86 4.86 -5.95 -5.19
N GLY A 87 5.84 -6.39 -4.43
CA GLY A 87 5.92 -7.85 -4.09
C GLY A 87 6.24 -8.04 -2.60
N VAL A 88 5.45 -8.82 -1.91
CA VAL A 88 5.70 -9.07 -0.46
C VAL A 88 5.63 -10.58 -0.19
N LEU A 89 6.39 -11.06 0.76
CA LEU A 89 6.37 -12.53 1.07
C LEU A 89 5.71 -12.77 2.43
N LEU A 90 4.97 -13.85 2.55
CA LEU A 90 4.29 -14.15 3.86
C LEU A 90 4.70 -15.52 4.37
N GLU A 91 4.76 -15.69 5.67
CA GLU A 91 5.16 -17.02 6.24
C GLU A 91 4.02 -18.03 6.13
N THR A 92 2.79 -17.57 6.08
CA THR A 92 1.64 -18.52 5.97
C THR A 92 0.80 -18.20 4.74
N GLU A 93 -0.14 -19.06 4.42
CA GLU A 93 -1.00 -18.84 3.21
C GLU A 93 -2.20 -17.94 3.53
N GLN A 94 -2.26 -17.36 4.70
CA GLN A 94 -3.43 -16.48 5.03
C GLN A 94 -2.96 -15.25 5.82
N GLY A 95 -3.63 -14.13 5.69
CA GLY A 95 -3.17 -12.93 6.47
C GLY A 95 -3.96 -11.68 6.11
N GLN A 96 -3.86 -10.68 6.95
CA GLN A 96 -4.56 -9.38 6.71
C GLN A 96 -3.54 -8.24 6.65
N MET A 97 -3.62 -7.40 5.65
CA MET A 97 -2.63 -6.28 5.53
C MET A 97 -3.33 -4.92 5.39
N GLN A 98 -3.07 -4.02 6.30
CA GLN A 98 -3.67 -2.65 6.22
C GLN A 98 -2.55 -1.63 6.34
N GLY A 99 -2.66 -0.47 5.71
CA GLY A 99 -1.55 0.53 5.81
C GLY A 99 -2.04 1.92 5.43
N HIS A 100 -1.16 2.89 5.47
CA HIS A 100 -1.57 4.28 5.10
C HIS A 100 -0.46 4.99 4.30
N TYR A 101 -0.82 5.99 3.55
CA TYR A 101 0.20 6.73 2.73
C TYR A 101 0.29 8.19 3.20
N ASP A 102 1.49 8.68 3.46
CA ASP A 102 1.61 10.11 3.87
C ASP A 102 1.65 10.99 2.62
N MET A 103 0.74 11.93 2.54
CA MET A 103 0.68 12.84 1.34
C MET A 103 0.75 14.30 1.78
N VAL A 104 1.05 15.18 0.87
CA VAL A 104 1.14 16.63 1.22
C VAL A 104 0.55 17.49 0.09
N ALA A 105 -0.33 18.40 0.43
CA ALA A 105 -0.94 19.28 -0.61
C ALA A 105 0.09 20.29 -1.10
N ASP A 106 -0.20 20.96 -2.19
CA ASP A 106 0.78 21.97 -2.71
C ASP A 106 0.96 23.11 -1.71
N ASP A 107 -0.07 23.41 -0.96
CA ASP A 107 0.03 24.53 0.05
C ASP A 107 0.87 24.12 1.25
N GLY A 108 1.21 22.85 1.38
CA GLY A 108 2.04 22.41 2.53
C GLY A 108 1.17 21.67 3.57
N THR A 109 -0.13 21.67 3.39
CA THR A 109 -1.02 20.97 4.37
C THR A 109 -0.62 19.49 4.49
N GLU A 110 -0.55 18.97 5.69
CA GLU A 110 -0.15 17.54 5.85
C GLU A 110 -1.38 16.66 6.11
N PHE A 111 -1.40 15.48 5.53
CA PHE A 111 -2.55 14.55 5.73
C PHE A 111 -2.17 13.15 5.21
N ILE A 112 -2.70 12.13 5.84
CA ILE A 112 -2.38 10.73 5.41
C ILE A 112 -3.55 10.13 4.61
N ALA A 113 -3.26 9.14 3.81
CA ALA A 113 -4.33 8.48 3.00
C ALA A 113 -4.40 6.99 3.39
N PRO A 114 -5.34 6.68 4.26
CA PRO A 114 -5.45 5.27 4.72
C PRO A 114 -5.70 4.30 3.55
N ILE A 115 -5.09 3.15 3.63
CA ILE A 115 -5.25 2.10 2.59
C ILE A 115 -6.13 0.98 3.15
N ALA A 116 -7.22 0.69 2.49
CA ALA A 116 -8.15 -0.39 2.98
C ALA A 116 -7.40 -1.68 3.29
N ALA A 117 -7.82 -2.38 4.32
CA ALA A 117 -7.14 -3.65 4.70
C ALA A 117 -7.76 -4.83 3.93
N PHE A 118 -6.96 -5.52 3.18
CA PHE A 118 -7.48 -6.70 2.40
C PHE A 118 -6.97 -7.99 3.05
N VAL A 119 -7.54 -9.12 2.71
CA VAL A 119 -7.09 -10.40 3.33
C VAL A 119 -6.52 -11.33 2.26
N LEU A 120 -5.66 -12.24 2.64
CA LEU A 120 -5.07 -13.19 1.66
C LEU A 120 -5.55 -14.61 1.96
N SER A 121 -5.99 -15.32 0.97
CA SER A 121 -6.48 -16.72 1.19
C SER A 121 -6.29 -17.55 -0.08
N ARG A 6 -11.18 18.65 -0.17
CA ARG A 6 -9.96 19.32 -0.70
C ARG A 6 -8.73 18.46 -0.44
N TYR A 7 -8.61 17.91 0.74
CA TYR A 7 -7.44 17.04 1.06
C TYR A 7 -7.89 15.59 1.25
N ARG A 8 -8.09 14.89 0.18
CA ARG A 8 -8.54 13.47 0.25
C ARG A 8 -7.79 12.62 -0.78
N VAL A 9 -7.47 11.40 -0.39
CA VAL A 9 -6.74 10.47 -1.30
C VAL A 9 -7.13 9.03 -0.96
N GLU A 10 -7.76 8.35 -1.89
CA GLU A 10 -8.16 6.94 -1.68
C GLU A 10 -7.25 6.01 -2.48
N VAL A 11 -6.72 5.01 -1.84
CA VAL A 11 -5.82 4.06 -2.53
C VAL A 11 -6.44 2.65 -2.52
N GLU A 12 -6.35 1.94 -3.61
CA GLU A 12 -6.92 0.56 -3.68
C GLU A 12 -5.83 -0.45 -3.99
N VAL A 13 -5.83 -1.57 -3.31
CA VAL A 13 -4.79 -2.60 -3.56
C VAL A 13 -5.45 -3.97 -3.80
N SER A 14 -4.97 -4.69 -4.78
CA SER A 14 -5.56 -6.04 -5.09
C SER A 14 -4.47 -7.12 -5.07
N PRO A 15 -4.47 -7.91 -4.01
CA PRO A 15 -3.45 -8.98 -3.93
C PRO A 15 -3.89 -10.22 -4.73
N ARG A 16 -2.98 -11.12 -4.98
CA ARG A 16 -3.29 -12.35 -5.76
C ARG A 16 -2.25 -13.44 -5.46
N PHE A 17 -2.72 -14.63 -5.14
CA PHE A 17 -1.80 -15.75 -4.81
C PHE A 17 -0.87 -16.09 -5.98
N LEU A 18 0.38 -16.34 -5.71
CA LEU A 18 1.34 -16.69 -6.81
C LEU A 18 1.87 -18.11 -6.60
N ALA A 19 1.10 -19.08 -7.02
CA ALA A 19 1.50 -20.51 -6.91
C ALA A 19 2.68 -20.83 -7.84
N HIS A 20 2.72 -20.23 -8.99
CA HIS A 20 3.84 -20.52 -9.95
C HIS A 20 5.17 -19.97 -9.41
N GLN A 21 5.12 -18.99 -8.54
CA GLN A 21 6.38 -18.42 -7.99
C GLN A 21 6.40 -18.54 -6.45
N SER A 22 6.07 -19.68 -5.92
CA SER A 22 6.08 -19.85 -4.43
C SER A 22 5.96 -21.33 -4.04
N THR A 23 6.55 -21.70 -2.94
CA THR A 23 6.46 -23.11 -2.47
C THR A 23 5.84 -23.14 -1.05
N PRO A 24 4.54 -23.30 -1.02
CA PRO A 24 3.85 -23.30 0.31
C PRO A 24 4.23 -24.51 1.16
N ASP A 25 4.69 -25.58 0.54
CA ASP A 25 5.05 -26.80 1.33
C ASP A 25 6.25 -26.52 2.25
N GLU A 26 7.05 -25.54 1.94
CA GLU A 26 8.23 -25.23 2.81
C GLU A 26 7.98 -23.95 3.62
N GLY A 27 6.73 -23.60 3.85
CA GLY A 27 6.43 -22.37 4.63
C GLY A 27 6.83 -21.14 3.83
N ARG A 28 6.81 -21.23 2.52
CA ARG A 28 7.19 -20.08 1.66
C ARG A 28 6.03 -19.68 0.75
N TYR A 29 5.22 -18.74 1.18
CA TYR A 29 4.08 -18.30 0.33
C TYR A 29 4.41 -16.94 -0.30
N ALA A 30 4.16 -16.79 -1.58
CA ALA A 30 4.49 -15.49 -2.25
C ALA A 30 3.23 -14.77 -2.72
N PHE A 31 3.01 -13.58 -2.23
CA PHE A 31 1.79 -12.80 -2.66
C PHE A 31 2.22 -11.55 -3.41
N ALA A 32 1.60 -11.25 -4.53
CA ALA A 32 1.95 -10.02 -5.30
C ALA A 32 0.76 -9.07 -5.24
N TYR A 33 0.98 -7.81 -4.93
CA TYR A 33 -0.18 -6.86 -4.84
C TYR A 33 0.05 -5.61 -5.70
N SER A 34 -1.00 -5.09 -6.28
CA SER A 34 -0.88 -3.87 -7.13
C SER A 34 -1.45 -2.67 -6.36
N ILE A 35 -0.80 -1.54 -6.44
CA ILE A 35 -1.28 -0.33 -5.71
C ILE A 35 -1.94 0.69 -6.65
N ARG A 36 -3.09 1.18 -6.26
CA ARG A 36 -3.82 2.17 -7.09
C ARG A 36 -4.10 3.43 -6.26
N ILE A 37 -3.26 4.43 -6.41
CA ILE A 37 -3.44 5.70 -5.64
C ILE A 37 -4.26 6.70 -6.47
N GLN A 38 -5.42 7.09 -5.99
CA GLN A 38 -6.26 8.08 -6.74
C GLN A 38 -6.49 9.32 -5.86
N ASN A 39 -6.54 10.49 -6.47
CA ASN A 39 -6.77 11.73 -5.67
C ASN A 39 -8.27 11.95 -5.48
N ALA A 40 -8.73 11.86 -4.26
CA ALA A 40 -10.18 12.05 -3.96
C ALA A 40 -10.51 13.52 -3.68
N GLY A 41 -9.52 14.32 -3.36
CA GLY A 41 -9.79 15.76 -3.03
C GLY A 41 -9.85 16.60 -4.30
N ALA A 42 -9.75 17.89 -4.14
CA ALA A 42 -9.80 18.82 -5.32
C ALA A 42 -8.45 19.53 -5.52
N VAL A 43 -7.60 19.53 -4.52
CA VAL A 43 -6.28 20.21 -4.68
C VAL A 43 -5.18 19.14 -4.89
N PRO A 44 -4.31 19.41 -5.85
CA PRO A 44 -3.22 18.42 -6.14
C PRO A 44 -2.50 17.96 -4.87
N ALA A 45 -2.17 16.69 -4.81
CA ALA A 45 -1.48 16.14 -3.62
C ALA A 45 -0.31 15.24 -4.04
N ARG A 46 0.71 15.20 -3.22
CA ARG A 46 1.91 14.36 -3.54
C ARG A 46 2.20 13.42 -2.38
N LEU A 47 2.79 12.28 -2.65
CA LEU A 47 3.08 11.32 -1.55
C LEU A 47 4.55 11.45 -1.12
N VAL A 48 4.78 11.83 0.11
CA VAL A 48 6.19 11.99 0.59
C VAL A 48 6.61 10.78 1.43
N ALA A 49 5.69 10.13 2.11
CA ALA A 49 6.10 8.96 2.95
C ALA A 49 5.06 7.82 2.91
N ARG A 50 5.47 6.65 3.30
CA ARG A 50 4.57 5.47 3.32
C ARG A 50 4.87 4.58 4.53
N HIS A 51 3.85 4.05 5.15
CA HIS A 51 4.04 3.17 6.34
C HIS A 51 2.97 2.06 6.36
N TRP A 52 3.39 0.83 6.21
CA TRP A 52 2.43 -0.31 6.22
C TRP A 52 2.39 -1.02 7.58
N GLN A 53 1.22 -1.33 8.05
CA GLN A 53 1.08 -2.02 9.37
C GLN A 53 0.45 -3.41 9.15
N ILE A 54 1.21 -4.36 8.72
CA ILE A 54 0.66 -5.73 8.47
C ILE A 54 0.57 -6.57 9.75
N THR A 55 -0.57 -7.16 10.00
CA THR A 55 -0.74 -8.04 11.20
C THR A 55 -1.10 -9.44 10.72
N ASP A 56 -0.40 -10.44 11.21
CA ASP A 56 -0.68 -11.83 10.77
C ASP A 56 -1.71 -12.52 11.68
N GLY A 57 -2.18 -13.67 11.27
CA GLY A 57 -3.20 -14.42 12.06
C GLY A 57 -2.67 -14.83 13.45
N ASN A 58 -1.40 -14.63 13.74
CA ASN A 58 -0.88 -15.01 15.09
C ASN A 58 -0.73 -13.76 15.98
N GLY A 59 -1.17 -12.61 15.52
CA GLY A 59 -1.08 -11.37 16.35
C GLY A 59 0.21 -10.61 16.04
N ARG A 60 1.25 -11.29 15.64
CA ARG A 60 2.54 -10.57 15.33
C ARG A 60 2.32 -9.59 14.18
N THR A 61 2.94 -8.43 14.26
CA THR A 61 2.75 -7.42 13.18
C THR A 61 4.10 -6.85 12.73
N GLU A 62 4.21 -6.47 11.48
CA GLU A 62 5.50 -5.91 10.99
C GLU A 62 5.28 -4.49 10.43
N GLN A 63 5.99 -3.53 10.96
CA GLN A 63 5.83 -2.13 10.49
C GLN A 63 7.00 -1.73 9.60
N VAL A 64 6.72 -1.10 8.49
CA VAL A 64 7.82 -0.68 7.56
C VAL A 64 7.68 0.81 7.23
N ASP A 65 8.75 1.55 7.37
CA ASP A 65 8.71 3.02 7.08
C ASP A 65 9.78 3.37 6.04
N GLY A 66 9.39 4.03 4.99
CA GLY A 66 10.38 4.42 3.94
C GLY A 66 9.93 5.73 3.28
N GLU A 67 10.86 6.53 2.83
CA GLU A 67 10.49 7.82 2.17
C GLU A 67 9.99 7.58 0.75
N GLY A 68 9.18 8.46 0.23
CA GLY A 68 8.65 8.30 -1.16
C GLY A 68 8.07 6.90 -1.38
N VAL A 69 7.78 6.58 -2.62
CA VAL A 69 7.20 5.23 -2.95
C VAL A 69 7.98 4.61 -4.11
N VAL A 70 8.42 3.39 -3.94
CA VAL A 70 9.22 2.66 -4.99
C VAL A 70 10.26 3.58 -5.67
N GLY A 71 10.83 4.49 -4.92
CA GLY A 71 11.89 5.39 -5.47
C GLY A 71 11.31 6.60 -6.22
N GLU A 72 10.06 6.93 -6.03
CA GLU A 72 9.48 8.12 -6.74
C GLU A 72 8.45 8.86 -5.89
N GLN A 73 8.35 10.15 -6.10
CA GLN A 73 7.38 10.99 -5.35
C GLN A 73 6.35 11.58 -6.33
N PRO A 74 5.43 10.72 -6.75
CA PRO A 74 4.41 11.20 -7.73
C PRO A 74 3.60 12.39 -7.21
N TRP A 75 3.29 13.30 -8.09
CA TRP A 75 2.49 14.50 -7.71
C TRP A 75 1.06 14.31 -8.24
N LEU A 76 0.29 13.46 -7.59
CA LEU A 76 -1.10 13.18 -8.06
C LEU A 76 -1.97 14.43 -8.07
N ARG A 77 -2.50 14.77 -9.23
CA ARG A 77 -3.40 15.95 -9.33
C ARG A 77 -4.84 15.50 -9.04
N PRO A 78 -5.68 16.44 -8.66
CA PRO A 78 -7.08 16.05 -8.34
C PRO A 78 -7.73 15.28 -9.50
N GLY A 79 -8.31 14.14 -9.21
CA GLY A 79 -8.98 13.33 -10.28
C GLY A 79 -7.97 12.38 -10.95
N GLU A 80 -6.69 12.60 -10.79
CA GLU A 80 -5.68 11.69 -11.43
C GLU A 80 -5.36 10.52 -10.50
N ALA A 81 -4.71 9.50 -11.02
CA ALA A 81 -4.38 8.32 -10.18
C ALA A 81 -3.02 7.73 -10.61
N PHE A 82 -2.30 7.14 -9.69
CA PHE A 82 -0.99 6.52 -10.03
C PHE A 82 -1.05 5.02 -9.71
N HIS A 83 -0.36 4.20 -10.45
CA HIS A 83 -0.41 2.73 -10.17
C HIS A 83 0.95 2.05 -10.41
N TYR A 84 1.30 1.13 -9.56
CA TYR A 84 2.60 0.39 -9.72
C TYR A 84 2.46 -1.02 -9.13
N THR A 85 3.32 -1.93 -9.52
CA THR A 85 3.22 -3.33 -9.00
C THR A 85 4.31 -3.61 -7.97
N SER A 86 3.96 -4.30 -6.90
CA SER A 86 4.96 -4.62 -5.85
C SER A 86 5.01 -6.14 -5.63
N GLY A 87 6.01 -6.64 -4.95
CA GLY A 87 6.09 -8.11 -4.71
C GLY A 87 6.66 -8.39 -3.31
N VAL A 88 5.88 -9.05 -2.48
CA VAL A 88 6.35 -9.36 -1.09
C VAL A 88 6.06 -10.84 -0.78
N LEU A 89 6.88 -11.45 0.04
CA LEU A 89 6.65 -12.89 0.39
C LEU A 89 6.13 -13.02 1.84
N LEU A 90 5.23 -13.93 2.08
CA LEU A 90 4.69 -14.08 3.47
C LEU A 90 4.87 -15.52 3.95
N GLU A 91 5.15 -15.70 5.22
CA GLU A 91 5.32 -17.10 5.75
C GLU A 91 3.95 -17.70 6.08
N THR A 92 2.94 -16.88 6.24
CA THR A 92 1.57 -17.39 6.56
C THR A 92 0.70 -17.38 5.31
N GLU A 93 0.00 -18.45 5.03
CA GLU A 93 -0.87 -18.47 3.80
C GLU A 93 -2.14 -17.63 4.03
N GLN A 94 -2.35 -17.13 5.23
CA GLN A 94 -3.55 -16.29 5.49
C GLN A 94 -3.14 -15.09 6.36
N GLY A 95 -3.71 -13.92 6.17
CA GLY A 95 -3.28 -12.78 7.03
C GLY A 95 -4.05 -11.49 6.72
N GLN A 96 -3.93 -10.52 7.60
CA GLN A 96 -4.61 -9.20 7.42
C GLN A 96 -3.57 -8.08 7.29
N MET A 97 -3.69 -7.24 6.30
CA MET A 97 -2.69 -6.15 6.12
C MET A 97 -3.38 -4.77 6.02
N GLN A 98 -3.06 -3.86 6.91
CA GLN A 98 -3.66 -2.49 6.86
C GLN A 98 -2.53 -1.47 6.77
N GLY A 99 -2.75 -0.31 6.19
CA GLY A 99 -1.64 0.68 6.10
C GLY A 99 -2.15 2.06 5.68
N HIS A 100 -1.27 3.03 5.66
CA HIS A 100 -1.66 4.40 5.26
C HIS A 100 -0.53 5.06 4.45
N TYR A 101 -0.85 6.03 3.64
CA TYR A 101 0.20 6.72 2.83
C TYR A 101 0.26 8.19 3.22
N ASP A 102 1.43 8.71 3.55
CA ASP A 102 1.52 10.16 3.90
C ASP A 102 1.52 11.00 2.62
N MET A 103 0.58 11.90 2.54
CA MET A 103 0.47 12.78 1.33
C MET A 103 0.62 14.25 1.74
N VAL A 104 0.89 15.10 0.78
CA VAL A 104 1.06 16.56 1.10
C VAL A 104 0.44 17.42 0.00
N ALA A 105 -0.39 18.36 0.35
CA ALA A 105 -1.00 19.26 -0.68
C ALA A 105 0.06 20.23 -1.20
N ASP A 106 -0.22 20.90 -2.29
CA ASP A 106 0.78 21.86 -2.85
C ASP A 106 1.01 23.02 -1.87
N ASP A 107 0.03 23.35 -1.07
CA ASP A 107 0.18 24.49 -0.11
C ASP A 107 1.04 24.08 1.10
N GLY A 108 1.44 22.83 1.20
CA GLY A 108 2.28 22.40 2.35
C GLY A 108 1.42 21.70 3.43
N THR A 109 0.11 21.75 3.32
CA THR A 109 -0.75 21.08 4.34
C THR A 109 -0.40 19.60 4.44
N GLU A 110 -0.28 19.07 5.64
CA GLU A 110 0.08 17.63 5.79
C GLU A 110 -1.16 16.79 6.12
N PHE A 111 -1.25 15.61 5.55
CA PHE A 111 -2.42 14.72 5.81
C PHE A 111 -2.10 13.30 5.32
N ILE A 112 -2.58 12.30 6.00
CA ILE A 112 -2.29 10.89 5.60
C ILE A 112 -3.48 10.31 4.83
N ALA A 113 -3.23 9.30 4.05
CA ALA A 113 -4.32 8.64 3.26
C ALA A 113 -4.41 7.17 3.68
N PRO A 114 -5.30 6.89 4.60
CA PRO A 114 -5.43 5.48 5.08
C PRO A 114 -5.80 4.50 3.95
N ILE A 115 -5.27 3.31 4.05
CA ILE A 115 -5.55 2.25 3.04
C ILE A 115 -6.38 1.15 3.70
N ALA A 116 -7.54 0.87 3.15
CA ALA A 116 -8.44 -0.18 3.74
C ALA A 116 -7.68 -1.47 4.05
N ALA A 117 -8.32 -2.38 4.74
CA ALA A 117 -7.64 -3.67 5.09
C ALA A 117 -8.05 -4.79 4.13
N PHE A 118 -7.08 -5.39 3.50
CA PHE A 118 -7.39 -6.53 2.57
C PHE A 118 -6.85 -7.81 3.19
N VAL A 119 -7.39 -8.95 2.82
CA VAL A 119 -6.90 -10.23 3.42
C VAL A 119 -6.25 -11.10 2.34
N LEU A 120 -5.37 -11.98 2.74
CA LEU A 120 -4.70 -12.88 1.77
C LEU A 120 -5.15 -14.32 2.03
N SER A 121 -5.52 -15.02 0.99
CA SER A 121 -5.98 -16.44 1.17
C SER A 121 -5.75 -17.22 -0.14
N ARG A 6 -11.35 18.80 0.26
CA ARG A 6 -10.23 19.49 -0.44
C ARG A 6 -8.94 18.67 -0.31
N TYR A 7 -8.77 18.00 0.80
CA TYR A 7 -7.54 17.18 1.01
C TYR A 7 -7.92 15.71 1.28
N ARG A 8 -8.13 14.95 0.24
CA ARG A 8 -8.49 13.51 0.43
C ARG A 8 -7.95 12.66 -0.72
N VAL A 9 -7.54 11.45 -0.39
CA VAL A 9 -6.97 10.50 -1.40
C VAL A 9 -7.27 9.07 -0.94
N GLU A 10 -7.96 8.34 -1.77
CA GLU A 10 -8.31 6.91 -1.44
C GLU A 10 -7.49 5.97 -2.32
N VAL A 11 -6.93 4.95 -1.72
CA VAL A 11 -6.12 3.97 -2.49
C VAL A 11 -6.73 2.57 -2.37
N GLU A 12 -6.77 1.83 -3.45
CA GLU A 12 -7.34 0.46 -3.42
C GLU A 12 -6.29 -0.55 -3.89
N VAL A 13 -6.21 -1.69 -3.26
CA VAL A 13 -5.20 -2.71 -3.65
C VAL A 13 -5.87 -4.08 -3.86
N SER A 14 -5.43 -4.80 -4.87
CA SER A 14 -6.01 -6.14 -5.15
C SER A 14 -4.90 -7.21 -5.14
N PRO A 15 -4.87 -7.97 -4.06
CA PRO A 15 -3.82 -9.03 -3.98
C PRO A 15 -4.25 -10.30 -4.72
N ARG A 16 -3.31 -11.18 -4.95
CA ARG A 16 -3.60 -12.45 -5.67
C ARG A 16 -2.53 -13.50 -5.33
N PHE A 17 -2.95 -14.69 -5.00
CA PHE A 17 -1.99 -15.76 -4.62
C PHE A 17 -1.01 -16.06 -5.75
N LEU A 18 0.24 -16.25 -5.43
CA LEU A 18 1.27 -16.55 -6.47
C LEU A 18 1.84 -17.96 -6.26
N ALA A 19 1.10 -18.94 -6.69
CA ALA A 19 1.54 -20.37 -6.56
C ALA A 19 2.68 -20.69 -7.53
N HIS A 20 2.67 -20.11 -8.70
CA HIS A 20 3.76 -20.43 -9.70
C HIS A 20 5.11 -19.88 -9.22
N GLN A 21 5.10 -18.87 -8.39
CA GLN A 21 6.40 -18.30 -7.90
C GLN A 21 6.48 -18.41 -6.37
N SER A 22 5.91 -19.44 -5.81
CA SER A 22 5.96 -19.61 -4.33
C SER A 22 5.89 -21.09 -3.94
N THR A 23 6.59 -21.48 -2.91
CA THR A 23 6.55 -22.90 -2.46
C THR A 23 6.06 -22.95 -1.00
N PRO A 24 4.77 -23.17 -0.85
CA PRO A 24 4.19 -23.19 0.53
C PRO A 24 4.71 -24.37 1.35
N ASP A 25 5.16 -25.42 0.71
CA ASP A 25 5.66 -26.61 1.48
C ASP A 25 6.91 -26.26 2.29
N GLU A 26 7.65 -25.24 1.89
CA GLU A 26 8.88 -24.88 2.65
C GLU A 26 8.66 -23.60 3.46
N GLY A 27 7.42 -23.27 3.76
CA GLY A 27 7.14 -22.03 4.55
C GLY A 27 7.44 -20.79 3.71
N ARG A 28 7.28 -20.90 2.42
CA ARG A 28 7.56 -19.73 1.52
C ARG A 28 6.31 -19.38 0.73
N TYR A 29 5.50 -18.46 1.23
CA TYR A 29 4.27 -18.06 0.49
C TYR A 29 4.49 -16.69 -0.14
N ALA A 30 4.18 -16.53 -1.41
CA ALA A 30 4.41 -15.21 -2.07
C ALA A 30 3.09 -14.60 -2.58
N PHE A 31 2.75 -13.43 -2.07
CA PHE A 31 1.51 -12.75 -2.52
C PHE A 31 1.87 -11.46 -3.25
N ALA A 32 1.32 -11.23 -4.41
CA ALA A 32 1.64 -9.96 -5.16
C ALA A 32 0.39 -9.09 -5.22
N TYR A 33 0.49 -7.83 -4.89
CA TYR A 33 -0.73 -6.97 -4.93
C TYR A 33 -0.47 -5.69 -5.74
N SER A 34 -1.48 -5.18 -6.40
CA SER A 34 -1.31 -3.94 -7.21
C SER A 34 -1.87 -2.75 -6.43
N ILE A 35 -1.19 -1.63 -6.47
CA ILE A 35 -1.65 -0.42 -5.73
C ILE A 35 -2.29 0.60 -6.67
N ARG A 36 -3.44 1.11 -6.29
CA ARG A 36 -4.15 2.10 -7.14
C ARG A 36 -4.46 3.37 -6.32
N ILE A 37 -3.64 4.36 -6.45
CA ILE A 37 -3.84 5.64 -5.70
C ILE A 37 -4.63 6.64 -6.54
N GLN A 38 -5.80 7.04 -6.09
CA GLN A 38 -6.60 8.05 -6.84
C GLN A 38 -6.77 9.31 -5.99
N ASN A 39 -6.60 10.45 -6.60
CA ASN A 39 -6.72 11.74 -5.86
C ASN A 39 -8.16 12.27 -5.91
N ALA A 40 -8.79 12.40 -4.77
CA ALA A 40 -10.19 12.93 -4.74
C ALA A 40 -10.24 14.29 -4.03
N GLY A 41 -9.10 14.89 -3.74
CA GLY A 41 -9.10 16.23 -3.08
C GLY A 41 -9.27 17.32 -4.14
N ALA A 42 -9.32 18.56 -3.73
CA ALA A 42 -9.50 19.66 -4.72
C ALA A 42 -8.13 20.23 -5.12
N VAL A 43 -7.19 20.18 -4.22
CA VAL A 43 -5.83 20.72 -4.52
C VAL A 43 -4.86 19.55 -4.78
N PRO A 44 -3.99 19.74 -5.77
CA PRO A 44 -3.03 18.64 -6.10
C PRO A 44 -2.25 18.17 -4.86
N ALA A 45 -1.99 16.90 -4.78
CA ALA A 45 -1.25 16.34 -3.62
C ALA A 45 -0.25 15.26 -4.07
N ARG A 46 0.81 15.10 -3.33
CA ARG A 46 1.84 14.08 -3.69
C ARG A 46 2.12 13.18 -2.49
N LEU A 47 2.66 12.01 -2.71
CA LEU A 47 2.97 11.09 -1.58
C LEU A 47 4.44 11.21 -1.20
N VAL A 48 4.72 11.66 -0.01
CA VAL A 48 6.14 11.81 0.44
C VAL A 48 6.57 10.61 1.28
N ALA A 49 5.65 9.96 1.95
CA ALA A 49 6.04 8.79 2.79
C ALA A 49 5.02 7.65 2.70
N ARG A 50 5.42 6.48 3.12
CA ARG A 50 4.52 5.29 3.09
C ARG A 50 4.76 4.41 4.32
N HIS A 51 3.70 3.87 4.87
CA HIS A 51 3.84 3.00 6.09
C HIS A 51 2.79 1.88 6.04
N TRP A 52 3.25 0.66 5.90
CA TRP A 52 2.32 -0.51 5.85
C TRP A 52 2.28 -1.24 7.21
N GLN A 53 1.10 -1.60 7.65
CA GLN A 53 0.96 -2.32 8.95
C GLN A 53 0.39 -3.72 8.71
N ILE A 54 1.21 -4.65 8.27
CA ILE A 54 0.71 -6.04 8.00
C ILE A 54 0.74 -6.91 9.26
N THR A 55 -0.35 -7.60 9.52
CA THR A 55 -0.41 -8.51 10.71
C THR A 55 -0.64 -9.94 10.22
N ASP A 56 0.12 -10.89 10.72
CA ASP A 56 -0.04 -12.29 10.27
C ASP A 56 -1.09 -13.03 11.10
N GLY A 57 -1.47 -14.20 10.66
CA GLY A 57 -2.51 -15.00 11.38
C GLY A 57 -2.06 -15.38 12.81
N ASN A 58 -0.82 -15.14 13.18
CA ASN A 58 -0.38 -15.48 14.57
C ASN A 58 -0.32 -14.22 15.46
N GLY A 59 -0.81 -13.10 14.96
CA GLY A 59 -0.81 -11.85 15.78
C GLY A 59 0.46 -11.03 15.52
N ARG A 60 1.53 -11.65 15.11
CA ARG A 60 2.79 -10.88 14.85
C ARG A 60 2.54 -9.86 13.73
N THR A 61 3.11 -8.68 13.84
CA THR A 61 2.88 -7.65 12.79
C THR A 61 4.22 -7.07 12.32
N GLU A 62 4.29 -6.68 11.06
CA GLU A 62 5.57 -6.11 10.53
C GLU A 62 5.30 -4.70 9.98
N GLN A 63 5.97 -3.72 10.51
CA GLN A 63 5.77 -2.31 10.04
C GLN A 63 6.95 -1.87 9.17
N VAL A 64 6.65 -1.23 8.06
CA VAL A 64 7.75 -0.75 7.15
C VAL A 64 7.56 0.74 6.86
N ASP A 65 8.61 1.50 7.00
CA ASP A 65 8.53 2.97 6.75
C ASP A 65 9.59 3.39 5.72
N GLY A 66 9.18 4.09 4.69
CA GLY A 66 10.15 4.55 3.65
C GLY A 66 9.61 5.82 2.99
N GLU A 67 10.42 6.47 2.19
CA GLU A 67 9.96 7.72 1.51
C GLU A 67 9.82 7.47 0.01
N GLY A 68 9.07 8.30 -0.69
CA GLY A 68 8.91 8.13 -2.17
C GLY A 68 8.53 6.68 -2.53
N VAL A 69 7.26 6.39 -2.65
CA VAL A 69 6.80 4.99 -2.99
C VAL A 69 7.64 4.38 -4.13
N VAL A 70 8.07 3.16 -3.92
CA VAL A 70 8.93 2.42 -4.91
C VAL A 70 10.01 3.33 -5.52
N GLY A 71 10.57 4.19 -4.73
CA GLY A 71 11.67 5.09 -5.19
C GLY A 71 11.14 6.35 -5.91
N GLU A 72 9.89 6.71 -5.71
CA GLU A 72 9.37 7.93 -6.40
C GLU A 72 8.31 8.67 -5.56
N GLN A 73 8.21 9.95 -5.78
CA GLN A 73 7.23 10.80 -5.07
C GLN A 73 6.25 11.40 -6.10
N PRO A 74 5.37 10.56 -6.60
CA PRO A 74 4.41 11.03 -7.63
C PRO A 74 3.61 12.26 -7.16
N TRP A 75 3.39 13.19 -8.06
CA TRP A 75 2.60 14.41 -7.71
C TRP A 75 1.18 14.24 -8.23
N LEU A 76 0.38 13.47 -7.54
CA LEU A 76 -1.03 13.22 -8.00
C LEU A 76 -1.83 14.52 -8.07
N ARG A 77 -2.28 14.87 -9.24
CA ARG A 77 -3.11 16.09 -9.39
C ARG A 77 -4.58 15.73 -9.12
N PRO A 78 -5.38 16.72 -8.77
CA PRO A 78 -6.81 16.41 -8.46
C PRO A 78 -7.46 15.64 -9.63
N GLY A 79 -8.07 14.52 -9.33
CA GLY A 79 -8.74 13.70 -10.39
C GLY A 79 -7.75 12.70 -11.00
N GLU A 80 -6.47 12.88 -10.82
CA GLU A 80 -5.46 11.93 -11.39
C GLU A 80 -5.24 10.75 -10.44
N ALA A 81 -4.63 9.70 -10.93
CA ALA A 81 -4.37 8.49 -10.07
C ALA A 81 -3.04 7.85 -10.46
N PHE A 82 -2.36 7.24 -9.52
CA PHE A 82 -1.07 6.56 -9.83
C PHE A 82 -1.18 5.07 -9.51
N HIS A 83 -0.49 4.22 -10.23
CA HIS A 83 -0.59 2.75 -9.94
C HIS A 83 0.76 2.05 -10.15
N TYR A 84 1.09 1.13 -9.28
CA TYR A 84 2.38 0.38 -9.41
C TYR A 84 2.22 -1.02 -8.80
N THR A 85 3.08 -1.94 -9.15
CA THR A 85 2.97 -3.34 -8.60
C THR A 85 4.01 -3.58 -7.50
N SER A 86 3.61 -4.22 -6.43
CA SER A 86 4.56 -4.50 -5.32
C SER A 86 4.60 -6.01 -5.03
N GLY A 87 5.55 -6.47 -4.26
CA GLY A 87 5.63 -7.93 -3.96
C GLY A 87 6.11 -8.16 -2.52
N VAL A 88 5.34 -8.88 -1.74
CA VAL A 88 5.74 -9.16 -0.33
C VAL A 88 5.58 -10.66 -0.04
N LEU A 89 6.33 -11.17 0.91
CA LEU A 89 6.24 -12.62 1.24
C LEU A 89 5.57 -12.83 2.60
N LEU A 90 4.81 -13.89 2.74
CA LEU A 90 4.12 -14.17 4.04
C LEU A 90 4.52 -15.54 4.57
N GLU A 91 4.60 -15.68 5.87
CA GLU A 91 4.99 -17.01 6.47
C GLU A 91 3.81 -17.99 6.40
N THR A 92 2.60 -17.50 6.38
CA THR A 92 1.42 -18.42 6.34
C THR A 92 0.52 -18.08 5.15
N GLU A 93 -0.47 -18.91 4.89
CA GLU A 93 -1.39 -18.66 3.74
C GLU A 93 -2.55 -17.74 4.11
N GLN A 94 -2.50 -17.12 5.27
CA GLN A 94 -3.62 -16.20 5.66
C GLN A 94 -3.06 -14.95 6.34
N GLY A 95 -3.71 -13.81 6.20
CA GLY A 95 -3.18 -12.59 6.87
C GLY A 95 -3.98 -11.33 6.51
N GLN A 96 -3.85 -10.33 7.33
CA GLN A 96 -4.57 -9.04 7.09
C GLN A 96 -3.55 -7.91 6.92
N MET A 97 -3.66 -7.12 5.88
CA MET A 97 -2.67 -6.02 5.67
C MET A 97 -3.37 -4.67 5.52
N GLN A 98 -3.14 -3.76 6.43
CA GLN A 98 -3.76 -2.40 6.36
C GLN A 98 -2.66 -1.36 6.51
N GLY A 99 -2.79 -0.20 5.92
CA GLY A 99 -1.70 0.82 6.06
C GLY A 99 -2.18 2.19 5.61
N HIS A 100 -1.31 3.17 5.65
CA HIS A 100 -1.70 4.54 5.23
C HIS A 100 -0.55 5.20 4.45
N TYR A 101 -0.88 6.20 3.65
CA TYR A 101 0.17 6.90 2.85
C TYR A 101 0.24 8.37 3.28
N ASP A 102 1.41 8.88 3.59
CA ASP A 102 1.52 10.32 3.97
C ASP A 102 1.56 11.17 2.70
N MET A 103 0.64 12.09 2.58
CA MET A 103 0.57 12.97 1.39
C MET A 103 0.67 14.44 1.79
N VAL A 104 0.99 15.30 0.85
CA VAL A 104 1.10 16.75 1.19
C VAL A 104 0.57 17.61 0.03
N ALA A 105 -0.29 18.54 0.32
CA ALA A 105 -0.85 19.42 -0.76
C ALA A 105 0.24 20.41 -1.20
N ASP A 106 0.01 21.09 -2.31
CA ASP A 106 1.04 22.07 -2.79
C ASP A 106 1.20 23.21 -1.78
N ASP A 107 0.17 23.51 -1.04
CA ASP A 107 0.25 24.62 -0.05
C ASP A 107 1.10 24.21 1.17
N GLY A 108 1.40 22.94 1.30
CA GLY A 108 2.22 22.48 2.46
C GLY A 108 1.33 21.78 3.50
N THR A 109 0.02 21.80 3.32
CA THR A 109 -0.88 21.11 4.31
C THR A 109 -0.50 19.63 4.44
N GLU A 110 -0.44 19.13 5.65
CA GLU A 110 -0.06 17.69 5.83
C GLU A 110 -1.30 16.84 6.09
N PHE A 111 -1.35 15.66 5.51
CA PHE A 111 -2.51 14.75 5.73
C PHE A 111 -2.17 13.34 5.20
N ILE A 112 -2.71 12.33 5.84
CA ILE A 112 -2.42 10.93 5.41
C ILE A 112 -3.59 10.34 4.62
N ALA A 113 -3.32 9.33 3.83
CA ALA A 113 -4.40 8.68 3.03
C ALA A 113 -4.48 7.20 3.45
N PRO A 114 -5.41 6.91 4.33
CA PRO A 114 -5.54 5.50 4.81
C PRO A 114 -5.82 4.52 3.67
N ILE A 115 -5.25 3.35 3.78
CA ILE A 115 -5.44 2.28 2.75
C ILE A 115 -6.32 1.18 3.37
N ALA A 116 -7.42 0.89 2.73
CA ALA A 116 -8.36 -0.16 3.25
C ALA A 116 -7.62 -1.45 3.59
N ALA A 117 -8.04 -2.13 4.62
CA ALA A 117 -7.38 -3.40 5.02
C ALA A 117 -8.00 -4.58 4.26
N PHE A 118 -7.20 -5.30 3.52
CA PHE A 118 -7.74 -6.48 2.77
C PHE A 118 -7.19 -7.75 3.41
N VAL A 119 -7.75 -8.89 3.09
CA VAL A 119 -7.25 -10.16 3.71
C VAL A 119 -6.63 -11.07 2.63
N LEU A 120 -5.73 -11.92 3.02
CA LEU A 120 -5.09 -12.84 2.03
C LEU A 120 -5.50 -14.29 2.34
N SER A 121 -5.88 -15.02 1.34
CA SER A 121 -6.31 -16.44 1.56
C SER A 121 -6.10 -17.26 0.29
N ARG A 6 -11.18 19.14 0.70
CA ARG A 6 -10.07 19.60 -0.18
C ARG A 6 -8.92 18.60 -0.16
N TYR A 7 -8.79 17.84 0.90
CA TYR A 7 -7.69 16.83 0.99
C TYR A 7 -8.27 15.42 1.05
N ARG A 8 -8.14 14.67 -0.02
CA ARG A 8 -8.68 13.28 -0.03
C ARG A 8 -7.94 12.43 -1.06
N VAL A 9 -7.58 11.23 -0.68
CA VAL A 9 -6.85 10.30 -1.60
C VAL A 9 -7.16 8.86 -1.22
N GLU A 10 -7.81 8.13 -2.09
CA GLU A 10 -8.15 6.70 -1.82
C GLU A 10 -7.29 5.76 -2.68
N VAL A 11 -6.73 4.76 -2.06
CA VAL A 11 -5.88 3.78 -2.80
C VAL A 11 -6.50 2.38 -2.70
N GLU A 12 -6.48 1.64 -3.78
CA GLU A 12 -7.05 0.26 -3.76
C GLU A 12 -5.97 -0.75 -4.13
N VAL A 13 -5.92 -1.86 -3.43
CA VAL A 13 -4.88 -2.89 -3.72
C VAL A 13 -5.53 -4.27 -3.89
N SER A 14 -5.10 -5.01 -4.89
CA SER A 14 -5.67 -6.37 -5.13
C SER A 14 -4.55 -7.42 -5.15
N PRO A 15 -4.45 -8.17 -4.07
CA PRO A 15 -3.39 -9.22 -4.00
C PRO A 15 -3.84 -10.50 -4.71
N ARG A 16 -2.91 -11.39 -4.97
CA ARG A 16 -3.24 -12.67 -5.66
C ARG A 16 -2.16 -13.71 -5.34
N PHE A 17 -2.57 -14.90 -4.97
CA PHE A 17 -1.59 -15.98 -4.62
C PHE A 17 -0.68 -16.32 -5.81
N LEU A 18 0.57 -16.54 -5.54
CA LEU A 18 1.53 -16.90 -6.63
C LEU A 18 2.08 -18.32 -6.43
N ALA A 19 1.30 -19.29 -6.80
CA ALA A 19 1.71 -20.73 -6.68
C ALA A 19 2.87 -21.04 -7.62
N HIS A 20 2.90 -20.45 -8.78
CA HIS A 20 4.02 -20.73 -9.75
C HIS A 20 5.34 -20.14 -9.25
N GLN A 21 5.29 -19.14 -8.40
CA GLN A 21 6.55 -18.54 -7.89
C GLN A 21 6.63 -18.63 -6.36
N SER A 22 6.03 -19.64 -5.78
CA SER A 22 6.08 -19.76 -4.28
C SER A 22 5.97 -21.23 -3.85
N THR A 23 6.63 -21.58 -2.77
CA THR A 23 6.55 -22.99 -2.27
C THR A 23 5.96 -22.98 -0.86
N PRO A 24 4.66 -23.14 -0.78
CA PRO A 24 4.00 -23.11 0.56
C PRO A 24 4.43 -24.31 1.42
N ASP A 25 4.88 -25.37 0.81
CA ASP A 25 5.29 -26.58 1.61
C ASP A 25 6.51 -26.25 2.48
N GLU A 26 7.29 -25.26 2.11
CA GLU A 26 8.50 -24.91 2.93
C GLU A 26 8.25 -23.63 3.73
N GLY A 27 7.01 -23.30 4.00
CA GLY A 27 6.72 -22.06 4.78
C GLY A 27 7.10 -20.83 3.95
N ARG A 28 7.04 -20.94 2.65
CA ARG A 28 7.39 -19.79 1.77
C ARG A 28 6.21 -19.43 0.87
N TYR A 29 5.39 -18.49 1.29
CA TYR A 29 4.22 -18.07 0.46
C TYR A 29 4.52 -16.72 -0.20
N ALA A 30 4.23 -16.59 -1.47
CA ALA A 30 4.52 -15.29 -2.15
C ALA A 30 3.24 -14.63 -2.66
N PHE A 31 2.95 -13.43 -2.22
CA PHE A 31 1.72 -12.73 -2.68
C PHE A 31 2.10 -11.46 -3.44
N ALA A 32 1.51 -11.21 -4.59
CA ALA A 32 1.82 -9.97 -5.36
C ALA A 32 0.58 -9.09 -5.41
N TYR A 33 0.70 -7.82 -5.12
CA TYR A 33 -0.52 -6.94 -5.14
C TYR A 33 -0.31 -5.70 -6.02
N SER A 34 -1.36 -5.25 -6.67
CA SER A 34 -1.25 -4.04 -7.53
C SER A 34 -1.90 -2.86 -6.80
N ILE A 35 -1.25 -1.73 -6.78
CA ILE A 35 -1.81 -0.54 -6.08
C ILE A 35 -2.34 0.52 -7.06
N ARG A 36 -3.51 1.04 -6.74
CA ARG A 36 -4.14 2.08 -7.62
C ARG A 36 -4.44 3.34 -6.79
N ILE A 37 -3.60 4.33 -6.91
CA ILE A 37 -3.80 5.61 -6.15
C ILE A 37 -4.63 6.60 -6.97
N GLN A 38 -5.78 6.99 -6.47
CA GLN A 38 -6.63 7.99 -7.21
C GLN A 38 -6.78 9.26 -6.35
N ASN A 39 -6.71 10.40 -6.98
CA ASN A 39 -6.83 11.69 -6.22
C ASN A 39 -8.28 12.11 -6.10
N ALA A 40 -8.79 12.19 -4.89
CA ALA A 40 -10.21 12.62 -4.68
C ALA A 40 -10.25 13.97 -3.95
N GLY A 41 -9.12 14.57 -3.67
CA GLY A 41 -9.12 15.89 -2.97
C GLY A 41 -9.37 17.00 -3.99
N ALA A 42 -9.31 18.24 -3.57
CA ALA A 42 -9.55 19.36 -4.52
C ALA A 42 -8.21 19.99 -4.95
N VAL A 43 -7.25 19.96 -4.08
CA VAL A 43 -5.91 20.54 -4.40
C VAL A 43 -4.90 19.42 -4.68
N PRO A 44 -4.05 19.64 -5.67
CA PRO A 44 -3.05 18.58 -6.02
C PRO A 44 -2.26 18.11 -4.78
N ALA A 45 -1.99 16.83 -4.70
CA ALA A 45 -1.23 16.27 -3.55
C ALA A 45 -0.25 15.21 -4.01
N ARG A 46 0.84 15.05 -3.28
CA ARG A 46 1.87 14.04 -3.65
C ARG A 46 2.16 13.14 -2.45
N LEU A 47 2.72 11.97 -2.67
CA LEU A 47 3.03 11.07 -1.54
C LEU A 47 4.51 11.23 -1.14
N VAL A 48 4.77 11.66 0.07
CA VAL A 48 6.18 11.86 0.51
C VAL A 48 6.63 10.69 1.39
N ALA A 49 5.73 10.03 2.06
CA ALA A 49 6.15 8.89 2.94
C ALA A 49 5.16 7.73 2.86
N ARG A 50 5.58 6.57 3.29
CA ARG A 50 4.72 5.36 3.27
C ARG A 50 4.93 4.52 4.53
N HIS A 51 3.86 4.01 5.10
CA HIS A 51 3.98 3.17 6.32
C HIS A 51 2.96 2.03 6.28
N TRP A 52 3.44 0.82 6.19
CA TRP A 52 2.52 -0.36 6.12
C TRP A 52 2.43 -1.06 7.49
N GLN A 53 1.24 -1.37 7.92
CA GLN A 53 1.07 -2.07 9.23
C GLN A 53 0.47 -3.46 9.00
N ILE A 54 1.27 -4.39 8.55
CA ILE A 54 0.74 -5.76 8.27
C ILE A 54 0.75 -6.64 9.53
N THR A 55 -0.36 -7.26 9.83
CA THR A 55 -0.45 -8.16 11.02
C THR A 55 -0.83 -9.56 10.54
N ASP A 56 -0.12 -10.57 11.00
CA ASP A 56 -0.40 -11.96 10.55
C ASP A 56 -1.46 -12.63 11.44
N GLY A 57 -1.93 -13.77 11.02
CA GLY A 57 -2.97 -14.52 11.79
C GLY A 57 -2.47 -14.93 13.18
N ASN A 58 -1.21 -14.74 13.50
CA ASN A 58 -0.73 -15.13 14.87
C ASN A 58 -0.61 -13.89 15.77
N GLY A 59 -1.07 -12.74 15.30
CA GLY A 59 -1.00 -11.50 16.13
C GLY A 59 0.28 -10.71 15.85
N ARG A 60 1.34 -11.39 15.46
CA ARG A 60 2.61 -10.65 15.17
C ARG A 60 2.41 -9.71 13.97
N THR A 61 3.00 -8.54 14.01
CA THR A 61 2.82 -7.59 12.88
C THR A 61 4.17 -6.97 12.49
N GLU A 62 4.30 -6.56 11.26
CA GLU A 62 5.58 -5.95 10.80
C GLU A 62 5.34 -4.54 10.27
N GLN A 63 6.00 -3.56 10.85
CA GLN A 63 5.81 -2.15 10.40
C GLN A 63 7.00 -1.70 9.55
N VAL A 64 6.73 -1.06 8.44
CA VAL A 64 7.84 -0.60 7.56
C VAL A 64 7.69 0.89 7.25
N ASP A 65 8.75 1.64 7.42
CA ASP A 65 8.70 3.11 7.16
C ASP A 65 9.80 3.50 6.17
N GLY A 66 9.45 4.18 5.11
CA GLY A 66 10.48 4.60 4.11
C GLY A 66 10.02 5.89 3.42
N GLU A 67 10.93 6.63 2.85
CA GLU A 67 10.54 7.90 2.17
C GLU A 67 10.02 7.60 0.76
N GLY A 68 9.19 8.48 0.24
CA GLY A 68 8.64 8.30 -1.14
C GLY A 68 8.07 6.88 -1.33
N VAL A 69 7.80 6.53 -2.56
CA VAL A 69 7.24 5.18 -2.88
C VAL A 69 8.05 4.56 -4.04
N VAL A 70 8.49 3.35 -3.85
CA VAL A 70 9.30 2.62 -4.89
C VAL A 70 10.33 3.54 -5.57
N GLY A 71 10.89 4.46 -4.82
CA GLY A 71 11.94 5.38 -5.37
C GLY A 71 11.36 6.59 -6.11
N GLU A 72 10.10 6.91 -5.93
CA GLU A 72 9.53 8.10 -6.66
C GLU A 72 8.50 8.86 -5.82
N GLN A 73 8.40 10.13 -6.04
CA GLN A 73 7.42 10.98 -5.29
C GLN A 73 6.37 11.53 -6.29
N PRO A 74 5.48 10.65 -6.69
CA PRO A 74 4.45 11.09 -7.68
C PRO A 74 3.63 12.29 -7.17
N TRP A 75 3.33 13.20 -8.07
CA TRP A 75 2.52 14.40 -7.70
C TRP A 75 1.10 14.21 -8.23
N LEU A 76 0.31 13.43 -7.56
CA LEU A 76 -1.08 13.16 -8.04
C LEU A 76 -1.91 14.43 -8.10
N ARG A 77 -2.36 14.80 -9.28
CA ARG A 77 -3.21 16.02 -9.43
C ARG A 77 -4.67 15.65 -9.18
N PRO A 78 -5.48 16.64 -8.85
CA PRO A 78 -6.92 16.33 -8.58
C PRO A 78 -7.55 15.59 -9.77
N GLY A 79 -8.14 14.46 -9.51
CA GLY A 79 -8.80 13.66 -10.59
C GLY A 79 -7.79 12.68 -11.22
N GLU A 80 -6.50 12.90 -11.04
CA GLU A 80 -5.50 11.97 -11.64
C GLU A 80 -5.21 10.82 -10.68
N ALA A 81 -4.57 9.78 -11.16
CA ALA A 81 -4.26 8.61 -10.28
C ALA A 81 -2.93 7.98 -10.67
N PHE A 82 -2.23 7.39 -9.72
CA PHE A 82 -0.93 6.72 -10.03
C PHE A 82 -1.03 5.23 -9.71
N HIS A 83 -0.37 4.39 -10.46
CA HIS A 83 -0.45 2.92 -10.19
C HIS A 83 0.87 2.21 -10.51
N TYR A 84 1.25 1.27 -9.69
CA TYR A 84 2.50 0.49 -9.94
C TYR A 84 2.37 -0.92 -9.34
N THR A 85 3.21 -1.84 -9.72
CA THR A 85 3.11 -3.23 -9.18
C THR A 85 4.13 -3.45 -8.04
N SER A 86 3.71 -4.11 -7.00
CA SER A 86 4.64 -4.38 -5.86
C SER A 86 4.68 -5.89 -5.56
N GLY A 87 5.64 -6.34 -4.77
CA GLY A 87 5.70 -7.80 -4.45
C GLY A 87 6.18 -8.02 -3.00
N VAL A 88 5.40 -8.73 -2.23
CA VAL A 88 5.78 -9.01 -0.81
C VAL A 88 5.61 -10.50 -0.51
N LEU A 89 6.37 -11.02 0.42
CA LEU A 89 6.27 -12.47 0.77
C LEU A 89 5.66 -12.67 2.16
N LEU A 90 4.89 -13.71 2.34
CA LEU A 90 4.27 -13.98 3.67
C LEU A 90 4.70 -15.36 4.18
N GLU A 91 4.87 -15.51 5.47
CA GLU A 91 5.30 -16.83 6.03
C GLU A 91 4.15 -17.85 5.97
N THR A 92 2.92 -17.40 5.99
CA THR A 92 1.78 -18.36 5.95
C THR A 92 0.86 -18.07 4.76
N GLU A 93 -0.09 -18.94 4.51
CA GLU A 93 -1.02 -18.73 3.35
C GLU A 93 -2.22 -17.85 3.74
N GLN A 94 -2.21 -17.28 4.92
CA GLN A 94 -3.35 -16.41 5.34
C GLN A 94 -2.82 -15.17 6.05
N GLY A 95 -3.49 -14.04 5.95
CA GLY A 95 -2.97 -12.84 6.66
C GLY A 95 -3.78 -11.58 6.34
N GLN A 96 -3.72 -10.62 7.23
CA GLN A 96 -4.44 -9.33 7.04
C GLN A 96 -3.43 -8.18 6.99
N MET A 97 -3.52 -7.33 6.00
CA MET A 97 -2.53 -6.21 5.89
C MET A 97 -3.24 -4.85 5.78
N GLN A 98 -2.98 -3.96 6.70
CA GLN A 98 -3.60 -2.60 6.66
C GLN A 98 -2.49 -1.56 6.84
N GLY A 99 -2.65 -0.37 6.31
CA GLY A 99 -1.56 0.65 6.48
C GLY A 99 -2.07 2.05 6.13
N HIS A 100 -1.19 3.01 6.11
CA HIS A 100 -1.60 4.41 5.77
C HIS A 100 -0.59 5.06 4.83
N TYR A 101 -1.01 6.10 4.14
CA TYR A 101 -0.10 6.80 3.19
C TYR A 101 0.13 8.25 3.65
N ASP A 102 1.37 8.68 3.75
CA ASP A 102 1.64 10.10 4.14
C ASP A 102 1.63 10.96 2.88
N MET A 103 0.76 11.94 2.85
CA MET A 103 0.65 12.85 1.67
C MET A 103 0.78 14.31 2.09
N VAL A 104 1.05 15.19 1.16
CA VAL A 104 1.18 16.64 1.49
C VAL A 104 0.54 17.49 0.38
N ALA A 105 -0.29 18.43 0.76
CA ALA A 105 -0.93 19.32 -0.26
C ALA A 105 0.11 20.31 -0.81
N ASP A 106 -0.20 20.96 -1.91
CA ASP A 106 0.78 21.93 -2.48
C ASP A 106 1.01 23.09 -1.50
N ASP A 107 0.01 23.41 -0.71
CA ASP A 107 0.16 24.53 0.26
C ASP A 107 1.04 24.12 1.47
N GLY A 108 1.36 22.85 1.59
CA GLY A 108 2.19 22.40 2.74
C GLY A 108 1.32 21.70 3.79
N THR A 109 0.02 21.73 3.65
CA THR A 109 -0.87 21.05 4.66
C THR A 109 -0.51 19.57 4.76
N GLU A 110 -0.41 19.05 5.97
CA GLU A 110 -0.04 17.61 6.12
C GLU A 110 -1.29 16.76 6.41
N PHE A 111 -1.36 15.60 5.81
CA PHE A 111 -2.53 14.70 6.05
C PHE A 111 -2.21 13.28 5.58
N ILE A 112 -2.69 12.29 6.29
CA ILE A 112 -2.40 10.87 5.92
C ILE A 112 -3.60 10.26 5.20
N ALA A 113 -3.36 9.23 4.42
CA ALA A 113 -4.47 8.55 3.68
C ALA A 113 -4.53 7.08 4.11
N PRO A 114 -5.43 6.78 5.02
CA PRO A 114 -5.52 5.37 5.50
C PRO A 114 -5.80 4.39 4.35
N ILE A 115 -5.21 3.23 4.45
CA ILE A 115 -5.40 2.17 3.42
C ILE A 115 -6.27 1.06 4.00
N ALA A 116 -7.37 0.75 3.37
CA ALA A 116 -8.29 -0.32 3.87
C ALA A 116 -7.53 -1.62 4.13
N ALA A 117 -7.98 -2.39 5.09
CA ALA A 117 -7.30 -3.68 5.40
C ALA A 117 -7.92 -4.82 4.59
N PHE A 118 -7.12 -5.48 3.78
CA PHE A 118 -7.64 -6.61 2.97
C PHE A 118 -7.05 -7.92 3.52
N VAL A 119 -7.59 -9.05 3.16
CA VAL A 119 -7.05 -10.34 3.68
C VAL A 119 -6.48 -11.19 2.54
N LEU A 120 -5.53 -12.03 2.85
CA LEU A 120 -4.92 -12.91 1.82
C LEU A 120 -5.28 -14.36 2.11
N SER A 121 -5.68 -15.10 1.11
CA SER A 121 -6.06 -16.53 1.32
C SER A 121 -5.89 -17.32 0.02
N ARG A 6 -11.37 19.37 0.76
CA ARG A 6 -10.24 19.72 -0.16
C ARG A 6 -9.18 18.62 -0.16
N TYR A 7 -9.16 17.77 0.84
CA TYR A 7 -8.14 16.67 0.89
C TYR A 7 -8.84 15.31 0.89
N ARG A 8 -8.79 14.63 -0.23
CA ARG A 8 -9.44 13.28 -0.34
C ARG A 8 -8.63 12.39 -1.29
N VAL A 9 -8.35 11.18 -0.88
CA VAL A 9 -7.56 10.24 -1.74
C VAL A 9 -7.95 8.79 -1.41
N GLU A 10 -8.53 8.11 -2.37
CA GLU A 10 -8.92 6.68 -2.18
C GLU A 10 -7.95 5.78 -2.94
N VAL A 11 -7.41 4.78 -2.26
CA VAL A 11 -6.45 3.84 -2.92
C VAL A 11 -7.01 2.42 -2.87
N GLU A 12 -6.88 1.67 -3.93
CA GLU A 12 -7.40 0.27 -3.95
C GLU A 12 -6.27 -0.71 -4.30
N VAL A 13 -6.20 -1.80 -3.60
CA VAL A 13 -5.12 -2.81 -3.88
C VAL A 13 -5.73 -4.21 -4.04
N SER A 14 -5.27 -4.95 -5.02
CA SER A 14 -5.81 -6.33 -5.25
C SER A 14 -4.69 -7.37 -5.27
N PRO A 15 -4.59 -8.12 -4.19
CA PRO A 15 -3.52 -9.17 -4.14
C PRO A 15 -3.97 -10.44 -4.86
N ARG A 16 -3.03 -11.32 -5.15
CA ARG A 16 -3.36 -12.59 -5.85
C ARG A 16 -2.28 -13.64 -5.58
N PHE A 17 -2.68 -14.83 -5.22
CA PHE A 17 -1.70 -15.92 -4.91
C PHE A 17 -0.80 -16.24 -6.12
N LEU A 18 0.46 -16.48 -5.88
CA LEU A 18 1.40 -16.81 -6.99
C LEU A 18 1.95 -18.23 -6.82
N ALA A 19 1.18 -19.20 -7.21
CA ALA A 19 1.61 -20.63 -7.12
C ALA A 19 2.80 -20.91 -8.05
N HIS A 20 2.83 -20.28 -9.20
CA HIS A 20 3.96 -20.54 -10.16
C HIS A 20 5.27 -19.95 -9.62
N GLN A 21 5.19 -18.95 -8.79
CA GLN A 21 6.44 -18.34 -8.24
C GLN A 21 6.47 -18.43 -6.71
N SER A 22 6.24 -19.60 -6.17
CA SER A 22 6.26 -19.74 -4.68
C SER A 22 6.21 -21.22 -4.28
N THR A 23 6.82 -21.56 -3.17
CA THR A 23 6.80 -22.99 -2.69
C THR A 23 6.11 -23.05 -1.32
N PRO A 24 4.82 -23.28 -1.34
CA PRO A 24 4.06 -23.31 -0.05
C PRO A 24 4.47 -24.50 0.82
N ASP A 25 4.97 -25.56 0.24
CA ASP A 25 5.38 -26.75 1.05
C ASP A 25 6.57 -26.42 1.96
N GLU A 26 7.32 -25.39 1.65
CA GLU A 26 8.49 -25.03 2.52
C GLU A 26 8.18 -23.78 3.35
N GLY A 27 6.92 -23.50 3.59
CA GLY A 27 6.55 -22.28 4.38
C GLY A 27 6.94 -21.01 3.63
N ARG A 28 6.97 -21.09 2.31
CA ARG A 28 7.32 -19.89 1.50
C ARG A 28 6.19 -19.57 0.53
N TYR A 29 5.31 -18.68 0.91
CA TYR A 29 4.18 -18.29 0.01
C TYR A 29 4.46 -16.92 -0.59
N ALA A 30 4.20 -16.76 -1.87
CA ALA A 30 4.48 -15.44 -2.53
C ALA A 30 3.18 -14.77 -2.97
N PHE A 31 2.90 -13.59 -2.48
CA PHE A 31 1.67 -12.86 -2.89
C PHE A 31 2.06 -11.56 -3.60
N ALA A 32 1.47 -11.30 -4.75
CA ALA A 32 1.78 -10.03 -5.48
C ALA A 32 0.53 -9.14 -5.49
N TYR A 33 0.67 -7.89 -5.15
CA TYR A 33 -0.54 -7.00 -5.13
C TYR A 33 -0.32 -5.74 -5.97
N SER A 34 -1.36 -5.27 -6.62
CA SER A 34 -1.24 -4.04 -7.45
C SER A 34 -1.82 -2.86 -6.69
N ILE A 35 -1.18 -1.71 -6.78
CA ILE A 35 -1.68 -0.52 -6.04
C ILE A 35 -2.35 0.50 -6.97
N ARG A 36 -3.50 0.97 -6.58
CA ARG A 36 -4.24 1.97 -7.42
C ARG A 36 -4.53 3.22 -6.60
N ILE A 37 -3.71 4.22 -6.76
CA ILE A 37 -3.89 5.50 -5.99
C ILE A 37 -4.71 6.49 -6.81
N GLN A 38 -5.86 6.88 -6.31
CA GLN A 38 -6.72 7.87 -7.03
C GLN A 38 -6.85 9.13 -6.17
N ASN A 39 -6.68 10.28 -6.77
CA ASN A 39 -6.80 11.56 -6.00
C ASN A 39 -8.21 12.13 -6.11
N ALA A 40 -8.91 12.24 -5.02
CA ALA A 40 -10.29 12.82 -5.05
C ALA A 40 -10.35 14.13 -4.25
N GLY A 41 -9.22 14.71 -3.93
CA GLY A 41 -9.22 15.98 -3.16
C GLY A 41 -9.45 17.16 -4.12
N ALA A 42 -9.48 18.37 -3.59
CA ALA A 42 -9.69 19.55 -4.47
C ALA A 42 -8.35 20.14 -4.91
N VAL A 43 -7.37 20.05 -4.06
CA VAL A 43 -6.02 20.60 -4.39
C VAL A 43 -5.04 19.45 -4.69
N PRO A 44 -4.18 19.66 -5.66
CA PRO A 44 -3.20 18.58 -6.02
C PRO A 44 -2.42 18.11 -4.79
N ALA A 45 -2.07 16.84 -4.75
CA ALA A 45 -1.33 16.30 -3.59
C ALA A 45 -0.22 15.34 -4.03
N ARG A 46 0.83 15.25 -3.25
CA ARG A 46 1.97 14.35 -3.58
C ARG A 46 2.25 13.43 -2.39
N LEU A 47 2.78 12.26 -2.65
CA LEU A 47 3.08 11.31 -1.52
C LEU A 47 4.57 11.41 -1.15
N VAL A 48 4.85 11.79 0.08
CA VAL A 48 6.28 11.93 0.50
C VAL A 48 6.73 10.71 1.31
N ALA A 49 5.83 10.07 2.02
CA ALA A 49 6.26 8.88 2.84
C ALA A 49 5.22 7.76 2.82
N ARG A 50 5.63 6.59 3.26
CA ARG A 50 4.72 5.41 3.31
C ARG A 50 5.01 4.57 4.56
N HIS A 51 3.96 4.06 5.17
CA HIS A 51 4.12 3.22 6.40
C HIS A 51 3.09 2.10 6.39
N TRP A 52 3.54 0.87 6.30
CA TRP A 52 2.60 -0.30 6.27
C TRP A 52 2.52 -0.96 7.65
N GLN A 53 1.31 -1.22 8.11
CA GLN A 53 1.13 -1.89 9.43
C GLN A 53 0.49 -3.26 9.23
N ILE A 54 1.24 -4.23 8.79
CA ILE A 54 0.68 -5.60 8.54
C ILE A 54 0.67 -6.46 9.82
N THR A 55 -0.45 -7.06 10.11
CA THR A 55 -0.56 -7.95 11.31
C THR A 55 -0.92 -9.36 10.82
N ASP A 56 -0.20 -10.35 11.26
CA ASP A 56 -0.47 -11.74 10.80
C ASP A 56 -1.53 -12.42 11.67
N GLY A 57 -1.99 -13.57 11.25
CA GLY A 57 -3.04 -14.31 12.00
C GLY A 57 -2.56 -14.74 13.39
N ASN A 58 -1.30 -14.55 13.73
CA ASN A 58 -0.82 -14.95 15.09
C ASN A 58 -0.70 -13.71 16.00
N GLY A 59 -1.16 -12.56 15.54
CA GLY A 59 -1.09 -11.33 16.39
C GLY A 59 0.18 -10.54 16.08
N ARG A 60 1.26 -11.21 15.72
CA ARG A 60 2.52 -10.47 15.43
C ARG A 60 2.32 -9.53 14.23
N THR A 61 2.92 -8.38 14.27
CA THR A 61 2.76 -7.42 13.12
C THR A 61 4.10 -6.82 12.72
N GLU A 62 4.24 -6.43 11.48
CA GLU A 62 5.54 -5.85 11.02
C GLU A 62 5.32 -4.43 10.47
N GLN A 63 6.02 -3.47 11.02
CA GLN A 63 5.87 -2.06 10.56
C GLN A 63 7.07 -1.66 9.67
N VAL A 64 6.80 -1.03 8.55
CA VAL A 64 7.91 -0.61 7.65
C VAL A 64 7.78 0.87 7.30
N ASP A 65 8.86 1.61 7.42
CA ASP A 65 8.83 3.07 7.12
C ASP A 65 9.89 3.40 6.07
N GLY A 66 9.51 4.05 5.00
CA GLY A 66 10.49 4.41 3.95
C GLY A 66 10.05 5.71 3.27
N GLU A 67 11.00 6.51 2.82
CA GLU A 67 10.64 7.79 2.15
C GLU A 67 10.17 7.55 0.72
N GLY A 68 9.37 8.44 0.18
CA GLY A 68 8.88 8.28 -1.23
C GLY A 68 8.23 6.90 -1.43
N VAL A 69 7.85 6.61 -2.64
CA VAL A 69 7.22 5.30 -2.96
C VAL A 69 7.94 4.65 -4.14
N VAL A 70 8.35 3.41 -3.95
CA VAL A 70 9.11 2.64 -5.01
C VAL A 70 10.14 3.53 -5.74
N GLY A 71 10.78 4.41 -5.01
CA GLY A 71 11.84 5.28 -5.60
C GLY A 71 11.28 6.52 -6.32
N GLU A 72 10.04 6.88 -6.10
CA GLU A 72 9.49 8.08 -6.80
C GLU A 72 8.47 8.84 -5.93
N GLN A 73 8.37 10.12 -6.15
CA GLN A 73 7.42 10.97 -5.38
C GLN A 73 6.37 11.54 -6.35
N PRO A 74 5.45 10.69 -6.76
CA PRO A 74 4.42 11.15 -7.73
C PRO A 74 3.62 12.36 -7.20
N TRP A 75 3.36 13.30 -8.07
CA TRP A 75 2.58 14.51 -7.69
C TRP A 75 1.15 14.34 -8.20
N LEU A 76 0.37 13.53 -7.54
CA LEU A 76 -1.03 13.27 -8.00
C LEU A 76 -1.86 14.55 -8.04
N ARG A 77 -2.33 14.92 -9.20
CA ARG A 77 -3.18 16.14 -9.34
C ARG A 77 -4.64 15.74 -9.09
N PRO A 78 -5.47 16.70 -8.73
CA PRO A 78 -6.89 16.34 -8.48
C PRO A 78 -7.51 15.61 -9.67
N GLY A 79 -8.14 14.49 -9.42
CA GLY A 79 -8.79 13.70 -10.52
C GLY A 79 -7.80 12.69 -11.13
N GLU A 80 -6.51 12.87 -10.92
CA GLU A 80 -5.52 11.90 -11.50
C GLU A 80 -5.29 10.73 -10.54
N ALA A 81 -4.66 9.69 -11.01
CA ALA A 81 -4.39 8.50 -10.13
C ALA A 81 -3.05 7.86 -10.51
N PHE A 82 -2.36 7.30 -9.55
CA PHE A 82 -1.06 6.63 -9.84
C PHE A 82 -1.18 5.13 -9.53
N HIS A 83 -0.53 4.29 -10.29
CA HIS A 83 -0.63 2.82 -10.01
C HIS A 83 0.69 2.11 -10.30
N TYR A 84 1.05 1.16 -9.47
CA TYR A 84 2.33 0.40 -9.68
C TYR A 84 2.17 -1.02 -9.12
N THR A 85 2.99 -1.94 -9.56
CA THR A 85 2.87 -3.35 -9.06
C THR A 85 3.97 -3.65 -8.03
N SER A 86 3.63 -4.35 -6.97
CA SER A 86 4.65 -4.69 -5.94
C SER A 86 4.69 -6.21 -5.73
N GLY A 87 5.69 -6.70 -5.04
CA GLY A 87 5.77 -8.18 -4.81
C GLY A 87 6.35 -8.46 -3.41
N VAL A 88 5.58 -9.12 -2.57
CA VAL A 88 6.07 -9.44 -1.20
C VAL A 88 5.77 -10.91 -0.86
N LEU A 89 6.56 -11.51 0.00
CA LEU A 89 6.33 -12.94 0.36
C LEU A 89 5.79 -13.06 1.80
N LEU A 90 4.89 -13.99 2.03
CA LEU A 90 4.32 -14.15 3.39
C LEU A 90 4.51 -15.59 3.89
N GLU A 91 4.75 -15.78 5.17
CA GLU A 91 4.93 -17.17 5.69
C GLU A 91 3.58 -17.77 6.10
N THR A 92 2.59 -16.94 6.31
CA THR A 92 1.24 -17.45 6.71
C THR A 92 0.28 -17.41 5.52
N GLU A 93 -0.48 -18.46 5.31
CA GLU A 93 -1.44 -18.47 4.15
C GLU A 93 -2.68 -17.63 4.48
N GLN A 94 -2.78 -17.11 5.69
CA GLN A 94 -3.96 -16.25 6.05
C GLN A 94 -3.47 -15.06 6.86
N GLY A 95 -4.03 -13.88 6.66
CA GLY A 95 -3.53 -12.71 7.46
C GLY A 95 -4.27 -11.41 7.12
N GLN A 96 -4.09 -10.42 7.95
CA GLN A 96 -4.74 -9.09 7.74
C GLN A 96 -3.65 -8.02 7.56
N MET A 97 -3.75 -7.21 6.54
CA MET A 97 -2.71 -6.16 6.31
C MET A 97 -3.34 -4.77 6.17
N GLN A 98 -2.99 -3.86 7.04
CA GLN A 98 -3.54 -2.47 6.96
C GLN A 98 -2.37 -1.49 6.84
N GLY A 99 -2.57 -0.34 6.23
CA GLY A 99 -1.43 0.62 6.09
C GLY A 99 -1.93 2.03 5.83
N HIS A 100 -1.03 2.99 5.82
CA HIS A 100 -1.43 4.40 5.55
C HIS A 100 -0.42 5.06 4.60
N TYR A 101 -0.84 6.08 3.92
CA TYR A 101 0.08 6.78 2.96
C TYR A 101 0.31 8.22 3.41
N ASP A 102 1.54 8.65 3.55
CA ASP A 102 1.80 10.07 3.94
C ASP A 102 1.76 10.93 2.69
N MET A 103 0.85 11.87 2.66
CA MET A 103 0.70 12.77 1.47
C MET A 103 0.84 14.23 1.89
N VAL A 104 1.08 15.10 0.93
CA VAL A 104 1.24 16.54 1.25
C VAL A 104 0.59 17.41 0.17
N ALA A 105 -0.24 18.35 0.55
CA ALA A 105 -0.89 19.24 -0.45
C ALA A 105 0.12 20.24 -0.99
N ASP A 106 -0.21 20.92 -2.06
CA ASP A 106 0.76 21.90 -2.64
C ASP A 106 0.97 23.08 -1.68
N ASP A 107 -0.03 23.41 -0.91
CA ASP A 107 0.10 24.55 0.06
C ASP A 107 0.95 24.16 1.26
N GLY A 108 1.36 22.92 1.37
CA GLY A 108 2.19 22.50 2.53
C GLY A 108 1.33 21.77 3.57
N THR A 109 0.03 21.79 3.43
CA THR A 109 -0.84 21.08 4.44
C THR A 109 -0.46 19.61 4.52
N GLU A 110 -0.34 19.07 5.71
CA GLU A 110 0.04 17.64 5.84
C GLU A 110 -1.19 16.78 6.15
N PHE A 111 -1.27 15.61 5.55
CA PHE A 111 -2.42 14.70 5.79
C PHE A 111 -2.08 13.29 5.29
N ILE A 112 -2.53 12.29 6.00
CA ILE A 112 -2.23 10.88 5.61
C ILE A 112 -3.44 10.25 4.89
N ALA A 113 -3.21 9.23 4.12
CA ALA A 113 -4.33 8.54 3.40
C ALA A 113 -4.38 7.08 3.88
N PRO A 114 -5.23 6.82 4.85
CA PRO A 114 -5.33 5.43 5.37
C PRO A 114 -5.74 4.43 4.29
N ILE A 115 -5.23 3.23 4.41
CA ILE A 115 -5.56 2.15 3.44
C ILE A 115 -6.40 1.10 4.15
N ALA A 116 -7.60 0.86 3.66
CA ALA A 116 -8.51 -0.15 4.30
C ALA A 116 -7.79 -1.46 4.59
N ALA A 117 -8.40 -2.34 5.34
CA ALA A 117 -7.75 -3.63 5.68
C ALA A 117 -8.24 -4.74 4.74
N PHE A 118 -7.33 -5.37 4.04
CA PHE A 118 -7.71 -6.49 3.14
C PHE A 118 -7.14 -7.79 3.72
N VAL A 119 -7.69 -8.92 3.37
CA VAL A 119 -7.17 -10.20 3.92
C VAL A 119 -6.56 -11.06 2.82
N LEU A 120 -5.64 -11.91 3.17
CA LEU A 120 -5.00 -12.80 2.17
C LEU A 120 -5.39 -14.25 2.45
N SER A 121 -5.81 -14.97 1.45
CA SER A 121 -6.22 -16.39 1.65
C SER A 121 -6.07 -17.17 0.34
N ARG A 6 -10.98 19.96 1.18
CA ARG A 6 -10.34 19.75 -0.15
C ARG A 6 -9.24 18.67 -0.06
N TYR A 7 -9.30 17.84 0.96
CA TYR A 7 -8.27 16.77 1.11
C TYR A 7 -8.93 15.39 1.11
N ARG A 8 -8.93 14.73 -0.03
CA ARG A 8 -9.54 13.37 -0.13
C ARG A 8 -8.71 12.48 -1.05
N VAL A 9 -8.47 11.26 -0.64
CA VAL A 9 -7.65 10.32 -1.47
C VAL A 9 -8.08 8.88 -1.18
N GLU A 10 -8.58 8.21 -2.18
CA GLU A 10 -9.01 6.79 -2.03
C GLU A 10 -8.01 5.87 -2.73
N VAL A 11 -7.52 4.87 -2.03
CA VAL A 11 -6.53 3.94 -2.63
C VAL A 11 -7.08 2.50 -2.58
N GLU A 12 -6.93 1.76 -3.66
CA GLU A 12 -7.44 0.35 -3.67
C GLU A 12 -6.31 -0.60 -4.10
N VAL A 13 -6.19 -1.72 -3.44
CA VAL A 13 -5.12 -2.70 -3.78
C VAL A 13 -5.72 -4.09 -3.99
N SER A 14 -5.24 -4.80 -4.98
CA SER A 14 -5.77 -6.17 -5.27
C SER A 14 -4.64 -7.21 -5.23
N PRO A 15 -4.60 -7.99 -4.18
CA PRO A 15 -3.54 -9.03 -4.08
C PRO A 15 -3.96 -10.30 -4.83
N ARG A 16 -3.02 -11.17 -5.06
CA ARG A 16 -3.31 -12.45 -5.80
C ARG A 16 -2.24 -13.50 -5.48
N PHE A 17 -2.68 -14.69 -5.16
CA PHE A 17 -1.72 -15.78 -4.80
C PHE A 17 -0.76 -16.08 -5.96
N LEU A 18 0.50 -16.29 -5.65
CA LEU A 18 1.51 -16.59 -6.72
C LEU A 18 2.07 -18.01 -6.53
N ALA A 19 1.32 -18.99 -6.97
CA ALA A 19 1.74 -20.42 -6.89
C ALA A 19 2.86 -20.72 -7.89
N HIS A 20 2.83 -20.12 -9.05
CA HIS A 20 3.88 -20.42 -10.08
C HIS A 20 5.25 -19.88 -9.63
N GLN A 21 5.25 -18.86 -8.81
CA GLN A 21 6.55 -18.29 -8.33
C GLN A 21 6.67 -18.41 -6.81
N SER A 22 6.29 -19.54 -6.26
CA SER A 22 6.38 -19.71 -4.78
C SER A 22 6.32 -21.19 -4.40
N THR A 23 6.94 -21.55 -3.30
CA THR A 23 6.91 -22.97 -2.84
C THR A 23 6.29 -23.03 -1.43
N PRO A 24 5.00 -23.24 -1.37
CA PRO A 24 4.32 -23.27 -0.05
C PRO A 24 4.77 -24.47 0.81
N ASP A 25 5.26 -25.51 0.19
CA ASP A 25 5.69 -26.72 0.97
C ASP A 25 6.88 -26.38 1.88
N GLU A 26 7.63 -25.36 1.56
CA GLU A 26 8.81 -25.00 2.42
C GLU A 26 8.52 -23.72 3.24
N GLY A 27 7.26 -23.43 3.46
CA GLY A 27 6.90 -22.21 4.25
C GLY A 27 7.27 -20.95 3.45
N ARG A 28 7.25 -21.04 2.15
CA ARG A 28 7.60 -19.87 1.30
C ARG A 28 6.42 -19.51 0.39
N TYR A 29 5.58 -18.60 0.81
CA TYR A 29 4.41 -18.20 -0.03
C TYR A 29 4.68 -16.82 -0.64
N ALA A 30 4.43 -16.66 -1.92
CA ALA A 30 4.69 -15.34 -2.57
C ALA A 30 3.38 -14.67 -3.01
N PHE A 31 3.10 -13.51 -2.48
CA PHE A 31 1.86 -12.78 -2.88
C PHE A 31 2.22 -11.49 -3.60
N ALA A 32 1.59 -11.20 -4.72
CA ALA A 32 1.89 -9.95 -5.46
C ALA A 32 0.66 -9.04 -5.39
N TYR A 33 0.83 -7.79 -5.02
CA TYR A 33 -0.36 -6.89 -4.92
C TYR A 33 -0.14 -5.61 -5.76
N SER A 34 -1.20 -5.12 -6.36
CA SER A 34 -1.08 -3.87 -7.18
C SER A 34 -1.65 -2.69 -6.42
N ILE A 35 -0.98 -1.56 -6.46
CA ILE A 35 -1.46 -0.35 -5.73
C ILE A 35 -2.07 0.68 -6.68
N ARG A 36 -3.25 1.15 -6.35
CA ARG A 36 -3.94 2.16 -7.19
C ARG A 36 -4.24 3.42 -6.38
N ILE A 37 -3.41 4.42 -6.51
CA ILE A 37 -3.61 5.69 -5.74
C ILE A 37 -4.44 6.67 -6.56
N GLN A 38 -5.61 7.03 -6.07
CA GLN A 38 -6.47 8.02 -6.80
C GLN A 38 -6.67 9.26 -5.93
N ASN A 39 -6.51 10.41 -6.51
CA ASN A 39 -6.68 11.67 -5.73
C ASN A 39 -8.11 12.21 -5.87
N ALA A 40 -8.85 12.29 -4.80
CA ALA A 40 -10.24 12.82 -4.87
C ALA A 40 -10.35 14.14 -4.09
N GLY A 41 -9.25 14.75 -3.74
CA GLY A 41 -9.30 16.04 -2.99
C GLY A 41 -9.51 17.19 -3.96
N ALA A 42 -9.41 18.41 -3.50
CA ALA A 42 -9.61 19.57 -4.41
C ALA A 42 -8.26 20.17 -4.82
N VAL A 43 -7.29 20.06 -3.96
CA VAL A 43 -5.93 20.61 -4.27
C VAL A 43 -4.95 19.47 -4.59
N PRO A 44 -4.12 19.69 -5.58
CA PRO A 44 -3.14 18.62 -5.97
C PRO A 44 -2.31 18.15 -4.77
N ALA A 45 -1.99 16.88 -4.74
CA ALA A 45 -1.20 16.31 -3.61
C ALA A 45 -0.19 15.28 -4.10
N ARG A 46 0.89 15.13 -3.38
CA ARG A 46 1.94 14.15 -3.76
C ARG A 46 2.25 13.23 -2.58
N LEU A 47 2.74 12.05 -2.82
CA LEU A 47 3.05 11.13 -1.68
C LEU A 47 4.52 11.27 -1.29
N VAL A 48 4.77 11.68 -0.07
CA VAL A 48 6.19 11.85 0.38
C VAL A 48 6.64 10.66 1.23
N ALA A 49 5.73 10.00 1.90
CA ALA A 49 6.16 8.83 2.75
C ALA A 49 5.15 7.68 2.72
N ARG A 50 5.57 6.53 3.17
CA ARG A 50 4.68 5.33 3.19
C ARG A 50 4.93 4.52 4.47
N HIS A 51 3.88 4.01 5.06
CA HIS A 51 4.01 3.20 6.30
C HIS A 51 3.00 2.05 6.28
N TRP A 52 3.48 0.83 6.23
CA TRP A 52 2.57 -0.35 6.19
C TRP A 52 2.43 -0.99 7.58
N GLN A 53 1.21 -1.25 7.99
CA GLN A 53 0.98 -1.90 9.32
C GLN A 53 0.37 -3.29 9.09
N ILE A 54 1.18 -4.25 8.74
CA ILE A 54 0.66 -5.63 8.47
C ILE A 54 0.58 -6.47 9.75
N THR A 55 -0.56 -7.06 10.01
CA THR A 55 -0.71 -7.94 11.20
C THR A 55 -1.05 -9.35 10.72
N ASP A 56 -0.34 -10.34 11.21
CA ASP A 56 -0.58 -11.73 10.75
C ASP A 56 -1.65 -12.42 11.61
N GLY A 57 -2.08 -13.58 11.16
CA GLY A 57 -3.13 -14.36 11.89
C GLY A 57 -2.66 -14.77 13.31
N ASN A 58 -1.41 -14.56 13.65
CA ASN A 58 -0.96 -14.93 15.03
C ASN A 58 -0.88 -13.69 15.93
N GLY A 59 -1.33 -12.55 15.46
CA GLY A 59 -1.30 -11.31 16.29
C GLY A 59 -0.03 -10.51 16.01
N ARG A 60 1.05 -11.16 15.66
CA ARG A 60 2.32 -10.42 15.38
C ARG A 60 2.13 -9.48 14.19
N THR A 61 2.71 -8.30 14.23
CA THR A 61 2.56 -7.34 13.10
C THR A 61 3.92 -6.75 12.72
N GLU A 62 4.08 -6.37 11.48
CA GLU A 62 5.38 -5.78 11.04
C GLU A 62 5.17 -4.38 10.47
N GLN A 63 5.85 -3.40 11.02
CA GLN A 63 5.70 -1.99 10.53
C GLN A 63 6.92 -1.59 9.69
N VAL A 64 6.69 -0.95 8.57
CA VAL A 64 7.83 -0.53 7.70
C VAL A 64 7.69 0.95 7.34
N ASP A 65 8.75 1.69 7.48
CA ASP A 65 8.73 3.16 7.16
C ASP A 65 9.82 3.50 6.14
N GLY A 66 9.44 4.13 5.05
CA GLY A 66 10.45 4.50 4.01
C GLY A 66 10.01 5.80 3.32
N GLU A 67 10.95 6.60 2.89
CA GLU A 67 10.58 7.88 2.20
C GLU A 67 10.19 7.61 0.74
N GLY A 68 9.39 8.47 0.17
CA GLY A 68 8.96 8.29 -1.26
C GLY A 68 8.33 6.91 -1.47
N VAL A 69 7.94 6.61 -2.68
CA VAL A 69 7.31 5.29 -3.00
C VAL A 69 8.04 4.65 -4.19
N VAL A 70 8.47 3.43 -4.00
CA VAL A 70 9.22 2.66 -5.06
C VAL A 70 10.24 3.55 -5.80
N GLY A 71 10.87 4.45 -5.08
CA GLY A 71 11.92 5.33 -5.68
C GLY A 71 11.34 6.55 -6.40
N GLU A 72 10.10 6.90 -6.18
CA GLU A 72 9.53 8.10 -6.87
C GLU A 72 8.52 8.85 -6.00
N GLN A 73 8.44 10.14 -6.20
CA GLN A 73 7.48 10.98 -5.43
C GLN A 73 6.45 11.58 -6.40
N PRO A 74 5.54 10.74 -6.85
CA PRO A 74 4.53 11.23 -7.83
C PRO A 74 3.72 12.42 -7.30
N TRP A 75 3.45 13.36 -8.16
CA TRP A 75 2.65 14.57 -7.77
C TRP A 75 1.22 14.38 -8.28
N LEU A 76 0.44 13.57 -7.62
CA LEU A 76 -0.95 13.30 -8.06
C LEU A 76 -1.79 14.58 -8.11
N ARG A 77 -2.25 14.94 -9.28
CA ARG A 77 -3.11 16.16 -9.41
C ARG A 77 -4.57 15.74 -9.15
N PRO A 78 -5.39 16.70 -8.77
CA PRO A 78 -6.81 16.34 -8.50
C PRO A 78 -7.44 15.59 -9.69
N GLY A 79 -8.03 14.45 -9.42
CA GLY A 79 -8.67 13.65 -10.51
C GLY A 79 -7.66 12.66 -11.12
N GLU A 80 -6.38 12.85 -10.90
CA GLU A 80 -5.37 11.91 -11.48
C GLU A 80 -5.12 10.73 -10.53
N ALA A 81 -4.51 9.69 -11.02
CA ALA A 81 -4.24 8.49 -10.16
C ALA A 81 -2.90 7.85 -10.55
N PHE A 82 -2.24 7.22 -9.62
CA PHE A 82 -0.94 6.55 -9.93
C PHE A 82 -1.07 5.05 -9.66
N HIS A 83 -0.38 4.22 -10.42
CA HIS A 83 -0.49 2.74 -10.20
C HIS A 83 0.87 2.06 -10.40
N TYR A 84 1.20 1.13 -9.54
CA TYR A 84 2.49 0.39 -9.68
C TYR A 84 2.35 -1.02 -9.08
N THR A 85 3.21 -1.93 -9.45
CA THR A 85 3.11 -3.33 -8.93
C THR A 85 4.20 -3.59 -7.88
N SER A 86 3.84 -4.29 -6.81
CA SER A 86 4.84 -4.60 -5.74
C SER A 86 4.89 -6.11 -5.51
N GLY A 87 5.90 -6.60 -4.81
CA GLY A 87 5.98 -8.08 -4.55
C GLY A 87 6.49 -8.34 -3.14
N VAL A 88 5.70 -9.02 -2.34
CA VAL A 88 6.13 -9.33 -0.94
C VAL A 88 5.91 -10.83 -0.66
N LEU A 89 6.69 -11.39 0.24
CA LEU A 89 6.54 -12.84 0.57
C LEU A 89 5.93 -13.00 1.96
N LEU A 90 5.09 -13.99 2.13
CA LEU A 90 4.44 -14.20 3.47
C LEU A 90 4.69 -15.62 3.97
N GLU A 91 4.85 -15.80 5.26
CA GLU A 91 5.08 -17.18 5.80
C GLU A 91 3.73 -17.83 6.16
N THR A 92 2.72 -17.03 6.39
CA THR A 92 1.37 -17.58 6.74
C THR A 92 0.43 -17.55 5.53
N GLU A 93 -0.32 -18.60 5.30
CA GLU A 93 -1.26 -18.60 4.14
C GLU A 93 -2.51 -17.76 4.44
N GLN A 94 -2.62 -17.22 5.63
CA GLN A 94 -3.81 -16.38 5.98
C GLN A 94 -3.34 -15.15 6.77
N GLY A 95 -3.91 -13.99 6.54
CA GLY A 95 -3.44 -12.80 7.32
C GLY A 95 -4.18 -11.51 6.93
N GLN A 96 -3.99 -10.48 7.72
CA GLN A 96 -4.66 -9.17 7.46
C GLN A 96 -3.59 -8.09 7.23
N MET A 97 -3.71 -7.33 6.17
CA MET A 97 -2.68 -6.27 5.90
C MET A 97 -3.34 -4.89 5.74
N GLN A 98 -3.02 -3.97 6.62
CA GLN A 98 -3.59 -2.59 6.54
C GLN A 98 -2.44 -1.58 6.57
N GLY A 99 -2.58 -0.43 5.97
CA GLY A 99 -1.47 0.56 5.99
C GLY A 99 -1.96 1.96 5.67
N HIS A 100 -1.09 2.93 5.72
CA HIS A 100 -1.50 4.33 5.41
C HIS A 100 -0.45 5.01 4.52
N TYR A 101 -0.85 6.02 3.79
CA TYR A 101 0.10 6.73 2.89
C TYR A 101 0.24 8.19 3.33
N ASP A 102 1.45 8.67 3.53
CA ASP A 102 1.64 10.10 3.92
C ASP A 102 1.60 10.96 2.65
N MET A 103 0.68 11.87 2.60
CA MET A 103 0.54 12.76 1.42
C MET A 103 0.64 14.24 1.84
N VAL A 104 0.90 15.11 0.91
CA VAL A 104 1.01 16.56 1.26
C VAL A 104 0.44 17.43 0.13
N ALA A 105 -0.42 18.36 0.48
CA ALA A 105 -1.01 19.26 -0.56
C ALA A 105 0.04 20.26 -1.03
N ASP A 106 -0.23 20.96 -2.10
CA ASP A 106 0.76 21.97 -2.61
C ASP A 106 0.91 23.13 -1.63
N ASP A 107 -0.13 23.43 -0.89
CA ASP A 107 -0.06 24.57 0.07
C ASP A 107 0.74 24.20 1.33
N GLY A 108 1.18 22.97 1.44
CA GLY A 108 1.97 22.56 2.64
C GLY A 108 1.09 21.82 3.66
N THR A 109 -0.21 21.82 3.48
CA THR A 109 -1.10 21.11 4.45
C THR A 109 -0.71 19.62 4.54
N GLU A 110 -0.61 19.09 5.73
CA GLU A 110 -0.22 17.65 5.87
C GLU A 110 -1.45 16.78 6.14
N PHE A 111 -1.48 15.62 5.53
CA PHE A 111 -2.65 14.70 5.74
C PHE A 111 -2.27 13.29 5.24
N ILE A 112 -2.74 12.28 5.92
CA ILE A 112 -2.42 10.88 5.52
C ILE A 112 -3.59 10.24 4.75
N ALA A 113 -3.31 9.24 3.97
CA ALA A 113 -4.39 8.55 3.20
C ALA A 113 -4.43 7.07 3.63
N PRO A 114 -5.32 6.78 4.56
CA PRO A 114 -5.41 5.37 5.05
C PRO A 114 -5.73 4.38 3.92
N ILE A 115 -5.12 3.22 4.00
CA ILE A 115 -5.36 2.15 2.99
C ILE A 115 -6.20 1.05 3.63
N ALA A 116 -7.34 0.76 3.05
CA ALA A 116 -8.24 -0.30 3.62
C ALA A 116 -7.47 -1.59 3.93
N ALA A 117 -7.95 -2.36 4.87
CA ALA A 117 -7.26 -3.63 5.23
C ALA A 117 -7.94 -4.82 4.56
N PHE A 118 -7.25 -5.51 3.71
CA PHE A 118 -7.85 -6.70 3.04
C PHE A 118 -7.25 -7.97 3.64
N VAL A 119 -7.79 -9.12 3.35
CA VAL A 119 -7.25 -10.38 3.93
C VAL A 119 -6.60 -11.23 2.82
N LEU A 120 -5.67 -12.06 3.19
CA LEU A 120 -4.99 -12.94 2.19
C LEU A 120 -5.37 -14.38 2.46
N SER A 121 -5.75 -15.11 1.43
CA SER A 121 -6.14 -16.53 1.61
C SER A 121 -5.92 -17.31 0.31
#